data_6YA3
#
_entry.id   6YA3
#
_cell.length_a   78.784
_cell.length_b   304.919
_cell.length_c   128.688
_cell.angle_alpha   90.000
_cell.angle_beta   90.000
_cell.angle_gamma   90.000
#
_symmetry.space_group_name_H-M   'C 2 2 21'
#
loop_
_entity.id
_entity.type
_entity.pdbx_description
1 polymer Lipoprotein
2 non-polymer GUANOSINE
3 non-polymer 'NICKEL (II) ION'
4 water water
#
_entity_poly.entity_id   1
_entity_poly.type   'polypeptide(L)'
_entity_poly.pdbx_seq_one_letter_code
;SSHHHHHHMSGENLYFQGASAAIVTDTGGVDDKSFNQSAWEGLQAWGKEHNLSKDNGFTYFQSTSEADYANNLQQAAGSY
NLIFGVGFALNNAVKDAAKEHTDLNYVLIDDVIKDQKNVASVTFADNESGYLAGVAAAKTTKTKQVGFVGGIESEVISRF
EAGFKAGVASVDPSIKVQVDYAGSFGDAAKGKTIAAAQYAAGADIVYQVAGGTGAGVFAEAKSLNESRPENEKVWVIGVD
RDQEAEGKYTSKDGKESNFVLVSTLKQVGTTVKDISNKAERGEFPGGQVIVYSLKDKGVDLAVTNLSEEGKKAVEDAKAK
ILDGSVKVPEK
;
_entity_poly.pdbx_strand_id   C,A,B,D
#
# COMPACT_ATOMS: atom_id res chain seq x y z
N SER A 1 35.81 10.77 -11.46
CA SER A 1 36.71 11.76 -12.14
C SER A 1 37.96 11.09 -12.72
N SER A 2 38.62 10.22 -11.94
CA SER A 2 39.72 9.31 -12.36
C SER A 2 39.62 7.97 -11.62
N HIS A 3 40.16 6.91 -12.21
CA HIS A 3 40.08 5.50 -11.72
C HIS A 3 41.44 4.80 -11.93
N HIS A 4 42.47 5.31 -11.26
CA HIS A 4 43.88 4.94 -11.52
C HIS A 4 44.18 3.49 -11.08
N HIS A 5 43.70 3.10 -9.88
CA HIS A 5 43.75 1.69 -9.41
C HIS A 5 42.52 0.97 -9.96
N HIS A 6 42.78 0.09 -10.93
CA HIS A 6 41.73 -0.69 -11.62
C HIS A 6 42.28 -2.06 -11.99
N HIS A 7 41.40 -3.05 -12.15
CA HIS A 7 41.68 -4.41 -12.66
C HIS A 7 40.71 -4.70 -13.80
N HIS A 8 41.17 -5.34 -14.89
CA HIS A 8 40.30 -5.81 -15.99
C HIS A 8 39.44 -6.97 -15.48
N MET A 9 38.14 -6.96 -15.81
CA MET A 9 37.16 -7.98 -15.39
C MET A 9 36.50 -8.53 -16.65
N SER A 10 36.40 -9.85 -16.78
CA SER A 10 35.65 -10.50 -17.88
C SER A 10 34.15 -10.25 -17.64
N GLY A 11 33.41 -9.88 -18.70
CA GLY A 11 31.93 -9.91 -18.75
C GLY A 11 31.33 -11.22 -18.27
N GLU A 12 32.05 -12.33 -18.44
CA GLU A 12 31.61 -13.68 -17.99
C GLU A 12 31.52 -13.74 -16.46
N ASN A 13 32.26 -12.89 -15.75
CA ASN A 13 32.31 -12.95 -14.26
C ASN A 13 31.41 -11.88 -13.64
N LEU A 14 31.02 -10.85 -14.40
CA LEU A 14 30.04 -9.83 -13.94
C LEU A 14 28.62 -10.32 -14.26
N TYR A 15 27.70 -10.36 -13.27
CA TYR A 15 26.31 -10.76 -13.50
C TYR A 15 25.35 -9.88 -12.69
N PHE A 16 24.15 -9.65 -13.23
CA PHE A 16 23.03 -8.94 -12.58
C PHE A 16 22.05 -9.99 -12.04
N GLN A 17 21.79 -9.95 -10.73
CA GLN A 17 20.85 -10.88 -10.06
C GLN A 17 19.44 -10.45 -10.47
N GLY A 18 18.66 -11.38 -11.02
CA GLY A 18 17.25 -11.14 -11.35
C GLY A 18 16.36 -11.37 -10.14
N ALA A 19 15.13 -10.87 -10.23
CA ALA A 19 14.01 -11.06 -9.29
C ALA A 19 12.96 -11.97 -9.94
N SER A 20 12.04 -12.47 -9.14
CA SER A 20 10.84 -13.18 -9.59
C SER A 20 9.62 -12.42 -9.07
N ALA A 21 8.74 -12.01 -9.98
CA ALA A 21 7.57 -11.14 -9.66
C ALA A 21 6.30 -11.92 -9.96
N ALA A 22 5.35 -11.89 -9.01
CA ALA A 22 4.02 -12.49 -9.15
C ALA A 22 2.95 -11.44 -8.83
N ILE A 23 1.79 -11.59 -9.47
CA ILE A 23 0.59 -10.80 -9.10
C ILE A 23 -0.39 -11.76 -8.44
N VAL A 24 -0.98 -11.32 -7.33
CA VAL A 24 -2.15 -12.02 -6.71
C VAL A 24 -3.39 -11.21 -7.06
N THR A 25 -4.31 -11.87 -7.73
CA THR A 25 -5.42 -11.28 -8.49
C THR A 25 -6.70 -11.52 -7.68
N ASP A 26 -7.69 -10.67 -7.86
CA ASP A 26 -9.01 -10.77 -7.18
C ASP A 26 -9.94 -11.68 -8.00
N THR A 27 -11.23 -11.66 -7.71
CA THR A 27 -12.22 -12.58 -8.34
C THR A 27 -12.35 -12.27 -9.84
N GLY A 28 -12.28 -11.00 -10.25
CA GLY A 28 -12.34 -10.53 -11.66
C GLY A 28 -11.60 -11.42 -12.66
N GLY A 29 -10.38 -11.84 -12.30
CA GLY A 29 -9.51 -12.73 -13.11
C GLY A 29 -8.65 -11.96 -14.11
N VAL A 30 -7.55 -12.54 -14.56
CA VAL A 30 -6.61 -11.91 -15.54
C VAL A 30 -7.21 -11.85 -16.95
N ASP A 31 -8.44 -12.30 -17.15
CA ASP A 31 -9.16 -12.27 -18.45
C ASP A 31 -10.33 -11.29 -18.37
N ASP A 32 -10.30 -10.30 -17.46
CA ASP A 32 -11.40 -9.33 -17.19
C ASP A 32 -11.42 -8.22 -18.26
N LYS A 33 -10.49 -8.26 -19.23
CA LYS A 33 -10.35 -7.27 -20.34
C LYS A 33 -10.09 -5.88 -19.78
N SER A 34 -9.81 -5.78 -18.48
CA SER A 34 -9.63 -4.46 -17.88
C SER A 34 -8.49 -4.44 -16.88
N PHE A 35 -8.83 -4.20 -15.61
CA PHE A 35 -7.94 -4.01 -14.44
C PHE A 35 -6.89 -5.11 -14.24
N ASN A 36 -7.34 -6.32 -13.96
CA ASN A 36 -6.43 -7.47 -13.68
C ASN A 36 -5.69 -7.84 -14.97
N GLN A 37 -6.37 -7.82 -16.11
CA GLN A 37 -5.73 -8.13 -17.42
C GLN A 37 -4.62 -7.11 -17.67
N SER A 38 -4.83 -5.82 -17.41
CA SER A 38 -3.79 -4.77 -17.59
C SER A 38 -2.54 -5.14 -16.75
N ALA A 39 -2.74 -5.45 -15.46
CA ALA A 39 -1.67 -5.90 -14.54
C ALA A 39 -0.93 -7.10 -15.14
N TRP A 40 -1.66 -8.10 -15.60
CA TRP A 40 -1.11 -9.38 -16.12
C TRP A 40 -0.36 -9.13 -17.43
N GLU A 41 -0.85 -8.25 -18.31
CA GLU A 41 -0.16 -7.86 -19.58
C GLU A 41 1.15 -7.19 -19.22
N GLY A 42 1.14 -6.34 -18.19
CA GLY A 42 2.35 -5.64 -17.70
C GLY A 42 3.39 -6.66 -17.20
N LEU A 43 2.94 -7.63 -16.42
CA LEU A 43 3.86 -8.64 -15.84
C LEU A 43 4.40 -9.54 -16.96
N GLN A 44 3.58 -9.93 -17.93
CA GLN A 44 3.99 -10.74 -19.10
C GLN A 44 5.04 -9.97 -19.91
N ALA A 45 4.84 -8.65 -20.09
CA ALA A 45 5.80 -7.83 -20.85
C ALA A 45 7.12 -7.84 -20.10
N TRP A 46 7.07 -7.69 -18.77
CA TRP A 46 8.27 -7.67 -17.92
C TRP A 46 8.99 -9.01 -18.02
N GLY A 47 8.23 -10.13 -17.94
CA GLY A 47 8.72 -11.52 -18.09
C GLY A 47 9.50 -11.68 -19.39
N LYS A 48 8.92 -11.19 -20.49
CA LYS A 48 9.48 -11.29 -21.87
C LYS A 48 10.80 -10.50 -21.91
N GLU A 49 10.84 -9.31 -21.34
CA GLU A 49 12.05 -8.44 -21.30
C GLU A 49 13.19 -9.17 -20.56
N HIS A 50 12.87 -10.01 -19.57
CA HIS A 50 13.87 -10.69 -18.70
C HIS A 50 14.01 -12.18 -19.07
N ASN A 51 13.50 -12.61 -20.21
CA ASN A 51 13.71 -13.97 -20.76
C ASN A 51 13.07 -15.05 -19.87
N LEU A 52 11.93 -14.73 -19.25
CA LEU A 52 11.24 -15.65 -18.31
C LEU A 52 9.99 -16.23 -18.99
N SER A 53 9.32 -17.17 -18.35
CA SER A 53 8.03 -17.73 -18.82
C SER A 53 7.13 -18.01 -17.62
N LYS A 54 5.84 -18.18 -17.85
CA LYS A 54 4.85 -18.37 -16.77
C LYS A 54 5.29 -19.55 -15.88
N ASP A 55 5.33 -19.32 -14.56
CA ASP A 55 5.70 -20.27 -13.49
C ASP A 55 7.20 -20.58 -13.56
N ASN A 56 7.96 -19.81 -14.34
CA ASN A 56 9.44 -19.85 -14.38
C ASN A 56 9.95 -18.40 -14.38
N GLY A 57 9.64 -17.65 -13.32
CA GLY A 57 10.15 -16.26 -13.13
C GLY A 57 9.04 -15.24 -12.96
N PHE A 58 7.83 -15.60 -13.36
CA PHE A 58 6.62 -14.78 -13.20
C PHE A 58 5.40 -15.69 -13.27
N THR A 59 4.32 -15.30 -12.59
CA THR A 59 3.05 -16.03 -12.60
C THR A 59 1.94 -15.14 -12.01
N TYR A 60 0.73 -15.66 -12.02
CA TYR A 60 -0.39 -14.98 -11.35
C TYR A 60 -1.10 -16.04 -10.51
N PHE A 61 -1.56 -15.63 -9.34
CA PHE A 61 -2.41 -16.47 -8.46
C PHE A 61 -3.81 -15.86 -8.50
N GLN A 62 -4.76 -16.59 -9.07
CA GLN A 62 -6.18 -16.19 -9.12
C GLN A 62 -6.78 -16.52 -7.75
N SER A 63 -7.42 -15.54 -7.11
CA SER A 63 -8.09 -15.73 -5.81
C SER A 63 -9.52 -16.19 -6.05
N THR A 64 -9.88 -17.32 -5.44
CA THR A 64 -11.22 -17.97 -5.52
C THR A 64 -12.19 -17.18 -4.63
N SER A 65 -11.68 -16.57 -3.54
CA SER A 65 -12.43 -15.86 -2.47
C SER A 65 -11.44 -15.06 -1.61
N GLU A 66 -11.94 -14.27 -0.66
CA GLU A 66 -11.10 -13.46 0.26
C GLU A 66 -10.22 -14.39 1.11
N ALA A 67 -10.72 -15.57 1.50
CA ALA A 67 -9.96 -16.54 2.32
C ALA A 67 -8.73 -17.06 1.52
N ASP A 68 -8.78 -16.98 0.19
CA ASP A 68 -7.70 -17.48 -0.71
C ASP A 68 -6.57 -16.45 -0.84
N TYR A 69 -6.78 -15.19 -0.43
CA TYR A 69 -5.75 -14.12 -0.54
C TYR A 69 -4.50 -14.54 0.22
N ALA A 70 -4.64 -14.86 1.52
CA ALA A 70 -3.50 -15.20 2.40
C ALA A 70 -2.82 -16.47 1.89
N ASN A 71 -3.61 -17.46 1.46
CA ASN A 71 -3.09 -18.74 0.93
C ASN A 71 -2.21 -18.44 -0.29
N ASN A 72 -2.72 -17.63 -1.22
CA ASN A 72 -2.02 -17.25 -2.48
C ASN A 72 -0.76 -16.44 -2.17
N LEU A 73 -0.81 -15.50 -1.22
CA LEU A 73 0.38 -14.66 -0.89
C LEU A 73 1.46 -15.54 -0.28
N GLN A 74 1.07 -16.49 0.57
CA GLN A 74 2.02 -17.42 1.24
C GLN A 74 2.62 -18.35 0.18
N GLN A 75 1.82 -18.83 -0.77
CA GLN A 75 2.31 -19.68 -1.89
C GLN A 75 3.33 -18.87 -2.71
N ALA A 76 3.01 -17.62 -3.05
CA ALA A 76 3.88 -16.70 -3.82
C ALA A 76 5.22 -16.51 -3.11
N ALA A 77 5.26 -16.44 -1.78
CA ALA A 77 6.48 -16.16 -0.98
C ALA A 77 7.47 -17.32 -1.07
N GLY A 78 7.01 -18.50 -1.48
CA GLY A 78 7.88 -19.66 -1.77
C GLY A 78 8.90 -19.37 -2.86
N SER A 79 8.50 -18.69 -3.94
CA SER A 79 9.30 -18.58 -5.20
C SER A 79 9.52 -17.13 -5.64
N TYR A 80 8.75 -16.15 -5.16
CA TYR A 80 8.75 -14.76 -5.70
C TYR A 80 9.20 -13.77 -4.62
N ASN A 81 10.00 -12.78 -4.98
CA ASN A 81 10.54 -11.79 -4.01
C ASN A 81 9.97 -10.40 -4.31
N LEU A 82 9.06 -10.32 -5.29
CA LEU A 82 8.23 -9.11 -5.51
C LEU A 82 6.80 -9.59 -5.73
N ILE A 83 5.88 -9.18 -4.86
CA ILE A 83 4.49 -9.68 -4.90
C ILE A 83 3.53 -8.49 -4.93
N PHE A 84 2.71 -8.44 -5.97
CA PHE A 84 1.68 -7.40 -6.18
C PHE A 84 0.34 -7.95 -5.70
N GLY A 85 -0.28 -7.26 -4.75
CA GLY A 85 -1.71 -7.41 -4.50
C GLY A 85 -2.49 -6.47 -5.41
N VAL A 86 -3.26 -7.03 -6.33
CA VAL A 86 -4.00 -6.23 -7.34
C VAL A 86 -5.43 -6.01 -6.85
N GLY A 87 -5.71 -4.82 -6.32
CA GLY A 87 -7.07 -4.45 -5.90
C GLY A 87 -7.10 -4.04 -4.43
N PHE A 88 -7.98 -3.11 -4.06
CA PHE A 88 -8.09 -2.58 -2.68
C PHE A 88 -8.41 -3.70 -1.67
N ALA A 89 -9.10 -4.77 -2.10
CA ALA A 89 -9.58 -5.87 -1.23
C ALA A 89 -8.40 -6.64 -0.62
N LEU A 90 -7.22 -6.59 -1.24
CA LEU A 90 -6.03 -7.34 -0.76
C LEU A 90 -5.29 -6.57 0.35
N ASN A 91 -5.78 -5.39 0.76
CA ASN A 91 -5.09 -4.50 1.73
C ASN A 91 -4.60 -5.30 2.96
N ASN A 92 -5.51 -5.92 3.71
CA ASN A 92 -5.20 -6.56 5.03
C ASN A 92 -4.26 -7.77 4.83
N ALA A 93 -4.56 -8.62 3.84
CA ALA A 93 -3.76 -9.82 3.53
C ALA A 93 -2.33 -9.42 3.14
N VAL A 94 -2.14 -8.33 2.42
CA VAL A 94 -0.77 -7.85 2.02
C VAL A 94 -0.06 -7.30 3.27
N LYS A 95 -0.76 -6.58 4.14
CA LYS A 95 -0.17 -6.06 5.40
C LYS A 95 0.39 -7.23 6.22
N ASP A 96 -0.38 -8.32 6.37
CA ASP A 96 0.00 -9.50 7.19
C ASP A 96 1.23 -10.19 6.56
N ALA A 97 1.19 -10.43 5.25
CA ALA A 97 2.27 -11.14 4.52
C ALA A 97 3.56 -10.32 4.60
N ALA A 98 3.49 -9.01 4.50
CA ALA A 98 4.68 -8.12 4.53
C ALA A 98 5.35 -8.17 5.90
N LYS A 99 4.58 -8.33 6.98
CA LYS A 99 5.11 -8.45 8.36
C LYS A 99 5.76 -9.82 8.58
N GLU A 100 5.25 -10.89 7.96
CA GLU A 100 5.82 -12.27 8.08
C GLU A 100 7.13 -12.36 7.27
N HIS A 101 7.19 -11.74 6.09
CA HIS A 101 8.34 -11.82 5.16
C HIS A 101 8.92 -10.42 4.92
N THR A 102 9.69 -9.91 5.89
CA THR A 102 10.32 -8.56 5.86
C THR A 102 11.41 -8.54 4.78
N ASP A 103 11.87 -9.71 4.34
CA ASP A 103 12.96 -9.87 3.34
C ASP A 103 12.39 -9.77 1.91
N LEU A 104 11.08 -9.89 1.74
CA LEU A 104 10.40 -9.80 0.41
C LEU A 104 9.75 -8.42 0.28
N ASN A 105 9.47 -8.02 -0.96
CA ASN A 105 8.88 -6.69 -1.30
C ASN A 105 7.46 -6.89 -1.84
N TYR A 106 6.53 -6.04 -1.39
CA TYR A 106 5.09 -6.15 -1.71
C TYR A 106 4.60 -4.82 -2.27
N VAL A 107 3.66 -4.89 -3.19
CA VAL A 107 3.01 -3.67 -3.77
C VAL A 107 1.52 -3.86 -3.69
N LEU A 108 0.81 -2.88 -3.15
CA LEU A 108 -0.67 -2.85 -3.17
C LEU A 108 -1.12 -1.87 -4.26
N ILE A 109 -1.91 -2.36 -5.20
CA ILE A 109 -2.46 -1.49 -6.27
C ILE A 109 -3.89 -1.15 -5.88
N ASP A 110 -4.24 0.13 -5.97
CA ASP A 110 -5.56 0.77 -5.73
C ASP A 110 -5.86 1.06 -4.25
N ASP A 111 -4.88 0.95 -3.36
CA ASP A 111 -5.11 1.28 -1.92
C ASP A 111 -3.77 1.64 -1.27
N VAL A 112 -3.80 2.20 -0.08
CA VAL A 112 -2.59 2.63 0.67
C VAL A 112 -2.38 1.75 1.90
N ILE A 113 -1.15 1.28 2.11
CA ILE A 113 -0.66 0.71 3.39
C ILE A 113 0.42 1.66 3.94
N LYS A 114 0.30 2.07 5.20
CA LYS A 114 1.25 3.01 5.85
C LYS A 114 2.20 2.24 6.76
N ASP A 115 3.41 2.78 6.96
CA ASP A 115 4.35 2.39 8.05
C ASP A 115 4.86 0.96 7.84
N GLN A 116 5.11 0.56 6.59
CA GLN A 116 5.65 -0.78 6.25
C GLN A 116 6.71 -0.58 5.17
N LYS A 117 7.98 -0.77 5.55
CA LYS A 117 9.19 -0.43 4.76
C LYS A 117 9.26 -1.29 3.49
N ASN A 118 8.66 -2.49 3.52
CA ASN A 118 8.73 -3.45 2.39
C ASN A 118 7.41 -3.43 1.59
N VAL A 119 6.58 -2.39 1.76
CA VAL A 119 5.30 -2.24 1.00
C VAL A 119 5.25 -0.88 0.29
N ALA A 120 5.06 -0.90 -1.02
CA ALA A 120 4.75 0.29 -1.84
C ALA A 120 3.26 0.29 -2.14
N SER A 121 2.64 1.46 -2.23
CA SER A 121 1.20 1.65 -2.51
C SER A 121 1.08 2.45 -3.80
N VAL A 122 0.13 2.09 -4.65
CA VAL A 122 -0.11 2.77 -5.96
C VAL A 122 -1.58 3.17 -6.01
N THR A 123 -1.86 4.41 -6.36
CA THR A 123 -3.23 4.93 -6.55
C THR A 123 -3.31 5.67 -7.88
N PHE A 124 -4.49 5.73 -8.46
CA PHE A 124 -4.78 6.45 -9.72
C PHE A 124 -5.86 7.48 -9.45
N ALA A 125 -5.73 8.67 -10.03
CA ALA A 125 -6.76 9.74 -10.04
C ALA A 125 -7.85 9.36 -11.06
N ASP A 126 -8.61 8.32 -10.78
CA ASP A 126 -9.67 7.79 -11.68
C ASP A 126 -10.84 8.79 -11.74
N ASN A 127 -10.96 9.67 -10.74
CA ASN A 127 -11.90 10.82 -10.79
C ASN A 127 -11.59 11.66 -12.04
N GLU A 128 -10.30 11.90 -12.36
CA GLU A 128 -9.89 12.79 -13.48
C GLU A 128 -10.28 12.12 -14.81
N SER A 129 -10.01 10.84 -14.98
CA SER A 129 -10.43 10.11 -16.21
C SER A 129 -11.96 10.01 -16.26
N GLY A 130 -12.60 9.75 -15.12
CA GLY A 130 -14.08 9.70 -15.02
C GLY A 130 -14.71 10.99 -15.50
N TYR A 131 -14.19 12.14 -15.05
CA TYR A 131 -14.62 13.49 -15.50
C TYR A 131 -14.61 13.54 -17.02
N LEU A 132 -13.51 13.15 -17.64
CA LEU A 132 -13.39 13.21 -19.12
C LEU A 132 -14.46 12.31 -19.73
N ALA A 133 -14.72 11.13 -19.15
CA ALA A 133 -15.75 10.20 -19.66
C ALA A 133 -17.14 10.85 -19.54
N GLY A 134 -17.36 11.58 -18.45
CA GLY A 134 -18.62 12.33 -18.23
C GLY A 134 -18.84 13.40 -19.29
N VAL A 135 -17.81 14.20 -19.60
CA VAL A 135 -17.88 15.25 -20.65
C VAL A 135 -18.21 14.57 -21.97
N ALA A 136 -17.57 13.43 -22.25
CA ALA A 136 -17.83 12.67 -23.49
C ALA A 136 -19.30 12.25 -23.53
N ALA A 137 -19.81 11.68 -22.43
CA ALA A 137 -21.18 11.11 -22.34
C ALA A 137 -22.20 12.23 -22.52
N ALA A 138 -21.98 13.38 -21.86
CA ALA A 138 -22.87 14.56 -21.88
C ALA A 138 -22.95 15.15 -23.28
N LYS A 139 -21.91 15.00 -24.10
CA LYS A 139 -21.85 15.59 -25.46
C LYS A 139 -22.45 14.62 -26.47
N THR A 140 -22.86 13.40 -26.08
CA THR A 140 -23.40 12.43 -27.07
C THR A 140 -24.79 11.89 -26.66
N THR A 141 -25.24 11.97 -25.39
CA THR A 141 -26.62 11.55 -25.00
C THR A 141 -27.66 12.26 -25.87
N LYS A 142 -28.61 11.51 -26.42
CA LYS A 142 -29.83 12.04 -27.07
C LYS A 142 -30.98 12.02 -26.04
N THR A 143 -31.07 10.97 -25.20
CA THR A 143 -32.13 10.79 -24.17
C THR A 143 -31.87 11.65 -22.92
N LYS A 144 -30.71 12.30 -22.83
CA LYS A 144 -30.25 13.11 -21.66
C LYS A 144 -30.31 12.26 -20.38
N GLN A 145 -30.07 10.94 -20.48
CA GLN A 145 -29.97 10.02 -19.33
C GLN A 145 -28.83 9.02 -19.57
N VAL A 146 -27.93 8.89 -18.59
CA VAL A 146 -26.76 7.98 -18.66
C VAL A 146 -26.71 7.08 -17.44
N GLY A 147 -26.07 5.92 -17.59
CA GLY A 147 -25.91 4.90 -16.55
C GLY A 147 -24.47 4.77 -16.08
N PHE A 148 -24.32 4.44 -14.80
CA PHE A 148 -23.05 4.07 -14.13
C PHE A 148 -23.25 2.74 -13.42
N VAL A 149 -22.49 1.71 -13.79
CA VAL A 149 -22.50 0.38 -13.12
C VAL A 149 -21.18 0.16 -12.38
N GLY A 150 -21.23 0.25 -11.06
CA GLY A 150 -20.05 0.05 -10.21
C GLY A 150 -19.92 -1.39 -9.80
N GLY A 151 -18.75 -1.81 -9.36
CA GLY A 151 -18.62 -3.21 -8.89
C GLY A 151 -18.93 -3.29 -7.41
N ILE A 152 -18.00 -2.86 -6.58
CA ILE A 152 -18.17 -2.88 -5.10
C ILE A 152 -18.05 -1.45 -4.58
N GLU A 153 -19.03 -1.02 -3.81
CA GLU A 153 -19.05 0.31 -3.16
C GLU A 153 -17.76 0.44 -2.36
N SER A 154 -17.01 1.52 -2.60
CA SER A 154 -15.62 1.70 -2.13
C SER A 154 -15.16 3.13 -2.41
N GLU A 155 -14.12 3.57 -1.72
CA GLU A 155 -13.44 4.86 -1.95
C GLU A 155 -12.97 4.89 -3.42
N VAL A 156 -12.47 3.77 -3.92
CA VAL A 156 -11.90 3.65 -5.29
C VAL A 156 -12.99 3.92 -6.32
N ILE A 157 -14.11 3.20 -6.24
CA ILE A 157 -15.18 3.32 -7.26
C ILE A 157 -15.93 4.64 -7.08
N SER A 158 -16.06 5.14 -5.85
CA SER A 158 -16.66 6.47 -5.56
C SER A 158 -15.82 7.58 -6.23
N ARG A 159 -14.53 7.33 -6.40
CA ARG A 159 -13.64 8.30 -7.11
C ARG A 159 -14.11 8.41 -8.57
N PHE A 160 -14.34 7.27 -9.24
CA PHE A 160 -14.81 7.22 -10.65
C PHE A 160 -16.18 7.90 -10.74
N GLU A 161 -17.09 7.54 -9.83
CA GLU A 161 -18.51 7.98 -9.82
C GLU A 161 -18.58 9.51 -9.68
N ALA A 162 -17.89 10.06 -8.70
CA ALA A 162 -17.88 11.50 -8.38
C ALA A 162 -17.33 12.27 -9.57
N GLY A 163 -16.21 11.81 -10.15
CA GLY A 163 -15.60 12.43 -11.33
C GLY A 163 -16.53 12.39 -12.53
N PHE A 164 -17.20 11.25 -12.74
CA PHE A 164 -18.13 11.04 -13.88
C PHE A 164 -19.31 12.00 -13.76
N LYS A 165 -19.94 12.04 -12.59
CA LYS A 165 -21.10 12.94 -12.29
C LYS A 165 -20.67 14.39 -12.51
N ALA A 166 -19.51 14.79 -12.02
CA ALA A 166 -19.00 16.19 -12.10
C ALA A 166 -18.79 16.56 -13.58
N GLY A 167 -18.32 15.62 -14.39
CA GLY A 167 -17.99 15.85 -15.80
C GLY A 167 -19.23 15.98 -16.63
N VAL A 168 -20.23 15.16 -16.34
CA VAL A 168 -21.58 15.25 -16.99
C VAL A 168 -22.19 16.62 -16.67
N ALA A 169 -22.14 17.05 -15.41
CA ALA A 169 -22.76 18.31 -14.90
C ALA A 169 -22.08 19.53 -15.51
N SER A 170 -20.79 19.45 -15.83
CA SER A 170 -19.96 20.58 -16.34
C SER A 170 -20.42 21.03 -17.74
N VAL A 171 -21.11 20.12 -18.44
CA VAL A 171 -21.65 20.29 -19.81
C VAL A 171 -23.16 20.59 -19.74
N ASP A 172 -23.93 19.81 -18.97
CA ASP A 172 -25.41 19.88 -18.89
C ASP A 172 -25.91 19.25 -17.59
N PRO A 173 -26.19 20.06 -16.53
CA PRO A 173 -26.70 19.53 -15.27
C PRO A 173 -28.10 18.90 -15.36
N SER A 174 -28.85 19.16 -16.42
CA SER A 174 -30.18 18.53 -16.72
C SER A 174 -30.06 17.01 -16.82
N ILE A 175 -28.89 16.50 -17.24
CA ILE A 175 -28.69 15.06 -17.54
C ILE A 175 -28.75 14.27 -16.22
N LYS A 176 -29.51 13.17 -16.23
CA LYS A 176 -29.72 12.26 -15.08
C LYS A 176 -28.71 11.11 -15.18
N VAL A 177 -27.97 10.87 -14.11
CA VAL A 177 -27.02 9.72 -13.98
C VAL A 177 -27.63 8.68 -13.04
N GLN A 178 -28.09 7.55 -13.59
CA GLN A 178 -28.55 6.38 -12.81
CA GLN A 178 -28.55 6.38 -12.81
C GLN A 178 -27.32 5.59 -12.36
N VAL A 179 -27.17 5.38 -11.06
CA VAL A 179 -26.04 4.66 -10.42
C VAL A 179 -26.57 3.36 -9.82
N ASP A 180 -25.89 2.25 -10.07
CA ASP A 180 -26.21 0.91 -9.53
C ASP A 180 -24.91 0.14 -9.35
N TYR A 181 -24.76 -0.53 -8.21
CA TYR A 181 -23.58 -1.36 -7.87
C TYR A 181 -23.97 -2.83 -7.93
N ALA A 182 -23.07 -3.67 -8.45
CA ALA A 182 -23.26 -5.11 -8.67
C ALA A 182 -22.91 -5.89 -7.39
N GLY A 183 -22.07 -5.35 -6.53
CA GLY A 183 -21.54 -6.04 -5.34
C GLY A 183 -20.39 -6.97 -5.66
N SER A 184 -19.84 -6.94 -6.89
CA SER A 184 -18.73 -7.83 -7.33
C SER A 184 -18.00 -7.30 -8.56
N PHE A 185 -16.72 -7.63 -8.68
CA PHE A 185 -15.90 -7.39 -9.90
C PHE A 185 -15.83 -8.64 -10.77
N GLY A 186 -16.44 -9.76 -10.37
CA GLY A 186 -16.41 -11.02 -11.16
C GLY A 186 -17.79 -11.62 -11.38
N ASP A 187 -18.78 -10.81 -11.76
CA ASP A 187 -20.22 -11.22 -11.86
C ASP A 187 -20.87 -10.63 -13.11
N ALA A 188 -20.56 -11.21 -14.29
CA ALA A 188 -21.07 -10.76 -15.60
C ALA A 188 -22.60 -10.76 -15.64
N ALA A 189 -23.23 -11.79 -15.09
CA ALA A 189 -24.71 -11.95 -15.09
C ALA A 189 -25.36 -10.74 -14.41
N LYS A 190 -24.80 -10.28 -13.29
CA LYS A 190 -25.37 -9.11 -12.55
C LYS A 190 -25.15 -7.82 -13.36
N GLY A 191 -23.99 -7.69 -14.03
CA GLY A 191 -23.73 -6.57 -14.96
C GLY A 191 -24.77 -6.50 -16.05
N LYS A 192 -25.11 -7.65 -16.63
CA LYS A 192 -26.13 -7.76 -17.71
C LYS A 192 -27.50 -7.31 -17.20
N THR A 193 -27.96 -7.77 -16.04
CA THR A 193 -29.33 -7.41 -15.56
C THR A 193 -29.35 -5.93 -15.16
N ILE A 194 -28.28 -5.40 -14.56
CA ILE A 194 -28.24 -3.94 -14.20
C ILE A 194 -28.29 -3.08 -15.48
N ALA A 195 -27.50 -3.43 -16.49
CA ALA A 195 -27.42 -2.68 -17.76
C ALA A 195 -28.77 -2.73 -18.46
N ALA A 196 -29.37 -3.92 -18.56
CA ALA A 196 -30.74 -4.13 -19.12
C ALA A 196 -31.70 -3.12 -18.50
N ALA A 197 -31.71 -3.03 -17.16
CA ALA A 197 -32.63 -2.14 -16.41
C ALA A 197 -32.31 -0.68 -16.71
N GLN A 198 -31.02 -0.31 -16.76
CA GLN A 198 -30.59 1.10 -16.97
C GLN A 198 -30.99 1.55 -18.38
N TYR A 199 -30.80 0.68 -19.38
CA TYR A 199 -31.13 0.94 -20.82
C TYR A 199 -32.65 1.04 -20.99
N ALA A 200 -33.40 0.06 -20.48
CA ALA A 200 -34.89 0.01 -20.51
C ALA A 200 -35.51 1.26 -19.86
N ALA A 201 -34.85 1.88 -18.88
CA ALA A 201 -35.30 3.10 -18.19
C ALA A 201 -34.86 4.36 -18.94
N GLY A 202 -34.17 4.19 -20.08
CA GLY A 202 -33.93 5.27 -21.07
C GLY A 202 -32.53 5.84 -21.06
N ALA A 203 -31.55 5.19 -20.41
CA ALA A 203 -30.12 5.52 -20.57
C ALA A 203 -29.71 5.13 -21.98
N ASP A 204 -28.96 5.98 -22.69
CA ASP A 204 -28.41 5.59 -24.03
C ASP A 204 -26.88 5.40 -23.96
N ILE A 205 -26.28 5.60 -22.77
CA ILE A 205 -24.82 5.40 -22.51
C ILE A 205 -24.67 4.79 -21.12
N VAL A 206 -23.94 3.67 -21.00
CA VAL A 206 -23.55 3.10 -19.68
C VAL A 206 -22.03 3.10 -19.56
N TYR A 207 -21.55 3.66 -18.47
CA TYR A 207 -20.14 3.62 -18.08
C TYR A 207 -20.00 2.46 -17.10
N GLN A 208 -19.25 1.43 -17.47
CA GLN A 208 -19.09 0.26 -16.57
C GLN A 208 -17.75 0.33 -15.85
N VAL A 209 -17.79 0.38 -14.53
CA VAL A 209 -16.60 0.50 -13.64
C VAL A 209 -16.73 -0.64 -12.63
N ALA A 210 -16.61 -1.85 -13.13
CA ALA A 210 -16.85 -3.06 -12.34
C ALA A 210 -16.00 -4.22 -12.85
N GLY A 211 -14.84 -3.93 -13.45
CA GLY A 211 -13.92 -4.95 -13.97
C GLY A 211 -14.67 -5.98 -14.82
N GLY A 212 -14.52 -7.26 -14.50
CA GLY A 212 -15.07 -8.40 -15.28
C GLY A 212 -16.59 -8.43 -15.28
N THR A 213 -17.25 -7.89 -14.25
CA THR A 213 -18.71 -7.71 -14.20
C THR A 213 -19.16 -6.98 -15.47
N GLY A 214 -18.29 -6.10 -15.97
CA GLY A 214 -18.56 -5.27 -17.14
C GLY A 214 -18.78 -6.08 -18.40
N ALA A 215 -18.26 -7.30 -18.49
CA ALA A 215 -18.51 -8.17 -19.67
C ALA A 215 -20.03 -8.32 -19.90
N GLY A 216 -20.82 -8.33 -18.83
CA GLY A 216 -22.30 -8.38 -18.89
C GLY A 216 -22.90 -7.13 -19.49
N VAL A 217 -22.36 -5.96 -19.16
CA VAL A 217 -22.83 -4.66 -19.73
C VAL A 217 -22.60 -4.67 -21.25
N PHE A 218 -21.43 -5.11 -21.70
CA PHE A 218 -21.10 -5.29 -23.14
C PHE A 218 -22.09 -6.26 -23.80
N ALA A 219 -22.42 -7.38 -23.14
CA ALA A 219 -23.34 -8.42 -23.67
C ALA A 219 -24.75 -7.84 -23.82
N GLU A 220 -25.24 -7.08 -22.84
CA GLU A 220 -26.59 -6.46 -22.92
C GLU A 220 -26.62 -5.47 -24.09
N ALA A 221 -25.73 -4.49 -24.11
CA ALA A 221 -25.62 -3.49 -25.21
C ALA A 221 -25.56 -4.19 -26.57
N LYS A 222 -24.80 -5.26 -26.71
CA LYS A 222 -24.65 -5.95 -28.01
C LYS A 222 -26.00 -6.52 -28.46
N SER A 223 -26.71 -7.21 -27.56
CA SER A 223 -28.03 -7.83 -27.82
C SER A 223 -29.07 -6.76 -28.21
N LEU A 224 -29.16 -5.65 -27.48
CA LEU A 224 -30.08 -4.53 -27.83
C LEU A 224 -29.74 -3.99 -29.21
N ASN A 225 -28.44 -3.82 -29.48
CA ASN A 225 -27.94 -3.11 -30.68
C ASN A 225 -28.07 -4.00 -31.92
N GLU A 226 -27.93 -5.32 -31.77
CA GLU A 226 -28.10 -6.32 -32.87
C GLU A 226 -29.57 -6.35 -33.35
N SER A 227 -30.51 -5.97 -32.49
CA SER A 227 -31.97 -6.04 -32.73
C SER A 227 -32.53 -4.66 -33.03
N ARG A 228 -31.69 -3.72 -33.47
CA ARG A 228 -32.11 -2.32 -33.77
C ARG A 228 -31.33 -1.79 -34.97
N PRO A 229 -31.79 -0.69 -35.58
CA PRO A 229 -30.98 0.01 -36.59
C PRO A 229 -29.77 0.70 -35.94
N GLU A 230 -28.72 0.86 -36.74
CA GLU A 230 -27.40 1.42 -36.35
C GLU A 230 -27.59 2.79 -35.68
N ASN A 231 -28.46 3.66 -36.19
CA ASN A 231 -28.56 5.06 -35.69
C ASN A 231 -29.32 5.10 -34.35
N GLU A 232 -29.95 4.00 -33.93
CA GLU A 232 -30.72 3.91 -32.65
C GLU A 232 -29.90 3.10 -31.63
N LYS A 233 -28.59 2.93 -31.86
CA LYS A 233 -27.74 2.10 -31.00
C LYS A 233 -27.58 2.80 -29.67
N VAL A 234 -27.13 2.01 -28.71
CA VAL A 234 -26.93 2.35 -27.27
C VAL A 234 -25.43 2.17 -27.02
N TRP A 235 -24.81 3.04 -26.25
CA TRP A 235 -23.33 3.08 -26.08
C TRP A 235 -22.92 2.44 -24.76
N VAL A 236 -21.71 1.86 -24.71
CA VAL A 236 -20.95 1.65 -23.46
C VAL A 236 -19.61 2.42 -23.51
N ILE A 237 -19.19 2.88 -22.33
CA ILE A 237 -17.86 3.50 -22.10
C ILE A 237 -16.97 2.42 -21.49
N GLY A 238 -15.83 2.18 -22.12
CA GLY A 238 -14.84 1.19 -21.66
C GLY A 238 -14.08 1.69 -20.44
N VAL A 239 -13.37 0.79 -19.77
CA VAL A 239 -12.68 1.12 -18.50
C VAL A 239 -11.33 0.39 -18.46
N ASP A 240 -10.32 1.07 -17.90
CA ASP A 240 -8.97 0.54 -17.55
C ASP A 240 -8.14 0.32 -18.81
N ARG A 241 -8.58 -0.52 -19.74
CA ARG A 241 -7.97 -0.69 -21.09
C ARG A 241 -8.89 -0.05 -22.15
N ASP A 242 -8.33 0.22 -23.33
CA ASP A 242 -9.09 0.60 -24.55
C ASP A 242 -9.90 -0.63 -24.97
N GLN A 243 -11.23 -0.59 -24.80
CA GLN A 243 -12.12 -1.76 -24.99
C GLN A 243 -12.86 -1.63 -26.33
N GLU A 244 -12.39 -0.77 -27.25
CA GLU A 244 -13.00 -0.58 -28.59
C GLU A 244 -13.32 -1.94 -29.23
N ALA A 245 -12.40 -2.91 -29.18
CA ALA A 245 -12.56 -4.19 -29.89
C ALA A 245 -13.77 -4.99 -29.34
N GLU A 246 -14.21 -4.73 -28.10
CA GLU A 246 -15.37 -5.45 -27.49
C GLU A 246 -16.70 -4.85 -27.99
N GLY A 247 -16.65 -3.73 -28.72
CA GLY A 247 -17.86 -3.01 -29.20
C GLY A 247 -18.26 -3.39 -30.62
N LYS A 248 -17.54 -4.27 -31.30
CA LYS A 248 -17.86 -4.73 -32.68
C LYS A 248 -19.22 -5.43 -32.69
N TYR A 249 -20.13 -5.02 -33.58
CA TYR A 249 -21.43 -5.69 -33.84
C TYR A 249 -21.94 -5.34 -35.24
N THR A 250 -22.97 -6.06 -35.58
CA THR A 250 -23.80 -5.81 -36.81
CA THR A 250 -23.79 -5.79 -36.81
C THR A 250 -25.30 -5.54 -36.47
N SER A 251 -25.77 -4.43 -37.02
CA SER A 251 -27.15 -3.97 -36.73
C SER A 251 -28.23 -4.80 -37.43
N LYS A 252 -29.49 -4.57 -37.07
CA LYS A 252 -30.65 -5.25 -37.70
C LYS A 252 -30.68 -4.93 -39.20
N ASP A 253 -30.34 -3.70 -39.57
CA ASP A 253 -30.29 -3.16 -40.95
C ASP A 253 -29.04 -3.62 -41.72
N GLY A 254 -28.16 -4.43 -41.12
CA GLY A 254 -27.02 -5.06 -41.82
C GLY A 254 -25.77 -4.24 -41.83
N LYS A 255 -25.75 -3.15 -41.09
CA LYS A 255 -24.57 -2.24 -41.05
C LYS A 255 -23.61 -2.68 -39.95
N GLU A 256 -22.31 -2.72 -40.26
CA GLU A 256 -21.20 -3.08 -39.32
C GLU A 256 -20.81 -1.81 -38.57
N SER A 257 -20.80 -1.84 -37.24
CA SER A 257 -20.59 -0.66 -36.39
C SER A 257 -19.87 -1.04 -35.09
N ASN A 258 -19.88 -0.12 -34.13
CA ASN A 258 -19.16 -0.25 -32.86
C ASN A 258 -19.88 0.61 -31.82
N PHE A 259 -20.22 0.04 -30.67
CA PHE A 259 -21.01 0.74 -29.62
C PHE A 259 -20.12 1.21 -28.45
N VAL A 260 -18.79 1.08 -28.54
CA VAL A 260 -17.90 1.71 -27.54
C VAL A 260 -17.69 3.18 -27.92
N LEU A 261 -18.16 4.10 -27.07
CA LEU A 261 -18.05 5.55 -27.32
C LEU A 261 -16.60 5.99 -27.09
N VAL A 262 -16.03 5.52 -25.99
CA VAL A 262 -14.84 6.11 -25.34
C VAL A 262 -14.40 5.08 -24.28
N SER A 263 -13.12 5.06 -23.89
CA SER A 263 -12.66 4.23 -22.75
C SER A 263 -11.81 5.09 -21.82
N THR A 264 -11.99 4.95 -20.51
CA THR A 264 -11.01 5.48 -19.53
C THR A 264 -9.86 4.47 -19.49
N LEU A 265 -8.63 4.97 -19.42
CA LEU A 265 -7.38 4.17 -19.33
C LEU A 265 -6.82 4.32 -17.92
N LYS A 266 -6.29 3.24 -17.40
CA LYS A 266 -5.62 3.14 -16.08
C LYS A 266 -4.39 2.27 -16.35
N GLN A 267 -3.18 2.84 -16.31
CA GLN A 267 -1.96 2.15 -16.82
C GLN A 267 -1.41 1.23 -15.73
N VAL A 268 -2.19 0.26 -15.29
CA VAL A 268 -1.78 -0.71 -14.22
C VAL A 268 -0.59 -1.54 -14.73
N GLY A 269 -0.65 -2.06 -15.95
CA GLY A 269 0.44 -2.88 -16.54
C GLY A 269 1.75 -2.12 -16.55
N THR A 270 1.73 -0.87 -16.97
CA THR A 270 2.91 0.01 -16.98
C THR A 270 3.50 0.08 -15.58
N THR A 271 2.68 0.31 -14.56
CA THR A 271 3.15 0.40 -13.16
C THR A 271 3.79 -0.93 -12.73
N VAL A 272 3.18 -2.07 -13.04
CA VAL A 272 3.70 -3.40 -12.64
C VAL A 272 5.10 -3.59 -13.26
N LYS A 273 5.26 -3.24 -14.53
CA LYS A 273 6.54 -3.40 -15.26
C LYS A 273 7.60 -2.45 -14.66
N ASP A 274 7.25 -1.19 -14.43
CA ASP A 274 8.21 -0.17 -13.92
C ASP A 274 8.70 -0.58 -12.51
N ILE A 275 7.78 -0.99 -11.62
CA ILE A 275 8.16 -1.31 -10.22
C ILE A 275 8.93 -2.63 -10.19
N SER A 276 8.57 -3.58 -11.05
CA SER A 276 9.30 -4.87 -11.18
C SER A 276 10.75 -4.57 -11.57
N ASN A 277 10.97 -3.65 -12.51
CA ASN A 277 12.35 -3.27 -12.94
C ASN A 277 13.08 -2.61 -11.77
N LYS A 278 12.43 -1.73 -11.03
CA LYS A 278 13.07 -1.03 -9.89
C LYS A 278 13.43 -2.04 -8.80
N ALA A 279 12.54 -2.98 -8.49
CA ALA A 279 12.79 -4.06 -7.50
C ALA A 279 13.99 -4.91 -7.92
N GLU A 280 14.08 -5.30 -9.19
CA GLU A 280 15.21 -6.11 -9.71
C GLU A 280 16.52 -5.31 -9.55
N ARG A 281 16.52 -4.00 -9.76
CA ARG A 281 17.75 -3.16 -9.66
C ARG A 281 18.09 -2.80 -8.21
N GLY A 282 17.32 -3.28 -7.23
CA GLY A 282 17.51 -2.93 -5.80
C GLY A 282 17.11 -1.51 -5.45
N GLU A 283 16.15 -0.91 -6.18
CA GLU A 283 15.62 0.45 -5.93
C GLU A 283 14.11 0.43 -5.66
N PHE A 284 13.65 -0.61 -4.98
CA PHE A 284 12.22 -0.78 -4.64
C PHE A 284 11.78 0.40 -3.78
N PRO A 285 10.69 1.12 -4.14
CA PRO A 285 10.24 2.27 -3.37
C PRO A 285 9.35 1.92 -2.16
N GLY A 286 9.89 1.10 -1.26
CA GLY A 286 9.24 0.67 0.00
C GLY A 286 8.81 1.84 0.86
N GLY A 287 7.61 1.77 1.43
CA GLY A 287 7.01 2.79 2.30
C GLY A 287 6.42 3.96 1.54
N GLN A 288 6.60 4.04 0.22
CA GLN A 288 6.19 5.24 -0.58
C GLN A 288 4.79 5.02 -1.17
N VAL A 289 4.07 6.11 -1.41
CA VAL A 289 2.74 6.14 -2.07
C VAL A 289 2.92 6.80 -3.43
N ILE A 290 2.76 6.04 -4.51
CA ILE A 290 2.94 6.55 -5.90
C ILE A 290 1.55 6.91 -6.44
N VAL A 291 1.29 8.18 -6.75
CA VAL A 291 0.00 8.67 -7.29
C VAL A 291 0.17 8.95 -8.78
N TYR A 292 -0.56 8.21 -9.62
CA TYR A 292 -0.67 8.44 -11.07
C TYR A 292 -1.94 9.28 -11.33
N SER A 293 -1.83 10.26 -12.21
CA SER A 293 -2.93 11.20 -12.55
C SER A 293 -2.91 11.50 -14.06
N LEU A 294 -3.80 12.38 -14.51
CA LEU A 294 -3.86 12.84 -15.91
C LEU A 294 -2.50 13.41 -16.35
N LYS A 295 -1.81 14.15 -15.49
CA LYS A 295 -0.53 14.86 -15.79
C LYS A 295 0.48 13.87 -16.37
N ASP A 296 0.72 12.75 -15.69
CA ASP A 296 1.79 11.77 -16.04
C ASP A 296 1.22 10.64 -16.92
N LYS A 297 0.01 10.80 -17.44
CA LYS A 297 -0.66 9.85 -18.38
C LYS A 297 -0.87 8.47 -17.75
N GLY A 298 -0.90 8.39 -16.42
CA GLY A 298 -1.25 7.17 -15.67
C GLY A 298 -2.72 6.84 -15.84
N VAL A 299 -3.56 7.87 -15.94
CA VAL A 299 -4.97 7.75 -16.42
C VAL A 299 -5.11 8.62 -17.67
N ASP A 300 -6.10 8.33 -18.50
CA ASP A 300 -6.40 9.10 -19.74
C ASP A 300 -7.80 8.71 -20.23
N LEU A 301 -8.25 9.32 -21.33
CA LEU A 301 -9.43 8.88 -22.09
C LEU A 301 -9.02 8.57 -23.53
N ALA A 302 -9.34 7.37 -24.04
CA ALA A 302 -9.27 7.02 -25.47
C ALA A 302 -10.55 7.53 -26.11
N VAL A 303 -10.44 8.39 -27.13
CA VAL A 303 -11.60 9.20 -27.65
C VAL A 303 -12.27 8.48 -28.83
N THR A 304 -11.84 7.24 -29.11
CA THR A 304 -12.37 6.25 -30.09
C THR A 304 -13.45 6.84 -31.03
N ASN A 305 -14.73 6.71 -30.69
CA ASN A 305 -15.87 6.95 -31.61
C ASN A 305 -16.62 8.22 -31.23
N LEU A 306 -16.00 9.11 -30.47
CA LEU A 306 -16.58 10.40 -30.05
C LEU A 306 -16.66 11.33 -31.26
N SER A 307 -17.73 12.12 -31.35
CA SER A 307 -17.92 13.23 -32.33
C SER A 307 -16.82 14.28 -32.17
N GLU A 308 -16.47 15.00 -33.24
CA GLU A 308 -15.39 16.02 -33.20
C GLU A 308 -15.71 17.08 -32.13
N GLU A 309 -16.99 17.45 -31.96
CA GLU A 309 -17.45 18.40 -30.92
C GLU A 309 -17.08 17.86 -29.52
N GLY A 310 -17.35 16.56 -29.29
CA GLY A 310 -17.03 15.86 -28.04
C GLY A 310 -15.53 15.87 -27.76
N LYS A 311 -14.70 15.53 -28.75
CA LYS A 311 -13.22 15.54 -28.60
C LYS A 311 -12.74 16.94 -28.17
N LYS A 312 -13.35 18.01 -28.69
CA LYS A 312 -12.99 19.41 -28.33
C LYS A 312 -13.34 19.64 -26.85
N ALA A 313 -14.55 19.28 -26.43
CA ALA A 313 -14.99 19.43 -25.02
C ALA A 313 -14.05 18.63 -24.10
N VAL A 314 -13.60 17.44 -24.53
CA VAL A 314 -12.71 16.58 -23.72
C VAL A 314 -11.34 17.26 -23.62
N GLU A 315 -10.74 17.66 -24.74
CA GLU A 315 -9.41 18.33 -24.79
C GLU A 315 -9.44 19.60 -23.92
N ASP A 316 -10.56 20.34 -23.94
CA ASP A 316 -10.71 21.62 -23.18
C ASP A 316 -10.80 21.31 -21.69
N ALA A 317 -11.60 20.32 -21.31
CA ALA A 317 -11.76 19.87 -19.90
C ALA A 317 -10.43 19.31 -19.38
N LYS A 318 -9.68 18.60 -20.22
CA LYS A 318 -8.37 18.02 -19.83
C LYS A 318 -7.40 19.16 -19.47
N ALA A 319 -7.31 20.19 -20.33
CA ALA A 319 -6.44 21.38 -20.13
C ALA A 319 -6.75 22.01 -18.77
N LYS A 320 -8.04 22.22 -18.47
CA LYS A 320 -8.49 22.85 -17.20
C LYS A 320 -8.10 21.99 -15.97
N ILE A 321 -8.09 20.65 -16.08
CA ILE A 321 -7.70 19.76 -14.94
C ILE A 321 -6.19 19.89 -14.75
N LEU A 322 -5.41 19.86 -15.84
CA LEU A 322 -3.93 20.00 -15.81
C LEU A 322 -3.52 21.38 -15.26
N ASP A 323 -4.21 22.46 -15.67
CA ASP A 323 -3.86 23.84 -15.22
C ASP A 323 -4.27 24.07 -13.77
N GLY A 324 -5.29 23.36 -13.24
CA GLY A 324 -5.78 23.53 -11.86
C GLY A 324 -7.05 24.35 -11.80
N SER A 325 -7.50 24.84 -12.97
CA SER A 325 -8.71 25.70 -13.15
C SER A 325 -9.97 24.92 -12.74
N VAL A 326 -10.03 23.61 -13.02
CA VAL A 326 -11.11 22.68 -12.55
C VAL A 326 -10.49 21.70 -11.54
N LYS A 327 -11.07 21.64 -10.33
CA LYS A 327 -10.72 20.62 -9.30
C LYS A 327 -11.82 19.57 -9.30
N VAL A 328 -11.48 18.33 -9.69
CA VAL A 328 -12.45 17.22 -9.79
C VAL A 328 -12.63 16.64 -8.40
N PRO A 329 -13.88 16.51 -7.89
CA PRO A 329 -14.10 15.90 -6.58
C PRO A 329 -13.70 14.40 -6.60
N GLU A 330 -13.36 13.86 -5.43
CA GLU A 330 -12.93 12.45 -5.24
C GLU A 330 -14.03 11.65 -4.55
N LYS A 331 -15.05 12.34 -4.04
CA LYS A 331 -16.20 11.66 -3.35
C LYS A 331 -17.50 12.33 -3.78
N SER B 1 8.29 15.79 -58.00
CA SER B 1 9.02 17.13 -58.05
C SER B 1 8.13 18.26 -57.55
N SER B 2 6.90 18.35 -58.07
CA SER B 2 5.85 19.30 -57.64
C SER B 2 4.47 18.60 -57.70
N HIS B 3 3.52 19.09 -56.91
CA HIS B 3 2.14 18.56 -56.76
C HIS B 3 1.16 19.74 -56.74
N HIS B 4 1.06 20.47 -57.85
CA HIS B 4 0.30 21.73 -57.96
C HIS B 4 -1.21 21.47 -57.86
N HIS B 5 -1.74 20.44 -58.55
CA HIS B 5 -3.13 19.96 -58.42
C HIS B 5 -3.27 19.09 -57.16
N HIS B 6 -3.64 19.66 -56.03
CA HIS B 6 -3.68 18.95 -54.73
C HIS B 6 -4.91 19.41 -53.95
N HIS B 7 -5.43 18.52 -53.10
CA HIS B 7 -6.56 18.82 -52.17
C HIS B 7 -6.17 18.44 -50.75
N HIS B 8 -6.44 19.30 -49.79
CA HIS B 8 -6.16 19.04 -48.36
C HIS B 8 -7.18 18.02 -47.85
N MET B 9 -6.75 17.05 -47.04
CA MET B 9 -7.64 16.08 -46.37
C MET B 9 -7.48 16.22 -44.85
N SER B 10 -8.55 16.57 -44.14
CA SER B 10 -8.56 16.76 -42.67
C SER B 10 -8.27 15.44 -41.97
N GLY B 11 -7.41 15.46 -40.93
CA GLY B 11 -7.18 14.33 -40.00
C GLY B 11 -8.47 13.71 -39.50
N GLU B 12 -9.52 14.50 -39.31
CA GLU B 12 -10.82 14.01 -38.78
C GLU B 12 -11.46 13.06 -39.79
N ASN B 13 -11.17 13.21 -41.08
CA ASN B 13 -11.84 12.46 -42.18
C ASN B 13 -10.96 11.29 -42.66
N LEU B 14 -9.72 11.18 -42.21
CA LEU B 14 -8.76 10.15 -42.66
C LEU B 14 -8.88 8.92 -41.78
N TYR B 15 -8.89 7.72 -42.39
CA TYR B 15 -8.68 6.49 -41.59
C TYR B 15 -7.84 5.46 -42.35
N PHE B 16 -7.17 4.60 -41.58
CA PHE B 16 -6.43 3.41 -42.06
C PHE B 16 -7.31 2.16 -41.87
N GLN B 17 -7.56 1.44 -42.95
CA GLN B 17 -8.38 0.21 -42.95
C GLN B 17 -7.52 -0.89 -42.35
N GLY B 18 -8.01 -1.53 -41.30
CA GLY B 18 -7.33 -2.66 -40.66
C GLY B 18 -7.64 -3.96 -41.36
N ALA B 19 -6.86 -4.98 -41.02
CA ALA B 19 -7.01 -6.41 -41.42
C ALA B 19 -7.33 -7.22 -40.16
N SER B 20 -7.74 -8.47 -40.35
CA SER B 20 -7.95 -9.46 -39.28
C SER B 20 -7.09 -10.68 -39.62
N ALA B 21 -6.21 -11.08 -38.71
CA ALA B 21 -5.23 -12.16 -38.93
C ALA B 21 -5.51 -13.33 -37.98
N ALA B 22 -5.47 -14.54 -38.51
CA ALA B 22 -5.59 -15.80 -37.73
C ALA B 22 -4.44 -16.75 -38.09
N ILE B 23 -4.00 -17.54 -37.12
CA ILE B 23 -3.05 -18.64 -37.35
C ILE B 23 -3.83 -19.97 -37.25
N VAL B 24 -3.60 -20.86 -38.20
CA VAL B 24 -4.05 -22.27 -38.14
C VAL B 24 -2.85 -23.13 -37.75
N THR B 25 -2.99 -23.78 -36.62
CA THR B 25 -1.91 -24.40 -35.84
C THR B 25 -2.01 -25.91 -36.04
N ASP B 26 -0.91 -26.63 -35.85
CA ASP B 26 -0.85 -28.11 -35.94
C ASP B 26 -1.27 -28.73 -34.60
N THR B 27 -1.10 -30.03 -34.39
CA THR B 27 -1.66 -30.71 -33.18
C THR B 27 -0.99 -30.18 -31.90
N GLY B 28 0.32 -29.91 -31.93
CA GLY B 28 1.14 -29.44 -30.79
C GLY B 28 0.46 -28.37 -29.91
N GLY B 29 -0.22 -27.40 -30.53
CA GLY B 29 -0.91 -26.32 -29.79
C GLY B 29 -0.03 -25.11 -29.53
N VAL B 30 -0.64 -23.99 -29.18
CA VAL B 30 0.06 -22.69 -29.00
C VAL B 30 0.77 -22.67 -27.63
N ASP B 31 0.80 -23.78 -26.89
CA ASP B 31 1.47 -23.90 -25.57
C ASP B 31 2.69 -24.84 -25.68
N ASP B 32 3.26 -25.02 -26.87
CA ASP B 32 4.38 -25.97 -27.15
C ASP B 32 5.73 -25.40 -26.67
N LYS B 33 5.77 -24.16 -26.16
CA LYS B 33 6.97 -23.48 -25.60
C LYS B 33 8.02 -23.25 -26.70
N SER B 34 7.63 -23.40 -27.97
CA SER B 34 8.57 -23.37 -29.11
C SER B 34 7.87 -22.75 -30.32
N PHE B 35 7.63 -23.55 -31.36
CA PHE B 35 7.29 -23.07 -32.72
C PHE B 35 5.91 -22.39 -32.77
N ASN B 36 4.86 -23.10 -32.39
CA ASN B 36 3.46 -22.60 -32.45
C ASN B 36 3.30 -21.47 -31.43
N GLN B 37 3.89 -21.61 -30.25
CA GLN B 37 3.82 -20.57 -29.20
C GLN B 37 4.45 -19.29 -29.75
N SER B 38 5.60 -19.36 -30.41
CA SER B 38 6.28 -18.17 -31.00
C SER B 38 5.31 -17.45 -31.96
N ALA B 39 4.68 -18.20 -32.87
CA ALA B 39 3.68 -17.70 -33.84
C ALA B 39 2.57 -16.96 -33.09
N TRP B 40 2.03 -17.59 -32.07
CA TRP B 40 0.86 -17.08 -31.30
C TRP B 40 1.26 -15.82 -30.51
N GLU B 41 2.46 -15.79 -29.92
CA GLU B 41 3.00 -14.62 -29.17
C GLU B 41 3.13 -13.46 -30.15
N GLY B 42 3.58 -13.74 -31.37
CA GLY B 42 3.71 -12.73 -32.43
C GLY B 42 2.37 -12.15 -32.80
N LEU B 43 1.35 -13.02 -32.96
CA LEU B 43 0.01 -12.56 -33.37
C LEU B 43 -0.61 -11.73 -32.24
N GLN B 44 -0.43 -12.14 -30.98
CA GLN B 44 -0.92 -11.38 -29.81
C GLN B 44 -0.24 -10.00 -29.74
N ALA B 45 1.06 -9.93 -30.03
CA ALA B 45 1.81 -8.66 -30.01
C ALA B 45 1.24 -7.76 -31.11
N TRP B 46 0.93 -8.33 -32.27
CA TRP B 46 0.34 -7.60 -33.40
C TRP B 46 -1.05 -7.08 -33.00
N GLY B 47 -1.86 -7.92 -32.37
CA GLY B 47 -3.18 -7.57 -31.86
C GLY B 47 -3.11 -6.38 -30.89
N LYS B 48 -2.14 -6.39 -29.99
CA LYS B 48 -1.93 -5.33 -28.95
C LYS B 48 -1.59 -4.01 -29.66
N GLU B 49 -0.71 -4.05 -30.66
CA GLU B 49 -0.29 -2.88 -31.46
C GLU B 49 -1.52 -2.25 -32.14
N HIS B 50 -2.50 -3.05 -32.52
CA HIS B 50 -3.68 -2.59 -33.31
C HIS B 50 -4.95 -2.50 -32.44
N ASN B 51 -4.83 -2.59 -31.13
CA ASN B 51 -5.95 -2.34 -30.18
C ASN B 51 -7.03 -3.42 -30.31
N LEU B 52 -6.65 -4.65 -30.62
CA LEU B 52 -7.57 -5.79 -30.86
C LEU B 52 -7.54 -6.73 -29.65
N SER B 53 -8.41 -7.75 -29.65
CA SER B 53 -8.39 -8.83 -28.63
C SER B 53 -8.75 -10.17 -29.28
N LYS B 54 -8.50 -11.27 -28.57
CA LYS B 54 -8.75 -12.64 -29.11
C LYS B 54 -10.20 -12.73 -29.60
N ASP B 55 -10.40 -13.17 -30.84
CA ASP B 55 -11.71 -13.38 -31.52
C ASP B 55 -12.37 -12.03 -31.82
N ASN B 56 -11.63 -10.93 -31.67
CA ASN B 56 -12.03 -9.56 -32.10
C ASN B 56 -10.85 -8.93 -32.84
N GLY B 57 -10.44 -9.58 -33.94
CA GLY B 57 -9.39 -9.08 -34.85
C GLY B 57 -8.25 -10.07 -35.03
N PHE B 58 -8.09 -11.00 -34.09
CA PHE B 58 -7.05 -12.06 -34.17
C PHE B 58 -7.48 -13.28 -33.36
N THR B 59 -7.08 -14.46 -33.81
CA THR B 59 -7.35 -15.73 -33.13
C THR B 59 -6.46 -16.85 -33.66
N TYR B 60 -6.59 -18.03 -33.07
CA TYR B 60 -5.90 -19.26 -33.53
C TYR B 60 -6.93 -20.39 -33.63
N PHE B 61 -6.77 -21.23 -34.64
CA PHE B 61 -7.53 -22.49 -34.81
C PHE B 61 -6.55 -23.64 -34.60
N GLN B 62 -6.72 -24.41 -33.53
CA GLN B 62 -5.95 -25.64 -33.28
C GLN B 62 -6.54 -26.75 -34.14
N SER B 63 -5.70 -27.41 -34.94
CA SER B 63 -6.08 -28.57 -35.78
C SER B 63 -6.05 -29.82 -34.91
N THR B 64 -7.12 -30.63 -34.96
CA THR B 64 -7.24 -31.92 -34.20
C THR B 64 -6.40 -32.99 -34.90
N SER B 65 -6.25 -32.87 -36.23
CA SER B 65 -5.55 -33.81 -37.15
C SER B 65 -5.37 -33.18 -38.53
N GLU B 66 -4.71 -33.85 -39.45
CA GLU B 66 -4.51 -33.40 -40.85
C GLU B 66 -5.86 -33.20 -41.55
N ALA B 67 -6.82 -34.07 -41.28
CA ALA B 67 -8.18 -33.99 -41.89
C ALA B 67 -8.87 -32.69 -41.45
N ASP B 68 -8.47 -32.11 -40.32
CA ASP B 68 -9.13 -30.89 -39.74
C ASP B 68 -8.54 -29.60 -40.36
N TYR B 69 -7.44 -29.68 -41.12
CA TYR B 69 -6.76 -28.49 -41.68
C TYR B 69 -7.75 -27.68 -42.54
N ALA B 70 -8.39 -28.32 -43.52
CA ALA B 70 -9.32 -27.66 -44.46
C ALA B 70 -10.49 -27.03 -43.70
N ASN B 71 -11.03 -27.73 -42.69
CA ASN B 71 -12.17 -27.24 -41.88
C ASN B 71 -11.72 -25.94 -41.20
N ASN B 72 -10.55 -25.94 -40.57
CA ASN B 72 -10.02 -24.76 -39.83
C ASN B 72 -9.76 -23.59 -40.79
N LEU B 73 -9.19 -23.85 -41.96
CA LEU B 73 -8.87 -22.76 -42.93
C LEU B 73 -10.17 -22.15 -43.44
N GLN B 74 -11.19 -22.98 -43.69
CA GLN B 74 -12.53 -22.54 -44.17
C GLN B 74 -13.21 -21.73 -43.07
N GLN B 75 -13.10 -22.16 -41.82
CA GLN B 75 -13.65 -21.42 -40.64
C GLN B 75 -12.97 -20.04 -40.56
N ALA B 76 -11.65 -19.99 -40.70
CA ALA B 76 -10.85 -18.75 -40.66
C ALA B 76 -11.31 -17.76 -41.74
N ALA B 77 -11.67 -18.25 -42.93
CA ALA B 77 -12.06 -17.43 -44.10
C ALA B 77 -13.39 -16.69 -43.84
N GLY B 78 -14.16 -17.12 -42.84
CA GLY B 78 -15.38 -16.43 -42.38
C GLY B 78 -15.10 -15.01 -41.90
N SER B 79 -14.05 -14.79 -41.12
CA SER B 79 -13.79 -13.50 -40.43
C SER B 79 -12.39 -12.91 -40.70
N TYR B 80 -11.43 -13.67 -41.23
CA TYR B 80 -10.01 -13.23 -41.32
C TYR B 80 -9.58 -13.12 -42.79
N ASN B 81 -8.83 -12.06 -43.11
CA ASN B 81 -8.38 -11.81 -44.50
C ASN B 81 -6.86 -11.99 -44.59
N LEU B 82 -6.23 -12.39 -43.50
CA LEU B 82 -4.84 -12.89 -43.51
C LEU B 82 -4.78 -14.16 -42.67
N ILE B 83 -4.39 -15.28 -43.27
CA ILE B 83 -4.44 -16.60 -42.61
C ILE B 83 -3.08 -17.28 -42.77
N PHE B 84 -2.47 -17.60 -41.64
CA PHE B 84 -1.16 -18.26 -41.54
C PHE B 84 -1.38 -19.76 -41.32
N GLY B 85 -0.85 -20.58 -42.21
CA GLY B 85 -0.68 -22.01 -41.92
C GLY B 85 0.67 -22.24 -41.31
N VAL B 86 0.71 -22.64 -40.05
CA VAL B 86 1.95 -22.76 -39.26
C VAL B 86 2.46 -24.20 -39.33
N GLY B 87 3.46 -24.46 -40.16
CA GLY B 87 4.11 -25.77 -40.26
C GLY B 87 4.06 -26.32 -41.67
N PHE B 88 5.07 -27.10 -42.06
CA PHE B 88 5.19 -27.65 -43.44
C PHE B 88 3.98 -28.53 -43.79
N ALA B 89 3.34 -29.16 -42.79
CA ALA B 89 2.25 -30.17 -43.00
C ALA B 89 1.02 -29.50 -43.60
N LEU B 90 0.86 -28.19 -43.42
CA LEU B 90 -0.32 -27.45 -43.93
C LEU B 90 -0.17 -27.05 -45.40
N ASN B 91 0.93 -27.44 -46.05
CA ASN B 91 1.24 -27.05 -47.45
C ASN B 91 0.00 -27.21 -48.36
N ASN B 92 -0.50 -28.43 -48.53
CA ASN B 92 -1.58 -28.77 -49.51
C ASN B 92 -2.89 -28.05 -49.14
N ALA B 93 -3.29 -28.09 -47.87
CA ALA B 93 -4.53 -27.48 -47.38
C ALA B 93 -4.50 -25.95 -47.59
N VAL B 94 -3.34 -25.31 -47.43
CA VAL B 94 -3.21 -23.84 -47.68
C VAL B 94 -3.32 -23.57 -49.18
N LYS B 95 -2.68 -24.39 -50.02
CA LYS B 95 -2.78 -24.24 -51.50
C LYS B 95 -4.26 -24.29 -51.92
N ASP B 96 -5.04 -25.25 -51.40
CA ASP B 96 -6.47 -25.45 -51.77
C ASP B 96 -7.31 -24.25 -51.31
N ALA B 97 -7.13 -23.80 -50.08
CA ALA B 97 -7.88 -22.67 -49.50
C ALA B 97 -7.58 -21.39 -50.27
N ALA B 98 -6.32 -21.17 -50.68
CA ALA B 98 -5.91 -19.96 -51.43
C ALA B 98 -6.57 -19.92 -52.81
N LYS B 99 -6.80 -21.09 -53.43
CA LYS B 99 -7.48 -21.20 -54.75
C LYS B 99 -8.99 -20.96 -54.61
N GLU B 100 -9.61 -21.35 -53.49
CA GLU B 100 -11.06 -21.11 -53.23
C GLU B 100 -11.31 -19.64 -52.89
N HIS B 101 -10.41 -18.98 -52.14
CA HIS B 101 -10.58 -17.58 -51.67
C HIS B 101 -9.43 -16.70 -52.20
N THR B 102 -9.49 -16.33 -53.48
CA THR B 102 -8.45 -15.52 -54.17
C THR B 102 -8.45 -14.08 -53.61
N ASP B 103 -9.51 -13.70 -52.91
CA ASP B 103 -9.68 -12.33 -52.34
C ASP B 103 -8.99 -12.24 -50.96
N LEU B 104 -8.63 -13.37 -50.35
CA LEU B 104 -7.95 -13.41 -49.03
C LEU B 104 -6.48 -13.74 -49.25
N ASN B 105 -5.66 -13.46 -48.24
CA ASN B 105 -4.18 -13.64 -48.28
C ASN B 105 -3.77 -14.72 -47.29
N TYR B 106 -2.87 -15.59 -47.73
CA TYR B 106 -2.41 -16.77 -46.98
C TYR B 106 -0.90 -16.74 -46.86
N VAL B 107 -0.40 -17.25 -45.76
CA VAL B 107 1.06 -17.40 -45.51
C VAL B 107 1.30 -18.83 -45.08
N LEU B 108 2.27 -19.50 -45.71
CA LEU B 108 2.74 -20.81 -45.22
C LEU B 108 4.07 -20.62 -44.50
N ILE B 109 4.13 -21.01 -43.24
CA ILE B 109 5.38 -20.92 -42.44
C ILE B 109 6.03 -22.31 -42.44
N ASP B 110 7.32 -22.32 -42.78
CA ASP B 110 8.27 -23.47 -42.89
C ASP B 110 8.20 -24.22 -44.22
N ASP B 111 7.51 -23.73 -45.24
CA ASP B 111 7.47 -24.47 -46.52
C ASP B 111 7.17 -23.50 -47.67
N VAL B 112 7.35 -23.95 -48.90
CA VAL B 112 7.14 -23.07 -50.09
C VAL B 112 5.91 -23.53 -50.87
N ILE B 113 5.07 -22.59 -51.26
CA ILE B 113 4.02 -22.75 -52.31
C ILE B 113 4.39 -21.85 -53.48
N LYS B 114 4.41 -22.37 -54.70
CA LYS B 114 4.80 -21.63 -55.92
C LYS B 114 3.54 -21.26 -56.71
N ASP B 115 3.61 -20.15 -57.45
CA ASP B 115 2.64 -19.79 -58.53
C ASP B 115 1.25 -19.50 -57.94
N GLN B 116 1.17 -18.86 -56.76
CA GLN B 116 -0.11 -18.46 -56.14
C GLN B 116 0.05 -17.03 -55.62
N LYS B 117 -0.61 -16.07 -56.29
CA LYS B 117 -0.47 -14.60 -56.08
C LYS B 117 -0.89 -14.21 -54.66
N ASN B 118 -1.77 -14.98 -54.02
CA ASN B 118 -2.33 -14.65 -52.68
C ASN B 118 -1.66 -15.51 -51.61
N VAL B 119 -0.53 -16.16 -51.91
CA VAL B 119 0.25 -16.96 -50.92
C VAL B 119 1.69 -16.46 -50.82
N ALA B 120 2.12 -16.11 -49.61
CA ALA B 120 3.53 -15.86 -49.26
C ALA B 120 4.04 -17.10 -48.53
N SER B 121 5.31 -17.44 -48.74
CA SER B 121 6.00 -18.57 -48.11
C SER B 121 7.15 -18.01 -47.27
N VAL B 122 7.36 -18.58 -46.10
CA VAL B 122 8.43 -18.16 -45.18
C VAL B 122 9.25 -19.39 -44.83
N THR B 123 10.57 -19.30 -44.97
CA THR B 123 11.51 -20.37 -44.58
C THR B 123 12.59 -19.75 -43.72
N PHE B 124 13.17 -20.56 -42.85
CA PHE B 124 14.29 -20.20 -41.97
C PHE B 124 15.47 -21.11 -42.32
N ALA B 125 16.66 -20.53 -42.40
CA ALA B 125 17.96 -21.25 -42.49
C ALA B 125 18.29 -21.86 -41.12
N ASP B 126 17.48 -22.82 -40.66
CA ASP B 126 17.64 -23.53 -39.36
C ASP B 126 18.93 -24.37 -39.39
N ASN B 127 19.44 -24.70 -40.58
CA ASN B 127 20.79 -25.32 -40.71
C ASN B 127 21.84 -24.39 -40.09
N GLU B 128 21.73 -23.08 -40.31
CA GLU B 128 22.73 -22.08 -39.85
C GLU B 128 22.69 -22.00 -38.32
N SER B 129 21.49 -21.93 -37.72
CA SER B 129 21.35 -21.91 -36.24
C SER B 129 21.78 -23.27 -35.69
N GLY B 130 21.41 -24.35 -36.36
CA GLY B 130 21.78 -25.72 -35.97
C GLY B 130 23.29 -25.87 -35.88
N TYR B 131 24.02 -25.40 -36.90
CA TYR B 131 25.50 -25.36 -36.94
C TYR B 131 26.02 -24.72 -35.67
N LEU B 132 25.53 -23.53 -35.33
CA LEU B 132 26.00 -22.82 -34.11
C LEU B 132 25.72 -23.70 -32.88
N ALA B 133 24.57 -24.38 -32.82
CA ALA B 133 24.21 -25.24 -31.67
C ALA B 133 25.19 -26.42 -31.61
N GLY B 134 25.58 -26.95 -32.77
CA GLY B 134 26.58 -28.04 -32.88
C GLY B 134 27.93 -27.60 -32.33
N VAL B 135 28.42 -26.42 -32.72
CA VAL B 135 29.70 -25.86 -32.23
C VAL B 135 29.61 -25.73 -30.70
N ALA B 136 28.49 -25.26 -30.20
CA ALA B 136 28.26 -25.11 -28.75
C ALA B 136 28.37 -26.47 -28.08
N ALA B 137 27.69 -27.48 -28.63
CA ALA B 137 27.59 -28.84 -28.03
C ALA B 137 28.99 -29.48 -28.01
N ALA B 138 29.73 -29.35 -29.11
CA ALA B 138 31.08 -29.93 -29.32
C ALA B 138 32.09 -29.32 -28.33
N LYS B 139 31.86 -28.08 -27.89
CA LYS B 139 32.78 -27.35 -27.00
C LYS B 139 32.42 -27.63 -25.53
N THR B 140 31.36 -28.39 -25.24
CA THR B 140 30.97 -28.65 -23.82
C THR B 140 30.80 -30.16 -23.52
N THR B 141 30.64 -31.06 -24.50
CA THR B 141 30.53 -32.53 -24.21
C THR B 141 31.75 -33.00 -23.40
N LYS B 142 31.52 -33.74 -22.32
CA LYS B 142 32.58 -34.48 -21.58
C LYS B 142 32.62 -35.94 -22.06
N THR B 143 31.46 -36.53 -22.37
CA THR B 143 31.33 -37.94 -22.85
C THR B 143 31.67 -38.06 -24.34
N LYS B 144 31.83 -36.93 -25.04
CA LYS B 144 32.07 -36.85 -26.52
C LYS B 144 30.96 -37.59 -27.28
N GLN B 145 29.74 -37.59 -26.74
CA GLN B 145 28.52 -38.12 -27.40
C GLN B 145 27.33 -37.19 -27.15
N VAL B 146 26.62 -36.79 -28.21
CA VAL B 146 25.44 -35.88 -28.13
C VAL B 146 24.24 -36.52 -28.84
N GLY B 147 23.04 -36.09 -28.45
CA GLY B 147 21.76 -36.56 -28.96
C GLY B 147 21.03 -35.49 -29.76
N PHE B 148 20.29 -35.93 -30.77
CA PHE B 148 19.35 -35.12 -31.58
C PHE B 148 18.01 -35.85 -31.62
N VAL B 149 16.96 -35.21 -31.12
CA VAL B 149 15.57 -35.74 -31.12
C VAL B 149 14.72 -34.91 -32.09
N GLY B 150 14.42 -35.47 -33.26
CA GLY B 150 13.61 -34.79 -34.27
C GLY B 150 12.14 -35.09 -34.10
N GLY B 151 11.26 -34.31 -34.72
CA GLY B 151 9.83 -34.63 -34.62
C GLY B 151 9.39 -35.52 -35.77
N ILE B 152 9.25 -34.94 -36.94
CA ILE B 152 8.83 -35.72 -38.13
C ILE B 152 9.94 -35.61 -39.16
N GLU B 153 10.41 -36.74 -39.69
CA GLU B 153 11.41 -36.75 -40.78
C GLU B 153 10.86 -35.89 -41.92
N SER B 154 11.63 -34.90 -42.37
CA SER B 154 11.19 -33.82 -43.28
C SER B 154 12.38 -33.01 -43.73
N GLU B 155 12.21 -32.27 -44.83
CA GLU B 155 13.21 -31.32 -45.35
C GLU B 155 13.56 -30.33 -44.24
N VAL B 156 12.54 -29.86 -43.50
CA VAL B 156 12.69 -28.82 -42.44
C VAL B 156 13.60 -29.35 -41.33
N ILE B 157 13.28 -30.51 -40.76
CA ILE B 157 14.03 -31.03 -39.59
C ILE B 157 15.40 -31.54 -40.05
N SER B 158 15.51 -32.08 -41.27
CA SER B 158 16.83 -32.54 -41.76
C SER B 158 17.73 -31.30 -42.05
N ARG B 159 17.18 -30.11 -42.19
CA ARG B 159 17.95 -28.85 -42.26
C ARG B 159 18.64 -28.64 -40.90
N PHE B 160 17.90 -28.79 -39.79
CA PHE B 160 18.44 -28.63 -38.43
C PHE B 160 19.52 -29.70 -38.19
N GLU B 161 19.21 -30.94 -38.53
CA GLU B 161 20.07 -32.14 -38.26
C GLU B 161 21.41 -31.99 -39.00
N ALA B 162 21.36 -31.67 -40.29
CA ALA B 162 22.55 -31.54 -41.17
C ALA B 162 23.44 -30.42 -40.64
N GLY B 163 22.84 -29.27 -40.30
CA GLY B 163 23.57 -28.13 -39.73
C GLY B 163 24.21 -28.49 -38.40
N PHE B 164 23.48 -29.19 -37.54
CA PHE B 164 23.94 -29.59 -36.19
C PHE B 164 25.14 -30.54 -36.31
N LYS B 165 25.01 -31.58 -37.14
CA LYS B 165 26.09 -32.58 -37.41
C LYS B 165 27.33 -31.86 -37.95
N ALA B 166 27.15 -30.95 -38.91
CA ALA B 166 28.25 -30.22 -39.57
C ALA B 166 28.97 -29.35 -38.54
N GLY B 167 28.23 -28.76 -37.61
CA GLY B 167 28.78 -27.84 -36.59
C GLY B 167 29.55 -28.58 -35.54
N VAL B 168 29.06 -29.74 -35.14
CA VAL B 168 29.77 -30.66 -34.20
C VAL B 168 31.09 -31.09 -34.85
N ALA B 169 31.07 -31.49 -36.12
CA ALA B 169 32.22 -32.03 -36.89
C ALA B 169 33.30 -30.95 -37.08
N SER B 170 32.91 -29.67 -37.18
CA SER B 170 33.83 -28.53 -37.49
C SER B 170 34.80 -28.28 -36.31
N VAL B 171 34.42 -28.76 -35.12
CA VAL B 171 35.16 -28.64 -33.84
C VAL B 171 35.90 -29.96 -33.55
N ASP B 172 35.21 -31.11 -33.63
CA ASP B 172 35.73 -32.45 -33.23
C ASP B 172 34.92 -33.54 -33.93
N PRO B 173 35.39 -34.07 -35.08
CA PRO B 173 34.68 -35.13 -35.79
C PRO B 173 34.57 -36.46 -35.04
N SER B 174 35.38 -36.65 -33.98
CA SER B 174 35.38 -37.85 -33.11
C SER B 174 34.02 -37.97 -32.40
N ILE B 175 33.32 -36.85 -32.17
CA ILE B 175 32.05 -36.81 -31.39
C ILE B 175 30.95 -37.54 -32.17
N LYS B 176 30.24 -38.42 -31.48
CA LYS B 176 29.12 -39.25 -32.03
C LYS B 176 27.80 -38.50 -31.79
N VAL B 177 27.02 -38.32 -32.85
CA VAL B 177 25.65 -37.73 -32.79
C VAL B 177 24.63 -38.85 -32.98
N GLN B 178 23.94 -39.24 -31.91
CA GLN B 178 22.80 -40.19 -31.95
C GLN B 178 21.54 -39.41 -32.41
N VAL B 179 20.92 -39.86 -33.49
CA VAL B 179 19.71 -39.22 -34.10
C VAL B 179 18.53 -40.17 -33.94
N ASP B 180 17.40 -39.66 -33.47
CA ASP B 180 16.14 -40.42 -33.26
C ASP B 180 14.96 -39.47 -33.50
N TYR B 181 13.98 -39.92 -34.26
CA TYR B 181 12.77 -39.16 -34.62
C TYR B 181 11.57 -39.77 -33.88
N ALA B 182 10.69 -38.90 -33.37
CA ALA B 182 9.50 -39.28 -32.59
C ALA B 182 8.32 -39.63 -33.51
N GLY B 183 8.30 -39.12 -34.74
CA GLY B 183 7.18 -39.25 -35.70
C GLY B 183 6.05 -38.27 -35.41
N SER B 184 6.25 -37.29 -34.51
CA SER B 184 5.21 -36.30 -34.13
C SER B 184 5.82 -35.04 -33.47
N PHE B 185 5.13 -33.91 -33.60
CA PHE B 185 5.45 -32.65 -32.90
C PHE B 185 4.56 -32.48 -31.66
N GLY B 186 3.63 -33.42 -31.39
CA GLY B 186 2.74 -33.33 -30.20
C GLY B 186 2.71 -34.63 -29.41
N ASP B 187 3.88 -35.21 -29.12
CA ASP B 187 4.01 -36.54 -28.44
C ASP B 187 5.11 -36.48 -27.37
N ALA B 188 4.84 -35.85 -26.23
CA ALA B 188 5.79 -35.66 -25.10
C ALA B 188 6.29 -37.03 -24.60
N ALA B 189 5.41 -38.02 -24.52
CA ALA B 189 5.73 -39.36 -23.97
C ALA B 189 6.85 -39.98 -24.82
N LYS B 190 6.79 -39.86 -26.14
CA LYS B 190 7.81 -40.42 -27.06
C LYS B 190 9.11 -39.64 -26.91
N GLY B 191 9.04 -38.32 -26.74
CA GLY B 191 10.22 -37.47 -26.48
C GLY B 191 10.94 -37.92 -25.22
N LYS B 192 10.20 -38.21 -24.17
CA LYS B 192 10.74 -38.68 -22.86
C LYS B 192 11.48 -40.02 -23.05
N THR B 193 10.87 -41.02 -23.72
CA THR B 193 11.51 -42.35 -23.84
C THR B 193 12.73 -42.24 -24.76
N ILE B 194 12.68 -41.43 -25.83
CA ILE B 194 13.88 -41.27 -26.74
C ILE B 194 15.02 -40.63 -25.95
N ALA B 195 14.75 -39.58 -25.18
CA ALA B 195 15.78 -38.83 -24.42
C ALA B 195 16.38 -39.78 -23.36
N ALA B 196 15.54 -40.51 -22.62
CA ALA B 196 15.95 -41.51 -21.61
C ALA B 196 17.01 -42.45 -22.24
N ALA B 197 16.70 -42.98 -23.43
CA ALA B 197 17.56 -43.96 -24.14
C ALA B 197 18.85 -43.28 -24.59
N GLN B 198 18.77 -42.04 -25.10
CA GLN B 198 19.95 -41.30 -25.64
C GLN B 198 20.91 -41.00 -24.48
N TYR B 199 20.39 -40.59 -23.32
CA TYR B 199 21.17 -40.24 -22.09
C TYR B 199 21.82 -41.52 -21.53
N ALA B 200 21.03 -42.59 -21.34
CA ALA B 200 21.47 -43.91 -20.85
C ALA B 200 22.59 -44.50 -21.73
N ALA B 201 22.61 -44.20 -23.03
CA ALA B 201 23.64 -44.66 -24.00
C ALA B 201 24.84 -43.71 -24.03
N GLY B 202 24.85 -42.67 -23.18
CA GLY B 202 26.04 -41.86 -22.86
C GLY B 202 26.09 -40.48 -23.50
N ALA B 203 24.99 -39.99 -24.08
CA ALA B 203 24.86 -38.57 -24.49
C ALA B 203 24.81 -37.70 -23.23
N ASP B 204 25.54 -36.58 -23.19
CA ASP B 204 25.42 -35.62 -22.06
C ASP B 204 24.76 -34.31 -22.54
N ILE B 205 24.38 -34.21 -23.82
CA ILE B 205 23.66 -33.06 -24.41
C ILE B 205 22.64 -33.59 -25.41
N VAL B 206 21.36 -33.21 -25.27
CA VAL B 206 20.31 -33.50 -26.29
C VAL B 206 19.76 -32.19 -26.85
N TYR B 207 19.81 -32.09 -28.16
CA TYR B 207 19.18 -31.00 -28.92
C TYR B 207 17.79 -31.52 -29.33
N GLN B 208 16.74 -30.94 -28.79
CA GLN B 208 15.38 -31.42 -29.15
C GLN B 208 14.78 -30.46 -30.18
N VAL B 209 14.44 -31.00 -31.33
CA VAL B 209 13.87 -30.23 -32.47
C VAL B 209 12.61 -30.96 -32.88
N ALA B 210 11.59 -30.89 -32.03
CA ALA B 210 10.35 -31.65 -32.22
C ALA B 210 9.16 -30.92 -31.59
N GLY B 211 9.25 -29.60 -31.51
CA GLY B 211 8.18 -28.77 -30.91
C GLY B 211 7.77 -29.30 -29.55
N GLY B 212 6.48 -29.53 -29.35
CA GLY B 212 5.87 -29.93 -28.07
C GLY B 212 6.33 -31.33 -27.61
N THR B 213 6.72 -32.21 -28.53
CA THR B 213 7.34 -33.53 -28.21
C THR B 213 8.53 -33.26 -27.26
N GLY B 214 9.19 -32.13 -27.45
CA GLY B 214 10.37 -31.68 -26.70
C GLY B 214 10.09 -31.53 -25.22
N ALA B 215 8.84 -31.27 -24.81
CA ALA B 215 8.48 -31.18 -23.37
C ALA B 215 8.94 -32.47 -22.65
N GLY B 216 8.85 -33.63 -23.32
CA GLY B 216 9.30 -34.93 -22.80
C GLY B 216 10.81 -34.96 -22.56
N VAL B 217 11.59 -34.40 -23.49
CA VAL B 217 13.07 -34.33 -23.36
C VAL B 217 13.44 -33.49 -22.14
N PHE B 218 12.79 -32.34 -21.94
CA PHE B 218 12.97 -31.46 -20.74
C PHE B 218 12.63 -32.26 -19.47
N ALA B 219 11.54 -33.03 -19.48
CA ALA B 219 11.07 -33.81 -18.32
C ALA B 219 12.12 -34.89 -17.96
N GLU B 220 12.64 -35.60 -18.96
CA GLU B 220 13.66 -36.66 -18.71
C GLU B 220 14.91 -36.02 -18.09
N ALA B 221 15.51 -35.03 -18.75
CA ALA B 221 16.72 -34.31 -18.28
C ALA B 221 16.52 -33.81 -16.84
N LYS B 222 15.35 -33.26 -16.53
CA LYS B 222 15.09 -32.70 -15.19
C LYS B 222 15.16 -33.83 -14.15
N SER B 223 14.47 -34.94 -14.41
CA SER B 223 14.39 -36.11 -13.49
C SER B 223 15.80 -36.71 -13.26
N LEU B 224 16.59 -36.93 -14.31
CA LEU B 224 17.99 -37.41 -14.17
C LEU B 224 18.80 -36.43 -13.32
N ASN B 225 18.64 -35.13 -13.57
CA ASN B 225 19.49 -34.07 -12.99
C ASN B 225 19.11 -33.84 -11.51
N GLU B 226 17.83 -33.99 -11.15
CA GLU B 226 17.33 -33.85 -9.76
C GLU B 226 17.88 -34.96 -8.87
N SER B 227 18.24 -36.11 -9.46
CA SER B 227 18.71 -37.33 -8.76
C SER B 227 20.22 -37.48 -8.89
N ARG B 228 20.95 -36.39 -9.14
CA ARG B 228 22.42 -36.41 -9.32
C ARG B 228 23.04 -35.15 -8.74
N PRO B 229 24.39 -35.13 -8.55
CA PRO B 229 25.09 -33.88 -8.24
C PRO B 229 25.12 -32.94 -9.45
N GLU B 230 25.18 -31.64 -9.16
CA GLU B 230 25.16 -30.51 -10.13
C GLU B 230 26.25 -30.72 -11.20
N ASN B 231 27.44 -31.15 -10.82
CA ASN B 231 28.62 -31.23 -11.74
C ASN B 231 28.47 -32.43 -12.69
N GLU B 232 27.53 -33.35 -12.44
CA GLU B 232 27.30 -34.56 -13.29
C GLU B 232 26.01 -34.37 -14.11
N LYS B 233 25.53 -33.13 -14.25
CA LYS B 233 24.23 -32.86 -14.88
C LYS B 233 24.37 -33.14 -16.37
N VAL B 234 23.21 -33.25 -17.00
CA VAL B 234 23.00 -33.61 -18.42
C VAL B 234 22.28 -32.40 -19.05
N TRP B 235 22.65 -31.99 -20.26
CA TRP B 235 22.18 -30.72 -20.88
C TRP B 235 21.06 -31.00 -21.90
N VAL B 236 20.17 -30.02 -22.08
CA VAL B 236 19.27 -29.85 -23.26
C VAL B 236 19.64 -28.54 -23.98
N ILE B 237 19.57 -28.55 -25.31
CA ILE B 237 19.64 -27.35 -26.17
C ILE B 237 18.20 -26.98 -26.54
N GLY B 238 17.80 -25.73 -26.23
CA GLY B 238 16.45 -25.22 -26.51
C GLY B 238 16.27 -24.96 -27.99
N VAL B 239 15.03 -24.76 -28.42
CA VAL B 239 14.70 -24.63 -29.87
C VAL B 239 13.59 -23.59 -30.03
N ASP B 240 13.69 -22.79 -31.11
CA ASP B 240 12.65 -21.85 -31.61
C ASP B 240 12.60 -20.61 -30.68
N ARG B 241 12.27 -20.80 -29.42
CA ARG B 241 12.32 -19.75 -28.36
C ARG B 241 13.56 -19.96 -27.48
N ASP B 242 13.99 -18.90 -26.80
CA ASP B 242 14.96 -18.98 -25.67
C ASP B 242 14.26 -19.74 -24.54
N GLN B 243 14.64 -20.99 -24.28
CA GLN B 243 13.94 -21.90 -23.33
C GLN B 243 14.73 -21.96 -22.01
N GLU B 244 15.68 -21.04 -21.76
CA GLU B 244 16.51 -21.00 -20.50
C GLU B 244 15.63 -21.23 -19.27
N ALA B 245 14.47 -20.59 -19.19
CA ALA B 245 13.57 -20.66 -18.01
C ALA B 245 13.07 -22.10 -17.78
N GLU B 246 13.03 -22.94 -18.81
CA GLU B 246 12.54 -24.35 -18.69
C GLU B 246 13.64 -25.27 -18.11
N GLY B 247 14.87 -24.76 -17.96
CA GLY B 247 16.03 -25.55 -17.49
C GLY B 247 16.28 -25.41 -16.01
N LYS B 248 15.48 -24.63 -15.28
CA LYS B 248 15.56 -24.48 -13.81
C LYS B 248 15.37 -25.86 -13.14
N TYR B 249 16.27 -26.21 -12.23
CA TYR B 249 16.14 -27.39 -11.32
C TYR B 249 17.03 -27.18 -10.10
N THR B 250 16.82 -28.03 -9.10
CA THR B 250 17.69 -28.15 -7.88
C THR B 250 18.29 -29.56 -7.89
N SER B 251 19.61 -29.64 -7.77
CA SER B 251 20.41 -30.88 -7.83
C SER B 251 20.21 -31.76 -6.59
N LYS B 252 20.71 -33.01 -6.63
CA LYS B 252 20.54 -33.88 -5.45
C LYS B 252 21.31 -33.30 -4.25
N ASP B 253 22.38 -32.56 -4.52
CA ASP B 253 23.26 -32.00 -3.46
C ASP B 253 22.87 -30.56 -3.12
N GLY B 254 21.62 -30.18 -3.42
CA GLY B 254 21.00 -28.92 -3.00
C GLY B 254 21.37 -27.70 -3.82
N LYS B 255 22.17 -27.83 -4.87
CA LYS B 255 22.56 -26.61 -5.64
C LYS B 255 21.49 -26.26 -6.69
N GLU B 256 21.02 -25.02 -6.69
CA GLU B 256 20.06 -24.55 -7.72
C GLU B 256 20.86 -24.20 -8.99
N SER B 257 20.45 -24.76 -10.12
CA SER B 257 21.20 -24.69 -11.40
C SER B 257 20.25 -24.64 -12.60
N ASN B 258 20.81 -24.89 -13.79
CA ASN B 258 20.07 -24.78 -15.07
C ASN B 258 20.73 -25.71 -16.07
N PHE B 259 19.96 -26.57 -16.73
CA PHE B 259 20.48 -27.60 -17.67
C PHE B 259 20.25 -27.18 -19.15
N VAL B 260 19.77 -25.96 -19.42
CA VAL B 260 19.75 -25.44 -20.82
C VAL B 260 21.13 -24.86 -21.14
N LEU B 261 21.83 -25.45 -22.09
CA LEU B 261 23.18 -25.01 -22.50
C LEU B 261 23.05 -23.73 -23.34
N VAL B 262 22.10 -23.75 -24.27
CA VAL B 262 22.04 -22.83 -25.44
C VAL B 262 20.66 -23.05 -26.07
N SER B 263 20.08 -22.08 -26.77
CA SER B 263 18.82 -22.27 -27.54
C SER B 263 19.03 -21.74 -28.96
N THR B 264 18.56 -22.48 -29.96
CA THR B 264 18.40 -21.92 -31.32
C THR B 264 17.12 -21.09 -31.29
N LEU B 265 17.16 -19.93 -31.95
CA LEU B 265 16.00 -19.02 -32.07
C LEU B 265 15.52 -19.06 -33.51
N LYS B 266 14.21 -19.04 -33.66
CA LYS B 266 13.50 -18.96 -34.95
C LYS B 266 12.44 -17.89 -34.75
N GLN B 267 12.58 -16.75 -35.40
CA GLN B 267 11.75 -15.56 -35.01
C GLN B 267 10.39 -15.67 -35.73
N VAL B 268 9.62 -16.73 -35.45
CA VAL B 268 8.30 -16.98 -36.11
C VAL B 268 7.34 -15.85 -35.70
N GLY B 269 7.28 -15.50 -34.42
CA GLY B 269 6.42 -14.41 -33.92
C GLY B 269 6.67 -13.10 -34.64
N THR B 270 7.94 -12.74 -34.75
CA THR B 270 8.38 -11.49 -35.43
C THR B 270 7.88 -11.53 -36.88
N THR B 271 8.03 -12.64 -37.58
CA THR B 271 7.56 -12.78 -38.98
C THR B 271 6.05 -12.59 -39.06
N VAL B 272 5.29 -13.20 -38.15
CA VAL B 272 3.80 -13.10 -38.15
C VAL B 272 3.41 -11.63 -38.01
N LYS B 273 4.05 -10.91 -37.12
CA LYS B 273 3.75 -9.48 -36.83
C LYS B 273 4.13 -8.64 -38.05
N ASP B 274 5.31 -8.85 -38.64
CA ASP B 274 5.81 -8.06 -39.80
C ASP B 274 4.88 -8.26 -40.99
N ILE B 275 4.50 -9.50 -41.31
CA ILE B 275 3.66 -9.79 -42.50
C ILE B 275 2.24 -9.30 -42.26
N SER B 276 1.74 -9.41 -41.03
CA SER B 276 0.41 -8.89 -40.67
C SER B 276 0.39 -7.38 -40.91
N ASN B 277 1.44 -6.67 -40.52
CA ASN B 277 1.54 -5.19 -40.76
C ASN B 277 1.59 -4.90 -42.27
N LYS B 278 2.33 -5.69 -43.04
CA LYS B 278 2.44 -5.48 -44.50
C LYS B 278 1.07 -5.71 -45.14
N ALA B 279 0.35 -6.78 -44.75
CA ALA B 279 -0.99 -7.10 -45.26
C ALA B 279 -1.94 -5.96 -44.94
N GLU B 280 -1.92 -5.44 -43.72
CA GLU B 280 -2.80 -4.32 -43.32
C GLU B 280 -2.50 -3.07 -44.18
N ARG B 281 -1.24 -2.78 -44.51
CA ARG B 281 -0.87 -1.58 -45.31
CA ARG B 281 -0.90 -1.57 -45.30
C ARG B 281 -1.10 -1.81 -46.80
N GLY B 282 -1.62 -2.99 -47.21
CA GLY B 282 -1.85 -3.31 -48.64
C GLY B 282 -0.56 -3.61 -49.39
N GLU B 283 0.47 -4.11 -48.71
CA GLU B 283 1.79 -4.47 -49.30
C GLU B 283 2.09 -5.94 -49.03
N PHE B 284 1.07 -6.78 -49.05
CA PHE B 284 1.20 -8.23 -48.79
C PHE B 284 2.13 -8.79 -49.87
N PRO B 285 3.21 -9.50 -49.49
CA PRO B 285 4.18 -10.03 -50.45
C PRO B 285 3.73 -11.36 -51.09
N GLY B 286 2.56 -11.34 -51.73
CA GLY B 286 1.96 -12.48 -52.45
C GLY B 286 2.89 -13.03 -53.53
N GLY B 287 2.99 -14.35 -53.61
CA GLY B 287 3.83 -15.06 -54.61
C GLY B 287 5.30 -15.11 -54.22
N GLN B 288 5.73 -14.44 -53.15
CA GLN B 288 7.16 -14.36 -52.78
C GLN B 288 7.54 -15.47 -51.81
N VAL B 289 8.83 -15.84 -51.80
CA VAL B 289 9.47 -16.71 -50.77
C VAL B 289 10.39 -15.81 -49.95
N ILE B 290 10.07 -15.62 -48.67
CA ILE B 290 10.92 -14.82 -47.75
C ILE B 290 11.81 -15.79 -46.99
N VAL B 291 13.14 -15.68 -47.17
CA VAL B 291 14.14 -16.53 -46.47
C VAL B 291 14.78 -15.71 -45.35
N TYR B 292 14.58 -16.14 -44.11
CA TYR B 292 15.24 -15.59 -42.90
C TYR B 292 16.44 -16.49 -42.61
N SER B 293 17.57 -15.86 -42.28
CA SER B 293 18.86 -16.54 -42.06
C SER B 293 19.60 -15.82 -40.93
N LEU B 294 20.81 -16.26 -40.65
CA LEU B 294 21.69 -15.68 -39.60
C LEU B 294 21.90 -14.17 -39.89
N LYS B 295 22.06 -13.79 -41.16
CA LYS B 295 22.39 -12.40 -41.60
C LYS B 295 21.37 -11.43 -41.01
N ASP B 296 20.07 -11.68 -41.19
CA ASP B 296 18.96 -10.76 -40.83
C ASP B 296 18.41 -11.09 -39.43
N LYS B 297 19.10 -11.96 -38.67
CA LYS B 297 18.73 -12.34 -37.28
C LYS B 297 17.35 -13.02 -37.20
N GLY B 298 16.88 -13.60 -38.31
CA GLY B 298 15.65 -14.43 -38.32
C GLY B 298 15.87 -15.75 -37.58
N VAL B 299 17.08 -16.29 -37.65
CA VAL B 299 17.56 -17.37 -36.75
C VAL B 299 18.78 -16.84 -36.01
N ASP B 300 19.06 -17.41 -34.84
CA ASP B 300 20.24 -17.06 -34.03
C ASP B 300 20.52 -18.20 -33.04
N LEU B 301 21.59 -18.05 -32.26
CA LEU B 301 21.83 -18.84 -31.03
C LEU B 301 21.85 -17.91 -29.82
N ALA B 302 21.01 -18.18 -28.81
CA ALA B 302 21.17 -17.60 -27.45
C ALA B 302 22.24 -18.41 -26.70
N VAL B 303 23.32 -17.77 -26.25
CA VAL B 303 24.56 -18.46 -25.79
C VAL B 303 24.53 -18.65 -24.26
N THR B 304 23.40 -18.33 -23.63
CA THR B 304 23.00 -18.59 -22.21
C THR B 304 24.16 -19.12 -21.33
N ASN B 305 24.32 -20.45 -21.19
CA ASN B 305 25.17 -21.07 -20.15
C ASN B 305 26.45 -21.67 -20.76
N LEU B 306 26.79 -21.27 -21.98
CA LEU B 306 28.01 -21.75 -22.68
C LEU B 306 29.27 -21.15 -22.00
N SER B 307 30.34 -21.94 -21.96
CA SER B 307 31.71 -21.54 -21.54
C SER B 307 32.26 -20.44 -22.46
N GLU B 308 33.15 -19.59 -21.94
CA GLU B 308 33.79 -18.47 -22.69
C GLU B 308 34.41 -19.01 -24.00
N GLU B 309 35.09 -20.17 -23.92
CA GLU B 309 35.74 -20.85 -25.08
C GLU B 309 34.68 -21.16 -26.13
N GLY B 310 33.53 -21.69 -25.71
CA GLY B 310 32.38 -21.99 -26.58
C GLY B 310 31.84 -20.77 -27.27
N LYS B 311 31.62 -19.68 -26.55
CA LYS B 311 31.13 -18.40 -27.14
C LYS B 311 32.10 -17.92 -28.22
N LYS B 312 33.41 -18.08 -28.04
CA LYS B 312 34.44 -17.70 -29.05
C LYS B 312 34.26 -18.55 -30.30
N ALA B 313 34.16 -19.87 -30.15
CA ALA B 313 33.94 -20.81 -31.28
C ALA B 313 32.63 -20.44 -32.00
N VAL B 314 31.59 -20.05 -31.26
CA VAL B 314 30.26 -19.68 -31.84
C VAL B 314 30.41 -18.38 -32.63
N GLU B 315 30.98 -17.34 -32.03
CA GLU B 315 31.16 -16.01 -32.69
C GLU B 315 32.01 -16.20 -33.94
N ASP B 316 33.02 -17.08 -33.91
CA ASP B 316 33.95 -17.31 -35.04
C ASP B 316 33.21 -18.04 -36.16
N ALA B 317 32.44 -19.08 -35.81
CA ALA B 317 31.65 -19.88 -36.77
C ALA B 317 30.58 -18.99 -37.41
N LYS B 318 29.96 -18.09 -36.62
CA LYS B 318 28.91 -17.17 -37.12
C LYS B 318 29.52 -16.26 -38.21
N ALA B 319 30.67 -15.65 -37.93
CA ALA B 319 31.39 -14.74 -38.86
C ALA B 319 31.65 -15.46 -40.19
N LYS B 320 32.14 -16.71 -40.13
CA LYS B 320 32.47 -17.50 -41.35
C LYS B 320 31.20 -17.85 -42.16
N ILE B 321 30.04 -18.02 -41.51
CA ILE B 321 28.76 -18.31 -42.22
C ILE B 321 28.32 -17.02 -42.92
N LEU B 322 28.40 -15.87 -42.23
CA LEU B 322 28.07 -14.53 -42.81
C LEU B 322 29.01 -14.19 -43.98
N ASP B 323 30.31 -14.46 -43.86
CA ASP B 323 31.35 -14.25 -44.91
C ASP B 323 31.08 -15.06 -46.17
N GLY B 324 30.64 -16.32 -45.98
CA GLY B 324 30.52 -17.33 -47.07
C GLY B 324 31.68 -18.30 -47.05
N SER B 325 32.62 -18.11 -46.11
CA SER B 325 33.83 -18.96 -45.91
C SER B 325 33.41 -20.38 -45.49
N VAL B 326 32.34 -20.52 -44.69
CA VAL B 326 31.68 -21.82 -44.35
C VAL B 326 30.30 -21.85 -45.01
N LYS B 327 30.01 -22.89 -45.78
CA LYS B 327 28.66 -23.10 -46.34
C LYS B 327 28.06 -24.26 -45.53
N VAL B 328 26.91 -24.03 -44.90
CA VAL B 328 26.28 -25.11 -44.10
C VAL B 328 25.37 -25.94 -45.00
N PRO B 329 25.46 -27.27 -44.96
CA PRO B 329 24.61 -28.12 -45.75
C PRO B 329 23.18 -28.10 -45.19
N GLU B 330 22.18 -28.21 -46.07
CA GLU B 330 20.76 -28.25 -45.64
C GLU B 330 20.21 -29.67 -45.70
N LYS B 331 21.03 -30.65 -46.11
CA LYS B 331 20.56 -32.04 -46.20
C LYS B 331 21.66 -33.01 -45.74
N SER C 1 -37.68 36.48 -0.89
CA SER C 1 -38.83 37.07 -1.62
C SER C 1 -40.00 36.09 -1.65
N SER C 2 -39.77 34.82 -1.31
CA SER C 2 -40.84 33.79 -1.44
C SER C 2 -41.80 33.74 -0.24
N HIS C 3 -42.57 34.80 -0.04
CA HIS C 3 -43.62 34.84 1.02
C HIS C 3 -44.96 34.65 0.31
N HIS C 4 -45.65 33.53 0.51
CA HIS C 4 -46.94 33.29 -0.18
C HIS C 4 -48.09 33.77 0.72
N HIS C 5 -49.23 33.10 0.67
CA HIS C 5 -50.45 33.39 1.47
C HIS C 5 -50.84 32.08 2.12
N HIS C 6 -51.78 32.09 3.09
CA HIS C 6 -52.31 30.88 3.72
C HIS C 6 -53.77 31.11 4.07
N HIS C 7 -54.52 30.02 4.23
CA HIS C 7 -55.95 29.98 4.57
C HIS C 7 -56.16 29.14 5.85
N HIS C 8 -57.08 29.57 6.71
CA HIS C 8 -57.59 28.79 7.86
C HIS C 8 -59.02 28.34 7.53
N MET C 9 -59.46 27.18 8.03
CA MET C 9 -60.89 26.75 8.00
C MET C 9 -61.47 26.66 9.43
N SER C 10 -62.78 26.74 9.57
CA SER C 10 -63.47 26.63 10.88
C SER C 10 -63.43 25.19 11.44
N GLY C 11 -63.45 24.16 10.57
CA GLY C 11 -63.92 22.79 10.89
C GLY C 11 -63.19 22.11 12.05
N GLU C 12 -63.90 21.27 12.81
CA GLU C 12 -63.39 20.62 14.03
C GLU C 12 -63.30 19.11 13.87
N ASN C 13 -63.52 18.56 12.68
CA ASN C 13 -63.67 17.08 12.52
C ASN C 13 -62.46 16.50 11.75
N LEU C 14 -61.35 17.24 11.61
CA LEU C 14 -60.15 16.75 10.87
C LEU C 14 -59.24 15.97 11.82
N TYR C 15 -58.80 14.80 11.35
CA TYR C 15 -57.90 13.88 12.08
C TYR C 15 -56.78 13.42 11.13
N PHE C 16 -55.63 13.02 11.65
CA PHE C 16 -54.61 12.36 10.81
C PHE C 16 -54.40 10.97 11.38
N GLN C 17 -54.23 10.02 10.47
CA GLN C 17 -53.68 8.67 10.68
C GLN C 17 -52.22 8.84 11.09
N GLY C 18 -51.85 8.25 12.21
CA GLY C 18 -50.46 8.17 12.68
C GLY C 18 -49.70 7.05 11.96
N ALA C 19 -48.39 7.03 12.09
CA ALA C 19 -47.53 6.01 11.43
C ALA C 19 -47.82 4.64 12.02
N SER C 20 -47.48 3.59 11.31
CA SER C 20 -47.34 2.21 11.85
C SER C 20 -45.91 1.78 11.55
N ALA C 21 -45.14 1.55 12.61
CA ALA C 21 -43.67 1.34 12.51
C ALA C 21 -43.34 -0.07 12.94
N ALA C 22 -42.52 -0.74 12.15
CA ALA C 22 -41.99 -2.10 12.44
C ALA C 22 -40.47 -2.09 12.33
N ILE C 23 -39.82 -2.91 13.14
CA ILE C 23 -38.38 -3.16 12.98
C ILE C 23 -38.23 -4.59 12.44
N VAL C 24 -37.37 -4.74 11.45
CA VAL C 24 -36.86 -6.05 10.99
C VAL C 24 -35.47 -6.24 11.56
N THR C 25 -35.32 -7.28 12.35
CA THR C 25 -34.21 -7.50 13.29
C THR C 25 -33.23 -8.49 12.65
N ASP C 26 -31.96 -8.35 12.96
CA ASP C 26 -30.90 -9.23 12.43
C ASP C 26 -30.74 -10.44 13.37
N THR C 27 -29.73 -11.27 13.09
CA THR C 27 -29.47 -12.61 13.68
C THR C 27 -29.45 -12.55 15.20
N GLY C 28 -28.79 -11.55 15.81
CA GLY C 28 -28.68 -11.39 17.28
C GLY C 28 -30.01 -11.59 18.04
N GLY C 29 -31.16 -11.14 17.49
CA GLY C 29 -32.50 -11.22 18.12
C GLY C 29 -32.82 -10.04 19.03
N VAL C 30 -34.10 -9.72 19.31
CA VAL C 30 -34.52 -8.56 20.15
C VAL C 30 -34.18 -8.80 21.63
N ASP C 31 -33.58 -9.95 21.97
CA ASP C 31 -33.21 -10.34 23.36
C ASP C 31 -31.68 -10.36 23.49
N ASP C 32 -30.94 -9.67 22.63
CA ASP C 32 -29.45 -9.66 22.60
C ASP C 32 -28.86 -8.76 23.69
N LYS C 33 -29.67 -8.06 24.47
CA LYS C 33 -29.24 -7.19 25.60
C LYS C 33 -28.40 -6.01 25.10
N SER C 34 -28.41 -5.76 23.79
CA SER C 34 -27.52 -4.77 23.14
C SER C 34 -28.26 -4.13 21.97
N PHE C 35 -27.82 -4.38 20.75
CA PHE C 35 -28.17 -3.59 19.55
C PHE C 35 -29.64 -3.74 19.16
N ASN C 36 -30.09 -4.97 18.91
CA ASN C 36 -31.49 -5.24 18.47
C ASN C 36 -32.45 -4.94 19.62
N GLN C 37 -32.07 -5.29 20.85
CA GLN C 37 -32.92 -5.02 22.03
C GLN C 37 -33.11 -3.50 22.18
N SER C 38 -32.06 -2.69 21.97
CA SER C 38 -32.15 -1.21 22.06
C SER C 38 -33.22 -0.72 21.07
N ALA C 39 -33.14 -1.16 19.82
CA ALA C 39 -34.10 -0.85 18.74
C ALA C 39 -35.53 -1.15 19.22
N TRP C 40 -35.72 -2.35 19.76
CA TRP C 40 -37.06 -2.86 20.15
C TRP C 40 -37.60 -2.05 21.35
N GLU C 41 -36.73 -1.72 22.31
CA GLU C 41 -37.10 -0.89 23.49
C GLU C 41 -37.54 0.50 23.00
N GLY C 42 -36.85 1.03 22.01
CA GLY C 42 -37.18 2.34 21.43
C GLY C 42 -38.53 2.29 20.76
N LEU C 43 -38.80 1.22 19.99
CA LEU C 43 -40.10 1.11 19.27
C LEU C 43 -41.23 0.96 20.29
N GLN C 44 -41.02 0.19 21.35
CA GLN C 44 -42.01 0.02 22.44
C GLN C 44 -42.29 1.37 23.09
N ALA C 45 -41.27 2.18 23.35
CA ALA C 45 -41.44 3.49 24.00
C ALA C 45 -42.27 4.38 23.06
N TRP C 46 -42.00 4.33 21.76
CA TRP C 46 -42.75 5.10 20.75
C TRP C 46 -44.21 4.65 20.75
N GLY C 47 -44.44 3.33 20.74
CA GLY C 47 -45.79 2.72 20.81
C GLY C 47 -46.58 3.22 22.01
N LYS C 48 -45.93 3.25 23.18
CA LYS C 48 -46.55 3.69 24.46
C LYS C 48 -46.94 5.18 24.36
N GLU C 49 -46.07 6.02 23.80
CA GLU C 49 -46.33 7.47 23.60
C GLU C 49 -47.59 7.66 22.73
N HIS C 50 -47.86 6.76 21.77
CA HIS C 50 -48.98 6.90 20.80
C HIS C 50 -50.15 5.97 21.15
N ASN C 51 -50.17 5.36 22.35
CA ASN C 51 -51.31 4.55 22.85
C ASN C 51 -51.54 3.33 21.98
N LEU C 52 -50.46 2.73 21.51
CA LEU C 52 -50.49 1.53 20.64
C LEU C 52 -50.09 0.32 21.46
N SER C 53 -50.15 -0.87 20.88
CA SER C 53 -49.60 -2.10 21.51
C SER C 53 -49.02 -3.01 20.42
N LYS C 54 -48.26 -4.03 20.80
CA LYS C 54 -47.58 -4.93 19.85
C LYS C 54 -48.63 -5.52 18.90
N ASP C 55 -48.37 -5.42 17.59
CA ASP C 55 -49.23 -5.93 16.47
C ASP C 55 -50.51 -5.09 16.36
N ASN C 56 -50.57 -3.96 17.06
CA ASN C 56 -51.64 -2.93 16.93
C ASN C 56 -50.97 -1.55 16.80
N GLY C 57 -50.13 -1.37 15.78
CA GLY C 57 -49.46 -0.10 15.48
C GLY C 57 -47.94 -0.23 15.42
N PHE C 58 -47.39 -1.29 16.00
CA PHE C 58 -45.92 -1.52 15.97
C PHE C 58 -45.63 -3.01 16.20
N THR C 59 -44.54 -3.51 15.64
CA THR C 59 -44.08 -4.92 15.86
C THR C 59 -42.64 -5.10 15.42
N TYR C 60 -42.09 -6.26 15.71
CA TYR C 60 -40.76 -6.68 15.18
C TYR C 60 -40.91 -8.01 14.44
N PHE C 61 -40.12 -8.15 13.38
CA PHE C 61 -39.91 -9.40 12.62
C PHE C 61 -38.47 -9.85 12.88
N GLN C 62 -38.29 -10.99 13.56
CA GLN C 62 -36.96 -11.57 13.84
C GLN C 62 -36.48 -12.30 12.58
N SER C 63 -35.30 -11.98 12.08
CA SER C 63 -34.66 -12.72 10.96
C SER C 63 -33.78 -13.81 11.55
N THR C 64 -34.01 -15.07 11.20
CA THR C 64 -33.15 -16.23 11.63
C THR C 64 -31.96 -16.30 10.68
N SER C 65 -32.11 -15.85 9.42
CA SER C 65 -31.07 -15.96 8.36
C SER C 65 -31.24 -14.86 7.29
N GLU C 66 -30.28 -14.76 6.37
CA GLU C 66 -30.28 -13.75 5.28
C GLU C 66 -31.50 -13.98 4.39
N ALA C 67 -31.90 -15.23 4.16
CA ALA C 67 -33.06 -15.58 3.31
C ALA C 67 -34.36 -15.04 3.93
N ASP C 68 -34.38 -14.74 5.23
CA ASP C 68 -35.58 -14.21 5.94
C ASP C 68 -35.75 -12.70 5.71
N TYR C 69 -34.72 -11.97 5.27
CA TYR C 69 -34.73 -10.49 5.24
C TYR C 69 -35.86 -10.02 4.34
N ALA C 70 -35.83 -10.45 3.08
CA ALA C 70 -36.80 -10.00 2.05
C ALA C 70 -38.22 -10.45 2.44
N ASN C 71 -38.34 -11.65 2.99
CA ASN C 71 -39.65 -12.23 3.42
C ASN C 71 -40.22 -11.33 4.50
N ASN C 72 -39.41 -10.98 5.51
CA ASN C 72 -39.83 -10.15 6.66
C ASN C 72 -40.18 -8.74 6.18
N LEU C 73 -39.40 -8.15 5.27
CA LEU C 73 -39.67 -6.77 4.80
C LEU C 73 -40.99 -6.76 4.04
N GLN C 74 -41.24 -7.80 3.22
CA GLN C 74 -42.47 -7.92 2.39
C GLN C 74 -43.66 -8.11 3.34
N GLN C 75 -43.52 -8.92 4.40
CA GLN C 75 -44.57 -9.14 5.41
C GLN C 75 -44.88 -7.79 6.10
N ALA C 76 -43.85 -7.04 6.50
CA ALA C 76 -43.97 -5.71 7.15
C ALA C 76 -44.75 -4.74 6.28
N ALA C 77 -44.56 -4.79 4.95
CA ALA C 77 -45.19 -3.86 3.97
C ALA C 77 -46.72 -4.08 3.91
N GLY C 78 -47.21 -5.20 4.41
CA GLY C 78 -48.66 -5.47 4.54
C GLY C 78 -49.34 -4.48 5.46
N SER C 79 -48.74 -4.14 6.60
CA SER C 79 -49.42 -3.39 7.70
C SER C 79 -48.66 -2.12 8.15
N TYR C 80 -47.40 -1.94 7.78
CA TYR C 80 -46.53 -0.88 8.33
C TYR C 80 -46.05 0.05 7.22
N ASN C 81 -46.00 1.36 7.48
CA ASN C 81 -45.61 2.36 6.46
C ASN C 81 -44.26 2.98 6.84
N LEU C 82 -43.67 2.54 7.96
CA LEU C 82 -42.31 2.94 8.35
C LEU C 82 -41.61 1.68 8.82
N ILE C 83 -40.56 1.27 8.11
CA ILE C 83 -39.89 -0.04 8.33
C ILE C 83 -38.39 0.19 8.51
N PHE C 84 -37.88 -0.25 9.66
CA PHE C 84 -36.47 -0.14 10.05
C PHE C 84 -35.79 -1.48 9.77
N GLY C 85 -34.77 -1.48 8.93
CA GLY C 85 -33.81 -2.60 8.83
C GLY C 85 -32.70 -2.39 9.83
N VAL C 86 -32.62 -3.21 10.87
CA VAL C 86 -31.65 -3.04 11.98
C VAL C 86 -30.41 -3.90 11.69
N GLY C 87 -29.36 -3.27 11.21
CA GLY C 87 -28.06 -3.94 10.96
C GLY C 87 -27.59 -3.74 9.55
N PHE C 88 -26.28 -3.68 9.36
CA PHE C 88 -25.64 -3.43 8.03
C PHE C 88 -26.00 -4.54 7.04
N ALA C 89 -26.24 -5.77 7.50
CA ALA C 89 -26.48 -6.96 6.63
C ALA C 89 -27.80 -6.81 5.85
N LEU C 90 -28.72 -5.96 6.31
CA LEU C 90 -30.02 -5.77 5.61
C LEU C 90 -29.91 -4.73 4.49
N ASN C 91 -28.73 -4.19 4.21
CA ASN C 91 -28.52 -3.13 3.18
C ASN C 91 -29.26 -3.49 1.88
N ASN C 92 -28.92 -4.60 1.21
CA ASN C 92 -29.45 -4.92 -0.16
C ASN C 92 -30.96 -5.22 -0.09
N ALA C 93 -31.40 -5.99 0.90
CA ALA C 93 -32.84 -6.32 1.09
C ALA C 93 -33.67 -5.04 1.29
N VAL C 94 -33.15 -4.04 2.02
CA VAL C 94 -33.87 -2.76 2.24
C VAL C 94 -33.87 -1.97 0.92
N LYS C 95 -32.76 -1.96 0.18
CA LYS C 95 -32.71 -1.26 -1.13
C LYS C 95 -33.81 -1.82 -2.05
N ASP C 96 -33.94 -3.14 -2.13
CA ASP C 96 -34.92 -3.82 -3.03
C ASP C 96 -36.35 -3.51 -2.60
N ALA C 97 -36.65 -3.63 -1.30
CA ALA C 97 -38.01 -3.39 -0.74
C ALA C 97 -38.41 -1.93 -0.98
N ALA C 98 -37.48 -0.98 -0.83
CA ALA C 98 -37.76 0.47 -1.02
C ALA C 98 -38.11 0.77 -2.48
N LYS C 99 -37.51 0.04 -3.43
CA LYS C 99 -37.78 0.18 -4.89
C LYS C 99 -39.13 -0.44 -5.24
N GLU C 100 -39.55 -1.52 -4.57
CA GLU C 100 -40.88 -2.17 -4.81
C GLU C 100 -42.01 -1.31 -4.22
N HIS C 101 -41.80 -0.71 -3.04
CA HIS C 101 -42.83 0.05 -2.29
C HIS C 101 -42.38 1.50 -2.09
N THR C 102 -42.48 2.31 -3.15
CA THR C 102 -42.03 3.73 -3.17
C THR C 102 -42.95 4.56 -2.26
N ASP C 103 -44.13 4.04 -1.90
CA ASP C 103 -45.15 4.76 -1.09
C ASP C 103 -44.86 4.55 0.40
N LEU C 104 -44.01 3.59 0.76
CA LEU C 104 -43.60 3.32 2.16
C LEU C 104 -42.22 3.92 2.40
N ASN C 105 -41.90 4.13 3.68
CA ASN C 105 -40.63 4.75 4.14
C ASN C 105 -39.79 3.71 4.88
N TYR C 106 -38.50 3.67 4.59
CA TYR C 106 -37.55 2.67 5.12
C TYR C 106 -36.38 3.37 5.78
N VAL C 107 -35.86 2.77 6.83
CA VAL C 107 -34.67 3.26 7.56
C VAL C 107 -33.69 2.11 7.63
N LEU C 108 -32.45 2.34 7.23
CA LEU C 108 -31.36 1.36 7.44
C LEU C 108 -30.51 1.87 8.60
N ILE C 109 -30.32 1.02 9.59
CA ILE C 109 -29.49 1.34 10.77
C ILE C 109 -28.13 0.64 10.59
N ASP C 110 -27.05 1.39 10.82
CA ASP C 110 -25.62 0.99 10.76
C ASP C 110 -25.03 0.91 9.34
N ASP C 111 -25.67 1.46 8.32
CA ASP C 111 -25.14 1.44 6.93
C ASP C 111 -25.86 2.50 6.11
N VAL C 112 -25.31 2.81 4.95
CA VAL C 112 -25.82 3.91 4.09
C VAL C 112 -26.40 3.33 2.81
N ILE C 113 -27.59 3.80 2.43
CA ILE C 113 -28.16 3.63 1.06
C ILE C 113 -28.24 5.01 0.42
N LYS C 114 -27.73 5.17 -0.80
CA LYS C 114 -27.70 6.45 -1.54
C LYS C 114 -28.79 6.44 -2.61
N ASP C 115 -29.32 7.62 -2.92
CA ASP C 115 -30.14 7.90 -4.13
C ASP C 115 -31.49 7.15 -4.05
N GLN C 116 -32.08 7.07 -2.86
CA GLN C 116 -33.42 6.46 -2.67
C GLN C 116 -34.22 7.38 -1.74
N LYS C 117 -35.20 8.09 -2.30
CA LYS C 117 -35.97 9.19 -1.66
C LYS C 117 -36.76 8.65 -0.46
N ASN C 118 -37.09 7.37 -0.43
CA ASN C 118 -37.92 6.77 0.64
C ASN C 118 -37.03 5.99 1.62
N VAL C 119 -35.71 6.19 1.60
CA VAL C 119 -34.76 5.52 2.54
C VAL C 119 -33.92 6.56 3.27
N ALA C 120 -33.96 6.52 4.60
CA ALA C 120 -33.05 7.24 5.51
C ALA C 120 -32.01 6.26 6.01
N SER C 121 -30.79 6.72 6.18
CA SER C 121 -29.64 5.92 6.67
C SER C 121 -29.17 6.52 7.98
N VAL C 122 -28.82 5.67 8.93
CA VAL C 122 -28.38 6.10 10.28
C VAL C 122 -27.03 5.42 10.55
N THR C 123 -26.04 6.19 10.96
CA THR C 123 -24.71 5.69 11.35
C THR C 123 -24.37 6.31 12.70
N PHE C 124 -23.54 5.62 13.46
CA PHE C 124 -23.02 6.06 14.76
C PHE C 124 -21.50 6.13 14.66
N ALA C 125 -20.91 7.17 15.26
CA ALA C 125 -19.44 7.32 15.41
C ALA C 125 -18.99 6.44 16.56
N ASP C 126 -19.08 5.12 16.38
CA ASP C 126 -18.75 4.09 17.40
C ASP C 126 -17.24 4.12 17.68
N ASN C 127 -16.44 4.65 16.75
CA ASN C 127 -14.99 4.91 16.98
C ASN C 127 -14.85 5.84 18.18
N GLU C 128 -15.68 6.88 18.29
CA GLU C 128 -15.59 7.91 19.36
C GLU C 128 -15.90 7.25 20.72
N SER C 129 -16.97 6.46 20.81
CA SER C 129 -17.32 5.73 22.07
C SER C 129 -16.24 4.68 22.36
N GLY C 130 -15.77 3.98 21.33
CA GLY C 130 -14.70 2.97 21.45
C GLY C 130 -13.44 3.56 22.07
N TYR C 131 -13.01 4.73 21.57
CA TYR C 131 -11.88 5.52 22.13
C TYR C 131 -12.09 5.69 23.63
N LEU C 132 -13.25 6.19 24.05
CA LEU C 132 -13.50 6.40 25.50
C LEU C 132 -13.36 5.07 26.25
N ALA C 133 -13.86 3.96 25.69
CA ALA C 133 -13.79 2.64 26.34
C ALA C 133 -12.31 2.21 26.45
N GLY C 134 -11.50 2.53 25.43
CA GLY C 134 -10.05 2.27 25.42
C GLY C 134 -9.34 3.02 26.55
N VAL C 135 -9.63 4.31 26.70
CA VAL C 135 -9.04 5.15 27.77
C VAL C 135 -9.42 4.53 29.12
N ALA C 136 -10.68 4.11 29.26
CA ALA C 136 -11.16 3.48 30.51
C ALA C 136 -10.35 2.21 30.77
N ALA C 137 -10.19 1.35 29.76
CA ALA C 137 -9.53 0.04 29.90
C ALA C 137 -8.05 0.24 30.29
N ALA C 138 -7.38 1.17 29.61
CA ALA C 138 -5.94 1.50 29.80
C ALA C 138 -5.70 2.04 31.22
N LYS C 139 -6.68 2.68 31.84
CA LYS C 139 -6.54 3.29 33.18
C LYS C 139 -6.88 2.27 34.27
N THR C 140 -7.31 1.05 33.93
CA THR C 140 -7.69 0.05 34.99
C THR C 140 -6.94 -1.30 34.80
N THR C 141 -6.35 -1.61 33.64
CA THR C 141 -5.55 -2.87 33.47
C THR C 141 -4.45 -2.95 34.53
N LYS C 142 -4.33 -4.10 35.20
CA LYS C 142 -3.15 -4.43 36.06
C LYS C 142 -2.16 -5.27 35.25
N THR C 143 -2.64 -6.17 34.39
CA THR C 143 -1.82 -7.08 33.54
C THR C 143 -1.25 -6.36 32.31
N LYS C 144 -1.72 -5.13 32.03
CA LYS C 144 -1.37 -4.32 30.84
C LYS C 144 -1.65 -5.12 29.55
N GLN C 145 -2.70 -5.95 29.57
CA GLN C 145 -3.20 -6.68 28.38
C GLN C 145 -4.74 -6.69 28.39
N VAL C 146 -5.34 -6.27 27.27
CA VAL C 146 -6.82 -6.21 27.13
C VAL C 146 -7.26 -6.97 25.87
N GLY C 147 -8.52 -7.40 25.89
CA GLY C 147 -9.17 -8.18 24.80
C GLY C 147 -10.25 -7.38 24.10
N PHE C 148 -10.38 -7.61 22.79
CA PHE C 148 -11.46 -7.11 21.91
C PHE C 148 -12.08 -8.31 21.19
N VAL C 149 -13.38 -8.50 21.37
CA VAL C 149 -14.15 -9.61 20.74
C VAL C 149 -15.13 -9.00 19.75
N GLY C 150 -14.80 -9.06 18.47
CA GLY C 150 -15.66 -8.54 17.41
C GLY C 150 -16.67 -9.56 16.97
N GLY C 151 -17.75 -9.14 16.32
CA GLY C 151 -18.72 -10.10 15.82
C GLY C 151 -18.39 -10.48 14.39
N ILE C 152 -18.73 -9.64 13.43
CA ILE C 152 -18.43 -9.92 12.01
C ILE C 152 -17.45 -8.86 11.52
N GLU C 153 -16.35 -9.26 10.92
CA GLU C 153 -15.39 -8.30 10.31
C GLU C 153 -16.17 -7.42 9.32
N SER C 154 -16.11 -6.10 9.48
CA SER C 154 -16.98 -5.11 8.80
C SER C 154 -16.46 -3.71 9.07
N GLU C 155 -16.85 -2.76 8.23
CA GLU C 155 -16.56 -1.31 8.38
C GLU C 155 -17.08 -0.88 9.76
N VAL C 156 -18.26 -1.37 10.16
CA VAL C 156 -18.94 -0.99 11.42
C VAL C 156 -18.09 -1.42 12.61
N ILE C 157 -17.70 -2.68 12.68
CA ILE C 157 -16.97 -3.22 13.86
C ILE C 157 -15.52 -2.71 13.82
N SER C 158 -14.93 -2.51 12.65
CA SER C 158 -13.57 -1.91 12.50
C SER C 158 -13.57 -0.48 13.04
N ARG C 159 -14.72 0.19 13.02
CA ARG C 159 -14.87 1.54 13.61
C ARG C 159 -14.65 1.44 15.12
N PHE C 160 -15.29 0.48 15.78
CA PHE C 160 -15.16 0.25 17.23
C PHE C 160 -13.71 -0.11 17.56
N GLU C 161 -13.14 -1.05 16.80
CA GLU C 161 -11.79 -1.65 17.02
C GLU C 161 -10.73 -0.55 16.94
N ALA C 162 -10.76 0.24 15.87
CA ALA C 162 -9.78 1.30 15.58
C ALA C 162 -9.84 2.35 16.71
N GLY C 163 -11.05 2.76 17.09
CA GLY C 163 -11.26 3.73 18.18
C GLY C 163 -10.74 3.19 19.50
N PHE C 164 -11.02 1.93 19.79
CA PHE C 164 -10.63 1.25 21.06
C PHE C 164 -9.10 1.20 21.15
N LYS C 165 -8.44 0.71 20.08
CA LYS C 165 -6.96 0.61 20.02
C LYS C 165 -6.35 2.00 20.21
N ALA C 166 -6.87 3.01 19.52
CA ALA C 166 -6.36 4.40 19.57
C ALA C 166 -6.49 4.96 21.00
N GLY C 167 -7.57 4.62 21.68
CA GLY C 167 -7.87 5.13 23.05
C GLY C 167 -6.97 4.49 24.07
N VAL C 168 -6.71 3.19 23.93
CA VAL C 168 -5.75 2.45 24.80
C VAL C 168 -4.35 3.05 24.61
N ALA C 169 -3.93 3.30 23.37
CA ALA C 169 -2.58 3.82 23.01
C ALA C 169 -2.37 5.23 23.54
N SER C 170 -3.43 6.04 23.64
CA SER C 170 -3.36 7.48 24.03
C SER C 170 -2.95 7.62 25.50
N VAL C 171 -3.15 6.55 26.27
CA VAL C 171 -2.84 6.45 27.73
C VAL C 171 -1.51 5.71 27.94
N ASP C 172 -1.32 4.56 27.30
CA ASP C 172 -0.15 3.66 27.50
C ASP C 172 0.03 2.75 26.29
N PRO C 173 0.93 3.09 25.34
CA PRO C 173 1.19 2.26 24.16
C PRO C 173 1.80 0.88 24.46
N SER C 174 2.33 0.68 25.67
CA SER C 174 2.89 -0.61 26.16
C SER C 174 1.80 -1.69 26.16
N ILE C 175 0.53 -1.29 26.35
CA ILE C 175 -0.62 -2.24 26.55
C ILE C 175 -0.87 -2.99 25.24
N LYS C 176 -1.02 -4.32 25.34
CA LYS C 176 -1.29 -5.22 24.19
C LYS C 176 -2.81 -5.42 24.09
N VAL C 177 -3.36 -5.20 22.90
CA VAL C 177 -4.80 -5.43 22.58
C VAL C 177 -4.90 -6.69 21.71
N GLN C 178 -5.38 -7.79 22.29
CA GLN C 178 -5.68 -9.05 21.55
C GLN C 178 -7.04 -8.89 20.87
N VAL C 179 -7.09 -9.05 19.55
CA VAL C 179 -8.33 -8.89 18.73
C VAL C 179 -8.71 -10.25 18.16
N ASP C 180 -9.97 -10.64 18.29
CA ASP C 180 -10.52 -11.93 17.80
C ASP C 180 -11.98 -11.72 17.40
N TYR C 181 -12.39 -12.23 16.23
CA TYR C 181 -13.75 -12.12 15.68
C TYR C 181 -14.46 -13.46 15.76
N ALA C 182 -15.75 -13.46 16.12
CA ALA C 182 -16.60 -14.64 16.29
C ALA C 182 -17.19 -15.11 14.95
N GLY C 183 -17.30 -14.20 13.96
CA GLY C 183 -17.95 -14.43 12.65
C GLY C 183 -19.48 -14.39 12.75
N SER C 184 -20.05 -13.96 13.88
CA SER C 184 -21.51 -13.98 14.15
C SER C 184 -21.90 -13.01 15.28
N PHE C 185 -23.11 -12.46 15.19
CA PHE C 185 -23.72 -11.64 16.25
C PHE C 185 -24.70 -12.49 17.06
N GLY C 186 -24.90 -13.78 16.73
CA GLY C 186 -25.88 -14.63 17.45
C GLY C 186 -25.29 -15.95 17.92
N ASP C 187 -24.07 -15.95 18.48
CA ASP C 187 -23.31 -17.19 18.82
C ASP C 187 -22.61 -17.05 20.18
N ALA C 188 -23.37 -17.18 21.27
CA ALA C 188 -22.87 -17.05 22.66
C ALA C 188 -21.73 -18.04 22.94
N ALA C 189 -21.87 -19.29 22.49
CA ALA C 189 -20.86 -20.35 22.75
C ALA C 189 -19.50 -19.92 22.17
N LYS C 190 -19.46 -19.32 20.98
CA LYS C 190 -18.18 -18.85 20.37
C LYS C 190 -17.63 -17.66 21.17
N GLY C 191 -18.49 -16.76 21.65
CA GLY C 191 -18.08 -15.63 22.51
C GLY C 191 -17.42 -16.14 23.78
N LYS C 192 -17.98 -17.19 24.39
CA LYS C 192 -17.44 -17.83 25.62
C LYS C 192 -16.03 -18.38 25.35
N THR C 193 -15.82 -19.14 24.27
CA THR C 193 -14.50 -19.78 24.02
C THR C 193 -13.48 -18.69 23.66
N ILE C 194 -13.85 -17.65 22.92
CA ILE C 194 -12.90 -16.55 22.59
C ILE C 194 -12.47 -15.82 23.87
N ALA C 195 -13.43 -15.50 24.74
CA ALA C 195 -13.18 -14.77 26.00
C ALA C 195 -12.29 -15.63 26.91
N ALA C 196 -12.61 -16.92 27.06
CA ALA C 196 -11.82 -17.91 27.83
C ALA C 196 -10.36 -17.83 27.39
N ALA C 197 -10.11 -17.86 26.08
CA ALA C 197 -8.75 -17.85 25.48
C ALA C 197 -8.06 -16.50 25.78
N GLN C 198 -8.79 -15.38 25.65
CA GLN C 198 -8.22 -14.03 25.84
C GLN C 198 -7.82 -13.83 27.31
N TYR C 199 -8.66 -14.29 28.24
CA TYR C 199 -8.45 -14.20 29.71
C TYR C 199 -7.27 -15.09 30.12
N ALA C 200 -7.28 -16.36 29.70
CA ALA C 200 -6.22 -17.36 29.98
C ALA C 200 -4.85 -16.88 29.47
N ALA C 201 -4.81 -16.06 28.40
CA ALA C 201 -3.57 -15.48 27.83
C ALA C 201 -3.19 -14.17 28.54
N GLY C 202 -3.96 -13.76 29.56
CA GLY C 202 -3.57 -12.72 30.53
C GLY C 202 -4.25 -11.36 30.34
N ALA C 203 -5.31 -11.28 29.53
CA ALA C 203 -6.20 -10.09 29.48
C ALA C 203 -6.97 -10.02 30.80
N ASP C 204 -7.09 -8.84 31.41
CA ASP C 204 -7.95 -8.66 32.62
C ASP C 204 -9.19 -7.81 32.29
N ILE C 205 -9.33 -7.38 31.03
CA ILE C 205 -10.50 -6.61 30.52
C ILE C 205 -10.81 -7.08 29.09
N VAL C 206 -12.05 -7.49 28.82
CA VAL C 206 -12.53 -7.79 27.45
C VAL C 206 -13.66 -6.81 27.09
N TYR C 207 -13.48 -6.09 25.97
CA TYR C 207 -14.53 -5.30 25.28
C TYR C 207 -15.21 -6.24 24.26
N GLN C 208 -16.47 -6.56 24.52
CA GLN C 208 -17.24 -7.40 23.58
C GLN C 208 -18.08 -6.51 22.66
N VAL C 209 -17.82 -6.58 21.37
CA VAL C 209 -18.56 -5.78 20.37
C VAL C 209 -19.08 -6.78 19.35
N ALA C 210 -20.04 -7.58 19.77
CA ALA C 210 -20.51 -8.68 18.92
C ALA C 210 -21.96 -9.02 19.22
N GLY C 211 -22.72 -8.03 19.67
CA GLY C 211 -24.15 -8.17 20.01
C GLY C 211 -24.38 -9.35 20.93
N GLY C 212 -25.29 -10.25 20.57
CA GLY C 212 -25.72 -11.40 21.39
C GLY C 212 -24.60 -12.41 21.65
N THR C 213 -23.63 -12.51 20.75
CA THR C 213 -22.40 -13.34 20.94
C THR C 213 -21.77 -12.96 22.28
N GLY C 214 -21.89 -11.68 22.65
CA GLY C 214 -21.33 -11.12 23.88
C GLY C 214 -21.89 -11.76 25.14
N ALA C 215 -23.09 -12.35 25.12
CA ALA C 215 -23.65 -13.07 26.28
C ALA C 215 -22.64 -14.14 26.76
N GLY C 216 -21.90 -14.75 25.84
CA GLY C 216 -20.86 -15.75 26.15
C GLY C 216 -19.69 -15.13 26.87
N VAL C 217 -19.26 -13.93 26.49
CA VAL C 217 -18.15 -13.20 27.16
C VAL C 217 -18.55 -12.93 28.63
N PHE C 218 -19.79 -12.49 28.87
CA PHE C 218 -20.37 -12.29 30.22
C PHE C 218 -20.34 -13.62 31.00
N ALA C 219 -20.74 -14.73 30.38
CA ALA C 219 -20.79 -16.07 31.01
C ALA C 219 -19.37 -16.51 31.43
N GLU C 220 -18.37 -16.34 30.56
CA GLU C 220 -16.98 -16.72 30.87
C GLU C 220 -16.47 -15.90 32.06
N ALA C 221 -16.52 -14.57 31.97
CA ALA C 221 -16.08 -13.65 33.05
C ALA C 221 -16.78 -14.01 34.36
N LYS C 222 -18.06 -14.34 34.33
CA LYS C 222 -18.82 -14.66 35.57
C LYS C 222 -18.22 -15.91 36.22
N SER C 223 -18.01 -16.96 35.44
CA SER C 223 -17.46 -18.28 35.90
C SER C 223 -16.05 -18.09 36.50
N LEU C 224 -15.15 -17.38 35.84
CA LEU C 224 -13.80 -17.08 36.37
C LEU C 224 -13.93 -16.33 37.70
N ASN C 225 -14.82 -15.33 37.74
CA ASN C 225 -14.93 -14.36 38.86
C ASN C 225 -15.60 -15.03 40.06
N GLU C 226 -16.55 -15.96 39.86
CA GLU C 226 -17.24 -16.72 40.94
C GLU C 226 -16.25 -17.64 41.68
N SER C 227 -15.17 -18.03 41.01
CA SER C 227 -14.15 -18.99 41.50
C SER C 227 -12.88 -18.24 41.94
N ARG C 228 -12.99 -16.96 42.28
CA ARG C 228 -11.83 -16.14 42.71
C ARG C 228 -12.26 -15.15 43.79
N PRO C 229 -11.29 -14.56 44.52
CA PRO C 229 -11.59 -13.42 45.39
C PRO C 229 -11.93 -12.16 44.57
N GLU C 230 -12.75 -11.30 45.16
CA GLU C 230 -13.31 -10.05 44.54
C GLU C 230 -12.18 -9.20 43.95
N ASN C 231 -11.05 -9.05 44.64
CA ASN C 231 -9.96 -8.11 44.26
C ASN C 231 -9.17 -8.67 43.07
N GLU C 232 -9.36 -9.95 42.69
CA GLU C 232 -8.63 -10.60 41.58
C GLU C 232 -9.57 -10.78 40.38
N LYS C 233 -10.71 -10.08 40.37
CA LYS C 233 -11.75 -10.26 39.34
C LYS C 233 -11.22 -9.74 38.00
N VAL C 234 -11.91 -10.15 36.94
CA VAL C 234 -11.62 -9.88 35.51
C VAL C 234 -12.82 -9.06 34.98
N TRP C 235 -12.59 -8.06 34.14
CA TRP C 235 -13.64 -7.10 33.72
C TRP C 235 -14.16 -7.44 32.32
N VAL C 236 -15.45 -7.11 32.06
CA VAL C 236 -15.96 -6.88 30.67
C VAL C 236 -16.48 -5.45 30.54
N ILE C 237 -16.32 -4.90 29.34
CA ILE C 237 -16.89 -3.61 28.91
C ILE C 237 -18.17 -3.91 28.11
N GLY C 238 -19.29 -3.32 28.54
CA GLY C 238 -20.61 -3.48 27.90
C GLY C 238 -20.66 -2.73 26.58
N VAL C 239 -21.70 -2.99 25.78
CA VAL C 239 -21.83 -2.40 24.43
C VAL C 239 -23.31 -2.10 24.15
N ASP C 240 -23.56 -0.98 23.45
CA ASP C 240 -24.87 -0.55 22.88
C ASP C 240 -25.80 -0.07 23.99
N ARG C 241 -26.13 -0.92 24.94
CA ARG C 241 -26.91 -0.56 26.15
C ARG C 241 -25.97 -0.55 27.37
N ASP C 242 -26.39 0.10 28.44
CA ASP C 242 -25.77 0.00 29.79
C ASP C 242 -26.02 -1.44 30.27
N GLN C 243 -24.97 -2.27 30.29
CA GLN C 243 -25.10 -3.72 30.57
C GLN C 243 -24.68 -4.03 32.02
N GLU C 244 -24.59 -3.01 32.88
CA GLU C 244 -24.22 -3.13 34.31
C GLU C 244 -24.95 -4.33 34.93
N ALA C 245 -26.24 -4.51 34.68
CA ALA C 245 -27.07 -5.56 35.34
C ALA C 245 -26.54 -6.96 34.99
N GLU C 246 -25.88 -7.13 33.85
CA GLU C 246 -25.35 -8.46 33.40
C GLU C 246 -24.04 -8.78 34.14
N GLY C 247 -23.46 -7.83 34.88
CA GLY C 247 -22.17 -7.98 35.58
C GLY C 247 -22.31 -8.41 37.03
N LYS C 248 -23.52 -8.61 37.52
CA LYS C 248 -23.79 -9.03 38.93
C LYS C 248 -23.23 -10.45 39.13
N TYR C 249 -22.43 -10.63 40.19
CA TYR C 249 -21.95 -11.96 40.65
C TYR C 249 -21.61 -11.88 42.13
N THR C 250 -21.40 -13.04 42.74
CA THR C 250 -20.88 -13.21 44.13
C THR C 250 -19.52 -13.91 44.02
N SER C 251 -18.50 -13.36 44.68
CA SER C 251 -17.09 -13.85 44.67
C SER C 251 -16.93 -15.11 45.53
N LYS C 252 -15.74 -15.72 45.48
CA LYS C 252 -15.51 -16.94 46.29
C LYS C 252 -15.50 -16.58 47.77
N ASP C 253 -15.20 -15.32 48.11
CA ASP C 253 -15.15 -14.86 49.53
C ASP C 253 -16.50 -14.33 49.99
N GLY C 254 -17.56 -14.52 49.19
CA GLY C 254 -18.92 -14.15 49.61
C GLY C 254 -19.28 -12.70 49.39
N LYS C 255 -18.40 -11.94 48.75
CA LYS C 255 -18.69 -10.52 48.52
C LYS C 255 -19.50 -10.37 47.22
N GLU C 256 -20.61 -9.62 47.29
CA GLU C 256 -21.43 -9.34 46.09
C GLU C 256 -20.77 -8.18 45.36
N SER C 257 -20.60 -8.30 44.05
CA SER C 257 -19.81 -7.33 43.25
C SER C 257 -20.35 -7.28 41.82
N ASN C 258 -19.57 -6.67 40.92
CA ASN C 258 -19.99 -6.40 39.53
C ASN C 258 -18.73 -6.29 38.67
N PHE C 259 -18.67 -7.04 37.57
CA PHE C 259 -17.47 -7.10 36.69
C PHE C 259 -17.65 -6.27 35.42
N VAL C 260 -18.74 -5.52 35.28
CA VAL C 260 -18.85 -4.51 34.18
C VAL C 260 -18.11 -3.25 34.60
N LEU C 261 -17.04 -2.92 33.89
CA LEU C 261 -16.21 -1.71 34.17
C LEU C 261 -16.97 -0.47 33.70
N VAL C 262 -17.53 -0.56 32.50
CA VAL C 262 -17.96 0.58 31.67
C VAL C 262 -18.78 -0.01 30.52
N SER C 263 -19.71 0.74 29.91
CA SER C 263 -20.44 0.32 28.69
C SER C 263 -20.37 1.43 27.66
N THR C 264 -20.12 1.12 26.40
CA THR C 264 -20.37 2.06 25.29
C THR C 264 -21.88 2.04 25.02
N LEU C 265 -22.45 3.20 24.77
CA LEU C 265 -23.89 3.40 24.50
C LEU C 265 -24.03 3.79 23.03
N LYS C 266 -25.03 3.21 22.38
CA LYS C 266 -25.41 3.49 20.99
C LYS C 266 -26.93 3.63 21.02
N GLN C 267 -27.44 4.85 20.85
CA GLN C 267 -28.85 5.15 21.21
C GLN C 267 -29.73 4.74 20.02
N VAL C 268 -29.75 3.45 19.67
CA VAL C 268 -30.55 2.92 18.53
C VAL C 268 -32.04 3.12 18.84
N GLY C 269 -32.49 2.79 20.04
CA GLY C 269 -33.90 2.94 20.44
C GLY C 269 -34.35 4.38 20.29
N THR C 270 -33.57 5.31 20.79
CA THR C 270 -33.85 6.76 20.71
C THR C 270 -34.00 7.15 19.24
N THR C 271 -33.12 6.69 18.36
CA THR C 271 -33.22 7.00 16.91
C THR C 271 -34.54 6.45 16.34
N VAL C 272 -34.91 5.21 16.67
CA VAL C 272 -36.18 4.60 16.16
C VAL C 272 -37.36 5.48 16.57
N LYS C 273 -37.39 5.93 17.82
CA LYS C 273 -38.49 6.73 18.38
C LYS C 273 -38.51 8.10 17.71
N ASP C 274 -37.35 8.76 17.57
CA ASP C 274 -37.25 10.13 16.98
C ASP C 274 -37.70 10.09 15.53
N ILE C 275 -37.24 9.13 14.74
CA ILE C 275 -37.59 9.06 13.28
C ILE C 275 -39.06 8.66 13.11
N SER C 276 -39.59 7.80 13.97
CA SER C 276 -41.02 7.43 13.96
C SER C 276 -41.86 8.68 14.22
N ASN C 277 -41.47 9.54 15.16
CA ASN C 277 -42.19 10.81 15.44
C ASN C 277 -42.04 11.76 14.24
N LYS C 278 -40.87 11.84 13.61
CA LYS C 278 -40.67 12.71 12.42
C LYS C 278 -41.56 12.21 11.29
N ALA C 279 -41.62 10.89 11.04
CA ALA C 279 -42.49 10.30 9.99
C ALA C 279 -43.95 10.67 10.27
N GLU C 280 -44.41 10.56 11.51
CA GLU C 280 -45.80 10.87 11.87
C GLU C 280 -46.10 12.36 11.62
N ARG C 281 -45.16 13.26 11.83
CA ARG C 281 -45.36 14.74 11.63
CA ARG C 281 -45.41 14.73 11.62
C ARG C 281 -45.12 15.12 10.16
N GLY C 282 -44.92 14.14 9.27
CA GLY C 282 -44.70 14.38 7.82
C GLY C 282 -43.31 14.93 7.49
N GLU C 283 -42.30 14.65 8.31
CA GLU C 283 -40.90 15.12 8.12
C GLU C 283 -39.94 13.92 8.04
N PHE C 284 -40.35 12.81 7.44
CA PHE C 284 -39.46 11.65 7.20
C PHE C 284 -38.23 12.12 6.43
N PRO C 285 -36.99 11.90 6.94
CA PRO C 285 -35.78 12.42 6.28
C PRO C 285 -35.26 11.48 5.17
N GLY C 286 -36.12 11.21 4.19
CA GLY C 286 -35.81 10.39 3.02
C GLY C 286 -34.62 10.91 2.24
N GLY C 287 -33.73 10.00 1.83
CA GLY C 287 -32.52 10.31 1.04
C GLY C 287 -31.38 10.82 1.89
N GLN C 288 -31.59 11.11 3.18
CA GLN C 288 -30.55 11.73 4.04
C GLN C 288 -29.78 10.65 4.81
N VAL C 289 -28.56 10.99 5.20
CA VAL C 289 -27.68 10.20 6.10
C VAL C 289 -27.61 10.95 7.42
N ILE C 290 -28.13 10.38 8.49
CA ILE C 290 -28.08 10.98 9.84
C ILE C 290 -26.89 10.34 10.57
N VAL C 291 -25.89 11.16 10.94
CA VAL C 291 -24.71 10.69 11.72
C VAL C 291 -24.89 11.13 13.18
N TYR C 292 -24.96 10.15 14.07
CA TYR C 292 -24.94 10.35 15.54
C TYR C 292 -23.51 10.15 16.02
N SER C 293 -23.05 11.02 16.90
CA SER C 293 -21.66 11.06 17.40
C SER C 293 -21.68 11.45 18.88
N LEU C 294 -20.50 11.59 19.47
CA LEU C 294 -20.33 11.99 20.88
C LEU C 294 -21.03 13.34 21.11
N LYS C 295 -20.95 14.27 20.15
CA LYS C 295 -21.48 15.66 20.26
C LYS C 295 -22.95 15.63 20.71
N ASP C 296 -23.78 14.88 19.99
CA ASP C 296 -25.27 14.87 20.15
C ASP C 296 -25.70 13.72 21.08
N LYS C 297 -24.75 13.08 21.77
CA LYS C 297 -25.00 12.00 22.77
C LYS C 297 -25.67 10.77 22.13
N GLY C 298 -25.54 10.60 20.82
CA GLY C 298 -26.00 9.40 20.11
C GLY C 298 -25.14 8.19 20.46
N VAL C 299 -23.85 8.44 20.72
CA VAL C 299 -22.94 7.47 21.39
C VAL C 299 -22.44 8.14 22.66
N ASP C 300 -22.06 7.34 23.65
CA ASP C 300 -21.50 7.82 24.93
C ASP C 300 -20.80 6.64 25.62
N LEU C 301 -20.22 6.90 26.78
CA LEU C 301 -19.74 5.88 27.73
C LEU C 301 -20.49 6.00 29.05
N ALA C 302 -21.13 4.92 29.51
CA ALA C 302 -21.66 4.77 30.89
C ALA C 302 -20.50 4.38 31.80
N VAL C 303 -20.20 5.18 32.81
CA VAL C 303 -18.91 5.19 33.54
C VAL C 303 -19.01 4.31 34.80
N THR C 304 -20.15 3.65 35.00
CA THR C 304 -20.51 2.65 36.05
C THR C 304 -19.43 2.48 37.14
N ASN C 305 -18.48 1.54 36.97
CA ASN C 305 -17.58 1.08 38.05
C ASN C 305 -16.15 1.57 37.82
N LEU C 306 -15.96 2.60 36.99
CA LEU C 306 -14.62 3.16 36.69
C LEU C 306 -14.10 3.93 37.93
N SER C 307 -12.80 3.86 38.18
CA SER C 307 -12.08 4.67 39.20
C SER C 307 -12.18 6.16 38.87
N GLU C 308 -12.12 7.04 39.89
CA GLU C 308 -12.25 8.51 39.69
C GLU C 308 -11.15 9.00 38.72
N GLU C 309 -9.95 8.44 38.78
CA GLU C 309 -8.83 8.77 37.85
C GLU C 309 -9.25 8.44 36.41
N GLY C 310 -9.87 7.27 36.20
CA GLY C 310 -10.41 6.82 34.90
C GLY C 310 -11.47 7.79 34.37
N LYS C 311 -12.43 8.19 35.20
CA LYS C 311 -13.49 9.14 34.80
C LYS C 311 -12.86 10.46 34.32
N LYS C 312 -11.78 10.91 34.96
CA LYS C 312 -11.07 12.17 34.58
C LYS C 312 -10.46 11.98 33.20
N ALA C 313 -9.74 10.89 32.97
CA ALA C 313 -9.12 10.58 31.66
C ALA C 313 -10.22 10.51 30.59
N VAL C 314 -11.39 9.94 30.90
CA VAL C 314 -12.51 9.80 29.93
C VAL C 314 -13.06 11.18 29.62
N GLU C 315 -13.40 11.98 30.63
CA GLU C 315 -13.97 13.34 30.44
C GLU C 315 -12.97 14.22 29.67
N ASP C 316 -11.66 14.05 29.89
CA ASP C 316 -10.60 14.85 29.21
C ASP C 316 -10.52 14.43 27.75
N ALA C 317 -10.53 13.13 27.48
CA ALA C 317 -10.51 12.56 26.12
C ALA C 317 -11.79 12.98 25.36
N LYS C 318 -12.94 13.01 26.04
CA LYS C 318 -14.24 13.40 25.45
C LYS C 318 -14.14 14.85 24.96
N ALA C 319 -13.67 15.76 25.81
CA ALA C 319 -13.50 17.20 25.51
C ALA C 319 -12.65 17.36 24.25
N LYS C 320 -11.53 16.66 24.16
CA LYS C 320 -10.58 16.75 23.01
C LYS C 320 -11.23 16.23 21.71
N ILE C 321 -12.13 15.24 21.78
CA ILE C 321 -12.83 14.69 20.58
C ILE C 321 -13.84 15.75 20.12
N LEU C 322 -14.58 16.35 21.05
CA LEU C 322 -15.56 17.44 20.76
C LEU C 322 -14.85 18.67 20.18
N ASP C 323 -13.70 19.07 20.74
CA ASP C 323 -12.84 20.21 20.27
C ASP C 323 -12.35 20.00 18.83
N GLY C 324 -11.96 18.76 18.50
CA GLY C 324 -11.28 18.42 17.24
C GLY C 324 -9.79 18.23 17.45
N SER C 325 -9.32 18.44 18.69
CA SER C 325 -7.89 18.28 19.10
C SER C 325 -7.44 16.83 18.94
N VAL C 326 -8.39 15.90 19.08
CA VAL C 326 -8.18 14.44 18.86
C VAL C 326 -9.09 13.99 17.72
N LYS C 327 -8.52 13.52 16.63
CA LYS C 327 -9.34 13.00 15.52
C LYS C 327 -9.22 11.48 15.65
N VAL C 328 -10.35 10.79 15.83
CA VAL C 328 -10.31 9.32 16.07
C VAL C 328 -10.38 8.60 14.73
N PRO C 329 -9.48 7.64 14.45
CA PRO C 329 -9.49 6.89 13.20
C PRO C 329 -10.72 5.98 13.04
N GLU C 330 -11.23 5.87 11.81
CA GLU C 330 -12.43 5.07 11.54
C GLU C 330 -12.08 3.63 11.16
N LYS C 331 -10.81 3.33 10.84
CA LYS C 331 -10.41 1.96 10.42
C LYS C 331 -8.91 1.77 10.65
N SER D 2 27.68 -2.90 68.56
CA SER D 2 27.16 -2.38 67.27
C SER D 2 27.80 -1.03 66.99
N HIS D 3 27.70 -0.11 67.95
CA HIS D 3 28.26 1.24 67.68
C HIS D 3 29.54 1.47 68.48
N HIS D 4 29.94 0.47 69.30
CA HIS D 4 31.27 0.46 69.97
C HIS D 4 31.39 1.59 71.01
N HIS D 5 32.50 2.32 71.03
CA HIS D 5 32.76 3.52 71.88
C HIS D 5 33.26 4.60 70.93
N HIS D 6 33.41 5.85 71.40
CA HIS D 6 34.01 6.98 70.64
C HIS D 6 34.69 7.94 71.63
N HIS D 7 35.59 8.81 71.14
CA HIS D 7 36.36 9.80 71.92
C HIS D 7 36.13 11.21 71.35
N HIS D 8 36.09 12.25 72.21
CA HIS D 8 36.05 13.67 71.77
C HIS D 8 37.36 14.37 72.08
N MET D 9 37.56 15.55 71.49
CA MET D 9 38.57 16.55 71.91
C MET D 9 37.90 17.80 72.51
N SER D 10 38.67 18.66 73.20
CA SER D 10 38.13 19.81 73.99
C SER D 10 38.54 21.19 73.43
N GLY D 11 39.65 21.28 72.68
CA GLY D 11 40.23 22.52 72.12
C GLY D 11 39.23 23.43 71.41
N GLU D 12 39.51 24.74 71.42
CA GLU D 12 38.75 25.80 70.71
C GLU D 12 39.55 26.25 69.46
N ASN D 13 40.66 25.59 69.13
CA ASN D 13 41.51 25.99 67.98
C ASN D 13 41.38 24.96 66.85
N LEU D 14 40.30 24.19 66.77
CA LEU D 14 40.06 23.20 65.69
C LEU D 14 39.47 23.86 64.44
N TYR D 15 40.01 23.54 63.28
CA TYR D 15 39.49 24.03 61.98
C TYR D 15 39.47 22.88 60.95
N PHE D 16 38.43 22.84 60.10
CA PHE D 16 38.49 21.94 58.91
C PHE D 16 38.68 22.81 57.69
N GLN D 17 39.68 22.41 56.89
CA GLN D 17 39.92 22.90 55.51
C GLN D 17 38.73 22.41 54.66
N GLY D 18 38.12 23.34 53.93
CA GLY D 18 37.05 23.04 52.96
C GLY D 18 37.60 22.49 51.67
N ALA D 19 36.85 22.64 50.57
CA ALA D 19 37.33 22.35 49.21
C ALA D 19 37.77 23.66 48.54
N SER D 20 38.58 23.56 47.50
CA SER D 20 38.74 24.62 46.48
C SER D 20 38.30 24.01 45.14
N ALA D 21 37.26 24.58 44.54
CA ALA D 21 36.61 24.03 43.34
C ALA D 21 36.81 24.96 42.15
N ALA D 22 37.19 24.39 41.01
CA ALA D 22 37.35 25.12 39.74
C ALA D 22 36.57 24.39 38.64
N ILE D 23 36.07 25.15 37.67
CA ILE D 23 35.51 24.58 36.42
C ILE D 23 36.50 24.88 35.30
N VAL D 24 36.76 23.88 34.46
CA VAL D 24 37.45 24.07 33.16
C VAL D 24 36.39 24.02 32.07
N THR D 25 36.30 25.12 31.34
CA THR D 25 35.15 25.47 30.48
C THR D 25 35.53 25.19 29.02
N ASP D 26 34.54 24.84 28.20
CA ASP D 26 34.75 24.57 26.76
C ASP D 26 34.61 25.88 25.99
N THR D 27 34.59 25.78 24.65
CA THR D 27 34.68 26.88 23.66
C THR D 27 33.63 27.97 23.94
N GLY D 28 32.38 27.59 24.21
CA GLY D 28 31.23 28.51 24.40
C GLY D 28 31.54 29.68 25.32
N GLY D 29 32.30 29.47 26.40
CA GLY D 29 32.66 30.49 27.40
C GLY D 29 31.64 30.59 28.53
N VAL D 30 32.00 31.18 29.68
CA VAL D 30 31.07 31.30 30.85
C VAL D 30 30.02 32.38 30.60
N ASP D 31 30.01 33.03 29.43
CA ASP D 31 29.00 34.04 29.02
C ASP D 31 28.10 33.50 27.90
N ASP D 32 27.96 32.18 27.76
CA ASP D 32 27.19 31.51 26.67
C ASP D 32 25.68 31.54 26.93
N LYS D 33 25.25 32.09 28.08
CA LYS D 33 23.82 32.26 28.48
C LYS D 33 23.15 30.88 28.63
N SER D 34 23.93 29.80 28.67
CA SER D 34 23.39 28.42 28.62
CA SER D 34 23.41 28.42 28.60
C SER D 34 24.28 27.52 29.49
N PHE D 35 24.99 26.58 28.88
CA PHE D 35 25.63 25.42 29.55
C PHE D 35 26.77 25.85 30.48
N ASN D 36 27.77 26.52 29.94
CA ASN D 36 28.98 26.94 30.70
C ASN D 36 28.59 28.01 31.72
N GLN D 37 27.70 28.95 31.34
CA GLN D 37 27.22 29.98 32.26
C GLN D 37 26.51 29.32 33.44
N SER D 38 25.68 28.31 33.21
CA SER D 38 24.96 27.57 34.29
C SER D 38 25.98 27.02 35.29
N ALA D 39 27.01 26.32 34.79
CA ALA D 39 28.12 25.76 35.59
C ALA D 39 28.75 26.87 36.45
N TRP D 40 29.06 28.00 35.83
CA TRP D 40 29.77 29.13 36.47
C TRP D 40 28.87 29.77 37.53
N GLU D 41 27.58 29.93 37.25
CA GLU D 41 26.59 30.50 38.21
C GLU D 41 26.52 29.58 39.43
N GLY D 42 26.54 28.28 39.20
CA GLY D 42 26.52 27.29 40.28
C GLY D 42 27.76 27.39 41.15
N LEU D 43 28.93 27.52 40.53
CA LEU D 43 30.20 27.61 41.28
C LEU D 43 30.24 28.91 42.08
N GLN D 44 29.75 30.01 41.52
CA GLN D 44 29.68 31.32 42.22
C GLN D 44 28.74 31.20 43.42
N ALA D 45 27.60 30.52 43.26
CA ALA D 45 26.63 30.33 44.37
C ALA D 45 27.33 29.52 45.48
N TRP D 46 28.08 28.49 45.12
CA TRP D 46 28.80 27.64 46.08
C TRP D 46 29.85 28.49 46.80
N GLY D 47 30.61 29.31 46.06
CA GLY D 47 31.60 30.25 46.59
C GLY D 47 30.98 31.19 47.62
N LYS D 48 29.82 31.75 47.31
CA LYS D 48 29.08 32.72 48.17
C LYS D 48 28.67 32.01 49.47
N GLU D 49 28.18 30.77 49.37
CA GLU D 49 27.76 29.96 50.55
C GLU D 49 28.97 29.76 51.49
N HIS D 50 30.19 29.65 50.95
CA HIS D 50 31.42 29.33 51.73
C HIS D 50 32.29 30.58 51.94
N ASN D 51 31.78 31.79 51.66
CA ASN D 51 32.44 33.08 51.98
C ASN D 51 33.74 33.22 51.19
N LEU D 52 33.75 32.74 49.95
CA LEU D 52 34.93 32.77 49.06
C LEU D 52 34.73 33.85 47.99
N SER D 53 35.74 34.10 47.15
CA SER D 53 35.62 34.99 45.97
C SER D 53 36.48 34.44 44.82
N LYS D 54 36.29 34.95 43.61
CA LYS D 54 37.00 34.43 42.41
C LYS D 54 38.51 34.48 42.66
N ASP D 55 39.19 33.34 42.41
CA ASP D 55 40.66 33.12 42.56
C ASP D 55 41.05 33.15 44.04
N ASN D 56 40.07 33.09 44.94
CA ASN D 56 40.24 32.95 46.41
C ASN D 56 39.28 31.86 46.90
N GLY D 57 39.41 30.64 46.35
CA GLY D 57 38.64 29.45 46.74
C GLY D 57 37.89 28.83 45.57
N PHE D 58 37.69 29.61 44.52
CA PHE D 58 36.98 29.08 43.33
C PHE D 58 37.33 29.94 42.12
N THR D 59 37.41 29.32 40.95
CA THR D 59 37.69 30.06 39.71
C THR D 59 37.27 29.24 38.48
N TYR D 60 37.36 29.86 37.30
CA TYR D 60 37.11 29.17 36.02
C TYR D 60 38.30 29.35 35.06
N PHE D 61 38.63 28.31 34.29
CA PHE D 61 39.65 28.37 33.22
C PHE D 61 38.92 28.22 31.89
N GLN D 62 38.90 29.28 31.07
CA GLN D 62 38.25 29.26 29.74
C GLN D 62 39.21 28.57 28.76
N SER D 63 38.75 27.54 28.06
CA SER D 63 39.53 26.87 26.99
C SER D 63 39.17 27.56 25.67
N THR D 64 40.16 28.06 24.92
CA THR D 64 39.92 28.63 23.55
C THR D 64 39.84 27.49 22.54
N SER D 65 40.51 26.36 22.82
CA SER D 65 40.62 25.19 21.90
C SER D 65 40.94 23.90 22.68
N GLU D 66 40.91 22.76 21.99
CA GLU D 66 41.21 21.45 22.61
C GLU D 66 42.64 21.46 23.20
N ALA D 67 43.58 22.09 22.50
CA ALA D 67 45.00 22.15 22.96
C ALA D 67 45.08 22.82 24.35
N ASP D 68 44.10 23.64 24.73
CA ASP D 68 44.09 24.37 26.03
C ASP D 68 43.64 23.48 27.20
N TYR D 69 42.97 22.35 26.92
CA TYR D 69 42.31 21.53 27.96
C TYR D 69 43.35 21.07 28.99
N ALA D 70 44.39 20.38 28.55
CA ALA D 70 45.42 19.76 29.42
C ALA D 70 46.15 20.87 30.20
N ASN D 71 46.45 22.00 29.53
CA ASN D 71 47.15 23.14 30.16
C ASN D 71 46.29 23.65 31.32
N ASN D 72 45.00 23.87 31.05
CA ASN D 72 44.03 24.42 32.03
C ASN D 72 43.87 23.43 33.20
N LEU D 73 43.76 22.12 32.93
CA LEU D 73 43.55 21.12 34.02
C LEU D 73 44.78 21.05 34.90
N GLN D 74 45.97 21.13 34.30
CA GLN D 74 47.26 21.08 35.04
C GLN D 74 47.38 22.35 35.89
N GLN D 75 47.00 23.50 35.35
CA GLN D 75 47.01 24.78 36.11
C GLN D 75 46.04 24.67 37.30
N ALA D 76 44.83 24.15 37.09
CA ALA D 76 43.80 23.94 38.14
C ALA D 76 44.35 23.08 39.28
N ALA D 77 45.14 22.05 38.98
CA ALA D 77 45.66 21.07 39.98
C ALA D 77 46.67 21.74 40.93
N GLY D 78 47.19 22.91 40.56
CA GLY D 78 48.04 23.74 41.43
C GLY D 78 47.32 24.17 42.71
N SER D 79 46.06 24.58 42.62
CA SER D 79 45.33 25.30 43.70
C SER D 79 44.01 24.65 44.09
N TYR D 80 43.44 23.76 43.26
CA TYR D 80 42.05 23.24 43.43
C TYR D 80 42.08 21.73 43.63
N ASN D 81 41.25 21.20 44.53
CA ASN D 81 41.21 19.74 44.83
C ASN D 81 39.90 19.15 44.33
N LEU D 82 39.04 19.96 43.71
CA LEU D 82 37.83 19.49 43.02
C LEU D 82 37.74 20.21 41.70
N ILE D 83 37.82 19.46 40.60
CA ILE D 83 37.95 20.07 39.25
C ILE D 83 36.88 19.48 38.34
N PHE D 84 36.05 20.36 37.78
CA PHE D 84 34.93 20.02 36.87
C PHE D 84 35.41 20.25 35.44
N GLY D 85 35.40 19.18 34.64
CA GLY D 85 35.49 19.33 33.17
C GLY D 85 34.09 19.49 32.60
N VAL D 86 33.76 20.67 32.08
CA VAL D 86 32.39 21.00 31.63
C VAL D 86 32.30 20.74 30.12
N GLY D 87 31.72 19.60 29.75
CA GLY D 87 31.49 19.25 28.34
C GLY D 87 32.11 17.92 27.99
N PHE D 88 31.48 17.17 27.10
CA PHE D 88 31.90 15.82 26.65
C PHE D 88 33.30 15.89 26.01
N ALA D 89 33.70 17.03 25.43
CA ALA D 89 34.97 17.19 24.68
C ALA D 89 36.18 17.05 25.63
N LEU D 90 35.98 17.30 26.93
CA LEU D 90 37.08 17.23 27.92
C LEU D 90 37.28 15.80 28.43
N ASN D 91 36.55 14.80 27.91
CA ASN D 91 36.62 13.39 28.39
C ASN D 91 38.09 12.95 28.53
N ASN D 92 38.88 12.94 27.45
CA ASN D 92 40.25 12.36 27.45
C ASN D 92 41.19 13.16 28.36
N ALA D 93 41.15 14.49 28.28
CA ALA D 93 41.99 15.39 29.11
C ALA D 93 41.71 15.17 30.60
N VAL D 94 40.45 14.95 30.98
CA VAL D 94 40.08 14.69 32.41
C VAL D 94 40.58 13.30 32.81
N LYS D 95 40.45 12.29 31.93
CA LYS D 95 40.97 10.93 32.22
C LYS D 95 42.48 11.01 32.52
N ASP D 96 43.25 11.75 31.72
CA ASP D 96 44.73 11.87 31.86
C ASP D 96 45.06 12.57 33.19
N ALA D 97 44.41 13.71 33.47
CA ALA D 97 44.66 14.52 34.68
C ALA D 97 44.33 13.70 35.93
N ALA D 98 43.26 12.91 35.91
CA ALA D 98 42.82 12.09 37.08
C ALA D 98 43.86 10.99 37.39
N LYS D 99 44.52 10.47 36.36
CA LYS D 99 45.57 9.43 36.51
C LYS D 99 46.86 10.04 37.05
N GLU D 100 47.19 11.30 36.69
CA GLU D 100 48.40 12.01 37.19
C GLU D 100 48.21 12.44 38.64
N HIS D 101 47.00 12.88 39.02
CA HIS D 101 46.70 13.43 40.38
C HIS D 101 45.60 12.58 41.03
N THR D 102 45.97 11.40 41.53
CA THR D 102 45.05 10.42 42.17
C THR D 102 44.55 10.99 43.50
N ASP D 103 45.22 12.01 44.05
CA ASP D 103 44.90 12.65 45.35
C ASP D 103 43.80 13.71 45.16
N LEU D 104 43.55 14.16 43.93
CA LEU D 104 42.53 15.19 43.62
C LEU D 104 41.29 14.51 43.05
N ASN D 105 40.16 15.21 43.10
CA ASN D 105 38.83 14.70 42.66
C ASN D 105 38.38 15.46 41.42
N TYR D 106 37.89 14.73 40.43
CA TYR D 106 37.48 15.28 39.11
C TYR D 106 36.04 14.89 38.82
N VAL D 107 35.34 15.79 38.16
CA VAL D 107 33.95 15.54 37.70
C VAL D 107 33.92 15.84 36.21
N LEU D 108 33.43 14.90 35.42
CA LEU D 108 33.15 15.14 33.99
C LEU D 108 31.64 15.37 33.83
N ILE D 109 31.28 16.48 33.24
CA ILE D 109 29.86 16.80 32.95
C ILE D 109 29.61 16.49 31.48
N ASP D 110 28.51 15.78 31.21
CA ASP D 110 27.95 15.37 29.90
C ASP D 110 28.64 14.13 29.34
N ASP D 111 29.55 13.50 30.08
CA ASP D 111 30.19 12.26 29.55
C ASP D 111 30.54 11.30 30.69
N VAL D 112 30.76 10.03 30.36
CA VAL D 112 31.12 9.02 31.38
C VAL D 112 32.60 8.64 31.25
N ILE D 113 33.30 8.60 32.40
CA ILE D 113 34.63 7.95 32.52
C ILE D 113 34.46 6.75 33.46
N LYS D 114 34.95 5.58 33.05
CA LYS D 114 34.80 4.32 33.81
C LYS D 114 36.11 3.98 34.52
N ASP D 115 35.99 3.30 35.67
CA ASP D 115 37.11 2.60 36.37
C ASP D 115 38.15 3.60 36.88
N GLN D 116 37.70 4.75 37.39
CA GLN D 116 38.58 5.79 37.97
C GLN D 116 37.95 6.28 39.27
N LYS D 117 38.56 5.90 40.40
CA LYS D 117 38.04 6.09 41.79
C LYS D 117 37.91 7.58 42.11
N ASN D 118 38.70 8.44 41.46
CA ASN D 118 38.73 9.89 41.74
C ASN D 118 37.93 10.67 40.67
N VAL D 119 37.11 9.99 39.86
CA VAL D 119 36.29 10.66 38.80
C VAL D 119 34.81 10.29 38.98
N ALA D 120 33.98 11.31 39.13
CA ALA D 120 32.50 11.20 39.06
C ALA D 120 32.08 11.67 37.67
N SER D 121 31.07 11.01 37.11
CA SER D 121 30.50 11.32 35.78
C SER D 121 29.05 11.76 35.98
N VAL D 122 28.65 12.81 35.28
CA VAL D 122 27.28 13.36 35.39
C VAL D 122 26.69 13.39 33.99
N THR D 123 25.48 12.86 33.85
CA THR D 123 24.72 12.87 32.59
C THR D 123 23.32 13.39 32.89
N PHE D 124 22.71 13.99 31.89
CA PHE D 124 21.33 14.49 31.94
C PHE D 124 20.53 13.77 30.88
N ALA D 125 19.29 13.37 31.21
CA ALA D 125 18.29 12.82 30.27
C ALA D 125 17.71 13.98 29.43
N ASP D 126 18.54 14.61 28.60
CA ASP D 126 18.17 15.77 27.76
C ASP D 126 17.16 15.33 26.69
N ASN D 127 17.12 14.03 26.37
CA ASN D 127 16.04 13.46 25.52
C ASN D 127 14.68 13.76 26.16
N GLU D 128 14.54 13.62 27.48
CA GLU D 128 13.26 13.81 28.22
C GLU D 128 12.84 15.28 28.13
N SER D 129 13.75 16.23 28.38
CA SER D 129 13.45 17.68 28.26
C SER D 129 13.19 18.03 26.79
N GLY D 130 13.97 17.46 25.87
CA GLY D 130 13.81 17.65 24.42
C GLY D 130 12.41 17.27 23.97
N TYR D 131 11.94 16.10 24.39
CA TYR D 131 10.56 15.60 24.15
C TYR D 131 9.57 16.68 24.56
N LEU D 132 9.67 17.21 25.77
CA LEU D 132 8.72 18.25 26.25
C LEU D 132 8.79 19.46 25.33
N ALA D 133 9.99 19.86 24.88
CA ALA D 133 10.16 21.02 23.98
C ALA D 133 9.48 20.73 22.64
N GLY D 134 9.58 19.49 22.16
CA GLY D 134 8.92 19.03 20.93
C GLY D 134 7.40 19.14 21.04
N VAL D 135 6.82 18.67 22.12
CA VAL D 135 5.35 18.75 22.38
C VAL D 135 4.95 20.22 22.36
N ALA D 136 5.74 21.07 23.03
CA ALA D 136 5.47 22.52 23.07
C ALA D 136 5.47 23.08 21.64
N ALA D 137 6.48 22.73 20.85
CA ALA D 137 6.69 23.28 19.49
C ALA D 137 5.52 22.86 18.59
N ALA D 138 5.15 21.57 18.66
CA ALA D 138 4.09 20.95 17.85
C ALA D 138 2.73 21.59 18.15
N LYS D 139 2.53 22.10 19.38
CA LYS D 139 1.23 22.69 19.80
C LYS D 139 1.19 24.18 19.48
N THR D 140 2.24 24.78 18.93
CA THR D 140 2.24 26.25 18.63
C THR D 140 2.64 26.53 17.16
N THR D 141 3.26 25.62 16.41
CA THR D 141 3.57 25.85 14.96
C THR D 141 2.28 26.20 14.21
N LYS D 142 2.31 27.26 13.40
CA LYS D 142 1.24 27.58 12.41
C LYS D 142 1.66 27.04 11.05
N THR D 143 2.96 27.12 10.69
CA THR D 143 3.53 26.67 9.39
C THR D 143 3.70 25.14 9.34
N LYS D 144 3.54 24.46 10.48
CA LYS D 144 3.78 22.99 10.64
C LYS D 144 5.20 22.63 10.19
N GLN D 145 6.16 23.54 10.38
CA GLN D 145 7.60 23.28 10.13
C GLN D 145 8.44 23.92 11.25
N VAL D 146 9.34 23.12 11.87
CA VAL D 146 10.20 23.59 12.98
C VAL D 146 11.67 23.28 12.68
N GLY D 147 12.57 24.05 13.30
CA GLY D 147 14.03 23.93 13.15
C GLY D 147 14.71 23.44 14.42
N PHE D 148 15.78 22.67 14.23
CA PHE D 148 16.73 22.22 15.29
C PHE D 148 18.14 22.59 14.85
N VAL D 149 18.83 23.42 15.63
CA VAL D 149 20.24 23.84 15.39
C VAL D 149 21.13 23.22 16.47
N GLY D 150 21.92 22.22 16.09
CA GLY D 150 22.86 21.53 16.97
C GLY D 150 24.20 22.22 16.97
N GLY D 151 25.00 22.04 18.02
CA GLY D 151 26.39 22.48 18.05
C GLY D 151 27.26 21.48 17.31
N ILE D 152 27.72 20.44 18.01
CA ILE D 152 28.63 19.40 17.46
C ILE D 152 27.89 18.06 17.46
N GLU D 153 27.88 17.38 16.32
CA GLU D 153 27.29 16.03 16.20
C GLU D 153 27.95 15.14 17.26
N SER D 154 27.15 14.49 18.10
CA SER D 154 27.61 13.81 19.33
C SER D 154 26.45 13.00 19.92
N GLU D 155 26.78 12.01 20.75
CA GLU D 155 25.82 11.22 21.56
C GLU D 155 24.95 12.19 22.36
N VAL D 156 25.55 13.24 22.92
CA VAL D 156 24.87 14.20 23.83
C VAL D 156 23.81 14.97 23.05
N ILE D 157 24.18 15.57 21.93
CA ILE D 157 23.25 16.43 21.14
C ILE D 157 22.23 15.54 20.43
N SER D 158 22.60 14.33 20.02
CA SER D 158 21.67 13.32 19.41
C SER D 158 20.60 12.92 20.43
N ARG D 159 20.91 13.00 21.72
CA ARG D 159 19.93 12.74 22.80
C ARG D 159 18.83 13.82 22.72
N PHE D 160 19.21 15.09 22.62
CA PHE D 160 18.28 16.24 22.52
C PHE D 160 17.44 16.09 21.24
N GLU D 161 18.10 15.81 20.12
CA GLU D 161 17.50 15.75 18.75
C GLU D 161 16.44 14.65 18.70
N ALA D 162 16.80 13.44 19.15
CA ALA D 162 15.92 12.25 19.14
C ALA D 162 14.69 12.53 19.99
N GLY D 163 14.87 13.07 21.19
CA GLY D 163 13.78 13.44 22.11
C GLY D 163 12.87 14.49 21.50
N PHE D 164 13.46 15.51 20.86
CA PHE D 164 12.72 16.63 20.25
C PHE D 164 11.85 16.11 19.10
N LYS D 165 12.45 15.33 18.19
CA LYS D 165 11.74 14.72 17.04
C LYS D 165 10.58 13.86 17.56
N ALA D 166 10.83 13.02 18.56
CA ALA D 166 9.83 12.08 19.12
C ALA D 166 8.67 12.87 19.73
N GLY D 167 8.95 14.02 20.36
CA GLY D 167 7.95 14.84 21.05
C GLY D 167 7.06 15.57 20.06
N VAL D 168 7.65 16.07 18.98
CA VAL D 168 6.91 16.70 17.86
C VAL D 168 5.98 15.66 17.23
N ALA D 169 6.47 14.44 16.97
CA ALA D 169 5.75 13.35 16.29
C ALA D 169 4.56 12.86 17.14
N SER D 170 4.67 12.93 18.46
CA SER D 170 3.67 12.39 19.43
C SER D 170 2.38 13.23 19.39
N VAL D 171 2.48 14.45 18.87
CA VAL D 171 1.36 15.43 18.72
C VAL D 171 0.84 15.42 17.27
N ASP D 172 1.74 15.50 16.29
CA ASP D 172 1.41 15.67 14.85
C ASP D 172 2.60 15.23 14.00
N PRO D 173 2.62 13.97 13.48
CA PRO D 173 3.72 13.48 12.65
C PRO D 173 3.87 14.20 11.31
N SER D 174 2.85 14.93 10.87
CA SER D 174 2.84 15.77 9.63
C SER D 174 3.94 16.83 9.70
N ILE D 175 4.30 17.29 10.92
CA ILE D 175 5.24 18.43 11.13
C ILE D 175 6.64 18.01 10.71
N LYS D 176 7.31 18.85 9.92
CA LYS D 176 8.68 18.60 9.40
C LYS D 176 9.68 19.30 10.32
N VAL D 177 10.68 18.54 10.77
CA VAL D 177 11.80 19.03 11.62
C VAL D 177 13.06 19.11 10.76
N GLN D 178 13.48 20.33 10.44
CA GLN D 178 14.76 20.59 9.73
C GLN D 178 15.88 20.58 10.77
N VAL D 179 16.88 19.70 10.59
CA VAL D 179 18.03 19.53 11.52
C VAL D 179 19.29 20.00 10.81
N ASP D 180 20.09 20.86 11.47
CA ASP D 180 21.35 21.41 10.93
C ASP D 180 22.32 21.62 12.10
N TYR D 181 23.57 21.22 11.92
CA TYR D 181 24.65 21.32 12.94
C TYR D 181 25.63 22.42 12.52
N ALA D 182 26.11 23.20 13.48
CA ALA D 182 27.06 24.31 13.28
C ALA D 182 28.51 23.79 13.25
N GLY D 183 28.77 22.64 13.89
CA GLY D 183 30.14 22.10 14.12
C GLY D 183 30.88 22.81 15.26
N SER D 184 30.19 23.63 16.06
CA SER D 184 30.81 24.43 17.16
C SER D 184 29.77 24.88 18.21
N PHE D 185 30.22 25.00 19.46
CA PHE D 185 29.45 25.59 20.57
C PHE D 185 29.86 27.06 20.79
N GLY D 186 30.83 27.58 20.04
CA GLY D 186 31.29 28.98 20.22
C GLY D 186 31.34 29.76 18.93
N ASP D 187 30.29 29.69 18.10
CA ASP D 187 30.25 30.30 16.74
C ASP D 187 28.88 30.95 16.48
N ALA D 188 28.62 32.12 17.07
CA ALA D 188 27.35 32.89 16.95
C ALA D 188 27.03 33.18 15.48
N ALA D 189 28.02 33.58 14.68
CA ALA D 189 27.83 33.94 13.26
C ALA D 189 27.23 32.76 12.50
N LYS D 190 27.71 31.53 12.74
CA LYS D 190 27.19 30.32 12.05
C LYS D 190 25.76 30.01 12.54
N GLY D 191 25.48 30.22 13.83
CA GLY D 191 24.12 30.06 14.38
C GLY D 191 23.14 31.00 13.70
N LYS D 192 23.55 32.25 13.46
CA LYS D 192 22.73 33.27 12.77
C LYS D 192 22.41 32.81 11.33
N THR D 193 23.40 32.36 10.56
CA THR D 193 23.17 31.98 9.14
C THR D 193 22.30 30.71 9.10
N ILE D 194 22.50 29.75 9.99
CA ILE D 194 21.68 28.49 10.01
C ILE D 194 20.22 28.85 10.33
N ALA D 195 19.99 29.69 11.34
CA ALA D 195 18.63 30.11 11.77
C ALA D 195 17.95 30.87 10.63
N ALA D 196 18.65 31.82 10.01
CA ALA D 196 18.18 32.60 8.84
C ALA D 196 17.64 31.63 7.79
N ALA D 197 18.42 30.60 7.45
CA ALA D 197 18.07 29.60 6.40
C ALA D 197 16.85 28.79 6.84
N GLN D 198 16.78 28.38 8.12
CA GLN D 198 15.68 27.52 8.62
C GLN D 198 14.36 28.32 8.62
N TYR D 199 14.41 29.60 9.02
CA TYR D 199 13.25 30.52 9.07
C TYR D 199 12.77 30.83 7.63
N ALA D 200 13.69 31.22 6.74
CA ALA D 200 13.42 31.55 5.31
C ALA D 200 12.79 30.35 4.59
N ALA D 201 13.09 29.11 5.00
CA ALA D 201 12.53 27.86 4.44
C ALA D 201 11.20 27.50 5.11
N GLY D 202 10.70 28.34 6.04
CA GLY D 202 9.31 28.31 6.54
C GLY D 202 9.15 27.72 7.94
N ALA D 203 10.23 27.52 8.70
CA ALA D 203 10.16 27.19 10.15
C ALA D 203 9.64 28.43 10.89
N ASP D 204 8.72 28.27 11.84
CA ASP D 204 8.27 29.41 12.70
C ASP D 204 8.76 29.20 14.15
N ILE D 205 9.48 28.11 14.43
CA ILE D 205 10.09 27.81 15.75
C ILE D 205 11.46 27.16 15.51
N VAL D 206 12.52 27.70 16.13
CA VAL D 206 13.87 27.06 16.14
C VAL D 206 14.26 26.71 17.59
N TYR D 207 14.66 25.47 17.78
CA TYR D 207 15.23 24.94 19.04
C TYR D 207 16.75 25.00 18.89
N GLN D 208 17.41 25.85 19.66
CA GLN D 208 18.88 25.90 19.54
C GLN D 208 19.51 25.10 20.68
N VAL D 209 20.31 24.10 20.34
CA VAL D 209 21.04 23.22 21.28
C VAL D 209 22.49 23.28 20.82
N ALA D 210 23.10 24.45 20.98
CA ALA D 210 24.46 24.66 20.48
C ALA D 210 25.21 25.64 21.37
N GLY D 211 24.83 25.76 22.63
CA GLY D 211 25.44 26.67 23.60
C GLY D 211 25.51 28.08 23.05
N GLY D 212 26.71 28.67 23.06
CA GLY D 212 26.96 30.08 22.67
C GLY D 212 26.68 30.35 21.20
N THR D 213 26.80 29.34 20.34
CA THR D 213 26.41 29.42 18.90
C THR D 213 24.96 29.92 18.84
N GLY D 214 24.16 29.55 19.83
CA GLY D 214 22.73 29.91 19.93
C GLY D 214 22.50 31.40 20.04
N ALA D 215 23.47 32.19 20.52
CA ALA D 215 23.35 33.67 20.58
C ALA D 215 23.00 34.20 19.17
N GLY D 216 23.53 33.57 18.12
CA GLY D 216 23.23 33.91 16.71
C GLY D 216 21.77 33.62 16.35
N VAL D 217 21.21 32.51 16.82
CA VAL D 217 19.79 32.14 16.58
C VAL D 217 18.89 33.22 17.20
N PHE D 218 19.19 33.66 18.42
CA PHE D 218 18.48 34.76 19.12
C PHE D 218 18.58 36.06 18.29
N ALA D 219 19.76 36.37 17.75
CA ALA D 219 20.02 37.59 16.94
C ALA D 219 19.17 37.56 15.66
N GLU D 220 19.13 36.41 14.97
CA GLU D 220 18.33 36.27 13.72
C GLU D 220 16.86 36.50 14.03
N ALA D 221 16.28 35.71 14.95
CA ALA D 221 14.86 35.83 15.36
C ALA D 221 14.53 37.27 15.76
N LYS D 222 15.42 37.96 16.48
CA LYS D 222 15.16 39.35 16.95
C LYS D 222 15.02 40.27 15.73
N SER D 223 15.96 40.18 14.78
CA SER D 223 15.99 41.01 13.54
C SER D 223 14.72 40.78 12.70
N LEU D 224 14.32 39.53 12.45
CA LEU D 224 13.07 39.21 11.72
C LEU D 224 11.88 39.83 12.45
N ASN D 225 11.85 39.69 13.78
CA ASN D 225 10.67 40.01 14.63
C ASN D 225 10.55 41.53 14.79
N GLU D 226 11.66 42.27 14.83
CA GLU D 226 11.70 43.75 14.94
C GLU D 226 11.10 44.40 13.67
N SER D 227 11.16 43.69 12.54
CA SER D 227 10.75 44.17 11.19
C SER D 227 9.39 43.57 10.81
N ARG D 228 8.58 43.15 11.79
CA ARG D 228 7.25 42.53 11.55
C ARG D 228 6.27 42.95 12.65
N PRO D 229 4.96 42.77 12.43
CA PRO D 229 3.98 42.92 13.51
C PRO D 229 4.11 41.77 14.53
N GLU D 230 3.73 42.07 15.78
CA GLU D 230 3.85 41.17 16.96
C GLU D 230 3.21 39.81 16.67
N ASN D 231 2.04 39.77 16.02
CA ASN D 231 1.24 38.53 15.85
C ASN D 231 1.86 37.63 14.76
N GLU D 232 2.83 38.15 13.98
CA GLU D 232 3.49 37.40 12.88
C GLU D 232 4.91 37.00 13.31
N LYS D 233 5.20 37.05 14.61
CA LYS D 233 6.57 36.80 15.13
C LYS D 233 6.92 35.32 14.94
N VAL D 234 8.21 35.05 15.04
CA VAL D 234 8.89 33.74 14.86
C VAL D 234 9.50 33.37 16.23
N TRP D 235 9.46 32.11 16.65
CA TRP D 235 9.86 31.70 18.03
C TRP D 235 11.25 31.08 18.05
N VAL D 236 11.96 31.23 19.17
CA VAL D 236 13.08 30.30 19.56
C VAL D 236 12.76 29.63 20.90
N ILE D 237 13.22 28.39 21.02
CA ILE D 237 13.17 27.59 22.28
C ILE D 237 14.55 27.70 22.93
N GLY D 238 14.58 28.15 24.19
CA GLY D 238 15.80 28.30 24.99
C GLY D 238 16.36 26.95 25.41
N VAL D 239 17.58 26.93 25.90
CA VAL D 239 18.29 25.68 26.26
C VAL D 239 19.13 25.93 27.52
N ASP D 240 19.19 24.91 28.40
CA ASP D 240 20.09 24.79 29.58
C ASP D 240 19.60 25.73 30.69
N ARG D 241 19.56 27.03 30.44
CA ARG D 241 18.98 28.04 31.36
C ARG D 241 17.63 28.51 30.80
N ASP D 242 16.80 29.09 31.67
CA ASP D 242 15.59 29.87 31.29
C ASP D 242 16.12 31.12 30.57
N GLN D 243 15.94 31.18 29.24
CA GLN D 243 16.54 32.24 28.38
C GLN D 243 15.47 33.28 28.02
N GLU D 244 14.34 33.29 28.73
CA GLU D 244 13.22 34.26 28.52
C GLU D 244 13.81 35.68 28.32
N ALA D 245 14.78 36.10 29.13
CA ALA D 245 15.31 37.48 29.12
C ALA D 245 15.95 37.81 27.76
N GLU D 246 16.44 36.81 27.02
CA GLU D 246 17.11 37.01 25.71
C GLU D 246 16.08 37.21 24.59
N GLY D 247 14.80 36.98 24.88
CA GLY D 247 13.69 37.06 23.90
C GLY D 247 12.99 38.40 23.86
N LYS D 248 13.40 39.36 24.69
CA LYS D 248 12.84 40.73 24.72
C LYS D 248 13.10 41.42 23.39
N TYR D 249 12.05 41.99 22.78
CA TYR D 249 12.14 42.85 21.57
C TYR D 249 10.90 43.76 21.52
N THR D 250 10.96 44.75 20.63
CA THR D 250 9.83 45.66 20.28
C THR D 250 9.50 45.41 18.80
N SER D 251 8.21 45.19 18.53
CA SER D 251 7.66 44.84 17.20
C SER D 251 7.62 46.03 16.23
N LYS D 252 7.24 45.77 14.97
CA LYS D 252 7.15 46.85 13.96
C LYS D 252 6.11 47.85 14.44
N ASP D 253 4.97 47.37 14.94
CA ASP D 253 3.91 48.26 15.49
C ASP D 253 4.15 48.52 16.99
N GLY D 254 5.34 49.02 17.33
CA GLY D 254 5.80 49.43 18.68
C GLY D 254 5.34 48.63 19.88
N LYS D 255 4.80 47.42 19.71
CA LYS D 255 4.43 46.60 20.90
C LYS D 255 5.67 45.90 21.45
N GLU D 256 5.87 45.95 22.78
CA GLU D 256 6.94 45.22 23.50
C GLU D 256 6.47 43.79 23.76
N SER D 257 7.28 42.80 23.37
CA SER D 257 6.92 41.36 23.38
C SER D 257 8.15 40.49 23.68
N ASN D 258 8.03 39.19 23.42
CA ASN D 258 9.06 38.18 23.76
C ASN D 258 8.89 36.98 22.82
N PHE D 259 9.96 36.55 22.15
CA PHE D 259 9.92 35.46 21.14
C PHE D 259 10.49 34.15 21.68
N VAL D 260 10.81 34.07 22.98
CA VAL D 260 11.16 32.76 23.61
C VAL D 260 9.84 32.05 23.96
N LEU D 261 9.58 30.91 23.33
CA LEU D 261 8.34 30.13 23.57
C LEU D 261 8.44 29.42 24.93
N VAL D 262 9.61 28.83 25.18
CA VAL D 262 9.82 27.76 26.18
C VAL D 262 11.35 27.56 26.26
N SER D 263 11.88 27.09 27.39
CA SER D 263 13.32 26.72 27.51
C SER D 263 13.42 25.33 28.12
N THR D 264 14.30 24.49 27.60
CA THR D 264 14.71 23.26 28.32
C THR D 264 15.73 23.71 29.38
N LEU D 265 15.63 23.13 30.57
CA LEU D 265 16.51 23.40 31.72
C LEU D 265 17.40 22.18 31.91
N LYS D 266 18.66 22.44 32.19
CA LYS D 266 19.68 21.44 32.53
C LYS D 266 20.40 22.01 33.76
N GLN D 267 20.21 21.42 34.93
CA GLN D 267 20.60 22.10 36.20
C GLN D 267 22.10 21.83 36.45
N VAL D 268 22.97 22.30 35.55
CA VAL D 268 24.45 22.09 35.64
C VAL D 268 24.96 22.82 36.87
N GLY D 269 24.56 24.07 37.08
CA GLY D 269 25.00 24.88 38.24
C GLY D 269 24.67 24.17 39.55
N THR D 270 23.44 23.68 39.67
CA THR D 270 22.96 22.95 40.87
C THR D 270 23.87 21.74 41.10
N THR D 271 24.19 20.97 40.05
CA THR D 271 25.08 19.79 40.18
C THR D 271 26.46 20.21 40.69
N VAL D 272 27.03 21.28 40.15
CA VAL D 272 28.37 21.77 40.56
C VAL D 272 28.34 22.09 42.07
N LYS D 273 27.30 22.79 42.52
CA LYS D 273 27.17 23.22 43.93
C LYS D 273 26.96 21.99 44.82
N ASP D 274 26.10 21.04 44.44
CA ASP D 274 25.77 19.85 45.26
C ASP D 274 27.03 18.99 45.41
N ILE D 275 27.77 18.74 44.33
CA ILE D 275 28.96 17.85 44.37
C ILE D 275 30.10 18.56 45.14
N SER D 276 30.22 19.87 44.98
CA SER D 276 31.23 20.66 45.72
C SER D 276 30.94 20.52 47.23
N ASN D 277 29.68 20.59 47.65
CA ASN D 277 29.30 20.44 49.08
C ASN D 277 29.59 19.01 49.54
N LYS D 278 29.31 18.00 48.72
CA LYS D 278 29.58 16.58 49.09
C LYS D 278 31.09 16.38 49.23
N ALA D 279 31.89 16.92 48.32
CA ALA D 279 33.38 16.83 48.37
C ALA D 279 33.87 17.46 49.68
N GLU D 280 33.36 18.64 50.03
CA GLU D 280 33.80 19.34 51.27
C GLU D 280 33.46 18.48 52.50
N ARG D 281 32.32 17.79 52.52
CA ARG D 281 31.94 16.98 53.73
C ARG D 281 32.53 15.56 53.65
N GLY D 282 33.46 15.30 52.75
CA GLY D 282 34.17 14.00 52.63
C GLY D 282 33.32 12.89 52.01
N GLU D 283 32.33 13.21 51.17
CA GLU D 283 31.44 12.21 50.52
C GLU D 283 31.49 12.37 48.99
N PHE D 284 32.66 12.69 48.42
CA PHE D 284 32.84 12.75 46.95
C PHE D 284 32.42 11.41 46.32
N PRO D 285 31.48 11.38 45.35
CA PRO D 285 31.01 10.13 44.76
C PRO D 285 31.90 9.60 43.61
N GLY D 286 33.19 9.38 43.92
CA GLY D 286 34.19 8.86 42.97
C GLY D 286 33.79 7.52 42.40
N GLY D 287 34.00 7.34 41.09
CA GLY D 287 33.70 6.09 40.36
C GLY D 287 32.24 5.95 40.00
N GLN D 288 31.36 6.83 40.48
CA GLN D 288 29.89 6.70 40.26
C GLN D 288 29.48 7.48 39.01
N VAL D 289 28.36 7.07 38.41
CA VAL D 289 27.64 7.79 37.34
C VAL D 289 26.36 8.35 37.94
N ILE D 290 26.23 9.67 38.02
CA ILE D 290 25.00 10.34 38.50
C ILE D 290 24.16 10.70 37.28
N VAL D 291 22.96 10.13 37.15
CA VAL D 291 22.00 10.46 36.05
C VAL D 291 20.90 11.37 36.61
N TYR D 292 20.83 12.59 36.09
CA TYR D 292 19.73 13.54 36.35
C TYR D 292 18.71 13.41 35.21
N SER D 293 17.44 13.40 35.57
CA SER D 293 16.32 13.16 34.64
C SER D 293 15.14 14.02 35.07
N LEU D 294 14.02 13.89 34.37
CA LEU D 294 12.77 14.63 34.66
C LEU D 294 12.33 14.35 36.10
N LYS D 295 12.49 13.10 36.59
CA LYS D 295 12.00 12.65 37.92
C LYS D 295 12.55 13.57 39.01
N ASP D 296 13.87 13.79 39.04
CA ASP D 296 14.57 14.54 40.12
C ASP D 296 14.75 16.02 39.74
N LYS D 297 14.08 16.49 38.69
CA LYS D 297 14.07 17.90 38.22
C LYS D 297 15.48 18.38 37.83
N GLY D 298 16.37 17.46 37.48
CA GLY D 298 17.69 17.78 36.89
C GLY D 298 17.57 18.38 35.50
N VAL D 299 16.57 17.90 34.75
CA VAL D 299 16.10 18.53 33.50
C VAL D 299 14.63 18.90 33.70
N ASP D 300 14.15 19.89 32.96
CA ASP D 300 12.74 20.35 33.02
C ASP D 300 12.47 21.22 31.79
N LEU D 301 11.23 21.69 31.67
CA LEU D 301 10.83 22.72 30.68
C LEU D 301 10.27 23.92 31.42
N ALA D 302 10.85 25.11 31.22
CA ALA D 302 10.29 26.42 31.64
C ALA D 302 9.24 26.83 30.61
N VAL D 303 7.99 27.02 31.04
CA VAL D 303 6.80 27.02 30.15
C VAL D 303 6.42 28.46 29.77
N THR D 304 7.23 29.43 30.19
CA THR D 304 7.20 30.90 29.89
C THR D 304 5.97 31.33 29.06
N ASN D 305 6.06 31.34 27.72
CA ASN D 305 5.08 32.02 26.82
C ASN D 305 4.24 30.99 26.07
N LEU D 306 4.15 29.76 26.57
CA LEU D 306 3.35 28.69 25.94
C LEU D 306 1.85 28.99 26.15
N SER D 307 1.02 28.68 25.14
CA SER D 307 -0.46 28.68 25.20
C SER D 307 -0.95 27.66 26.24
N GLU D 308 -2.13 27.90 26.84
CA GLU D 308 -2.70 27.02 27.89
C GLU D 308 -2.85 25.60 27.33
N GLU D 309 -3.23 25.44 26.06
CA GLU D 309 -3.36 24.12 25.39
C GLU D 309 -2.00 23.40 25.38
N GLY D 310 -0.93 24.15 25.05
CA GLY D 310 0.46 23.67 25.07
C GLY D 310 0.88 23.17 26.45
N LYS D 311 0.63 23.98 27.49
CA LYS D 311 0.97 23.61 28.89
C LYS D 311 0.31 22.29 29.27
N LYS D 312 -0.94 22.06 28.83
CA LYS D 312 -1.69 20.82 29.12
C LYS D 312 -0.98 19.64 28.44
N ALA D 313 -0.66 19.77 27.17
CA ALA D 313 0.05 18.71 26.40
C ALA D 313 1.39 18.41 27.07
N VAL D 314 2.10 19.45 27.56
CA VAL D 314 3.43 19.28 28.21
C VAL D 314 3.24 18.53 29.53
N GLU D 315 2.33 19.00 30.40
CA GLU D 315 2.08 18.34 31.72
C GLU D 315 1.65 16.88 31.51
N ASP D 316 0.87 16.60 30.46
CA ASP D 316 0.37 15.23 30.17
C ASP D 316 1.53 14.34 29.71
N ALA D 317 2.37 14.86 28.80
CA ALA D 317 3.57 14.16 28.29
C ALA D 317 4.57 13.91 29.43
N LYS D 318 4.72 14.87 30.34
CA LYS D 318 5.63 14.77 31.50
C LYS D 318 5.19 13.60 32.38
N ALA D 319 3.90 13.54 32.73
CA ALA D 319 3.30 12.46 33.55
C ALA D 319 3.61 11.09 32.93
N LYS D 320 3.41 10.95 31.61
CA LYS D 320 3.62 9.66 30.89
C LYS D 320 5.11 9.27 30.90
N ILE D 321 6.05 10.22 30.89
CA ILE D 321 7.51 9.90 30.94
C ILE D 321 7.83 9.41 32.35
N LEU D 322 7.30 10.08 33.38
CA LEU D 322 7.48 9.67 34.81
C LEU D 322 6.85 8.30 35.07
N ASP D 323 5.67 8.02 34.53
CA ASP D 323 4.93 6.72 34.62
C ASP D 323 5.73 5.56 34.00
N GLY D 324 6.39 5.82 32.88
CA GLY D 324 7.04 4.80 32.04
C GLY D 324 6.20 4.47 30.82
N SER D 325 5.00 5.06 30.72
CA SER D 325 4.03 4.86 29.62
C SER D 325 4.62 5.34 28.29
N VAL D 326 5.42 6.41 28.30
CA VAL D 326 6.12 6.93 27.08
C VAL D 326 7.63 6.82 27.31
N LYS D 327 8.32 6.01 26.54
CA LYS D 327 9.79 5.88 26.68
C LYS D 327 10.41 6.76 25.60
N VAL D 328 11.24 7.73 26.00
CA VAL D 328 11.82 8.70 25.02
C VAL D 328 13.07 8.10 24.39
N PRO D 329 13.17 8.09 23.06
CA PRO D 329 14.33 7.55 22.43
C PRO D 329 15.56 8.38 22.73
N GLU D 330 16.65 7.67 22.90
CA GLU D 330 18.00 8.25 22.97
C GLU D 330 18.59 7.78 21.65
N LYS D 331 19.18 8.68 20.87
CA LYS D 331 19.78 8.30 19.56
C LYS D 331 18.75 7.54 18.71
#